data_1UF1
#
_entry.id   1UF1
#
_entity_poly.entity_id   1
_entity_poly.type   'polypeptide(L)'
_entity_poly.pdbx_seq_one_letter_code
;GSSGSSGDRRSTLHLLQGGDEKKVNLVLGDGRSLGLTIRGGAEYGLGIYITGVDPGSEAEGSGLKVGDQILEVNGRSFLN
ILHDEAVRLLKSSRHLILTVKDVGRLPHARTTVDETKWIASSSGPSSG
;
_entity_poly.pdbx_strand_id   A
#
# COMPACT_ATOMS: atom_id res chain seq x y z
N GLY A 1 -27.88 9.36 6.75
CA GLY A 1 -27.98 9.93 5.37
C GLY A 1 -29.10 9.30 4.57
N SER A 2 -28.82 9.03 3.30
CA SER A 2 -29.82 8.43 2.41
C SER A 2 -29.17 7.41 1.48
N SER A 3 -28.21 7.87 0.68
CA SER A 3 -27.51 7.00 -0.26
C SER A 3 -26.08 6.74 0.20
N GLY A 4 -25.87 6.73 1.51
CA GLY A 4 -24.54 6.50 2.05
C GLY A 4 -23.68 7.74 2.01
N SER A 5 -24.03 8.74 2.83
CA SER A 5 -23.28 9.99 2.88
C SER A 5 -22.62 10.16 4.25
N SER A 6 -21.95 11.29 4.44
CA SER A 6 -21.28 11.58 5.69
C SER A 6 -21.43 13.05 6.07
N GLY A 7 -21.19 13.93 5.10
CA GLY A 7 -21.32 15.35 5.35
C GLY A 7 -22.67 15.91 4.94
N ASP A 8 -23.70 15.07 5.01
CA ASP A 8 -25.04 15.48 4.64
C ASP A 8 -25.77 16.13 5.82
N ARG A 9 -25.62 15.53 7.00
CA ARG A 9 -26.25 16.05 8.21
C ARG A 9 -25.24 16.77 9.08
N ARG A 10 -24.09 16.15 9.29
CA ARG A 10 -23.03 16.73 10.11
C ARG A 10 -21.77 15.89 10.06
N SER A 11 -21.94 14.56 10.10
CA SER A 11 -20.81 13.64 10.05
C SER A 11 -21.27 12.23 9.69
N THR A 12 -22.35 11.78 10.32
CA THR A 12 -22.89 10.45 10.07
C THR A 12 -21.87 9.38 10.42
N LEU A 13 -22.18 8.56 11.43
CA LEU A 13 -21.29 7.50 11.87
C LEU A 13 -19.96 8.06 12.32
N HIS A 14 -19.24 7.29 13.13
CA HIS A 14 -17.94 7.71 13.64
C HIS A 14 -16.81 6.95 12.94
N LEU A 15 -15.61 7.52 12.99
CA LEU A 15 -14.45 6.90 12.36
C LEU A 15 -13.15 7.46 12.92
N LEU A 16 -12.17 6.59 13.13
CA LEU A 16 -10.88 7.01 13.66
C LEU A 16 -9.89 7.31 12.53
N GLN A 17 -9.12 8.37 12.71
CA GLN A 17 -8.12 8.77 11.72
C GLN A 17 -6.76 8.94 12.35
N GLY A 18 -5.97 7.88 12.35
CA GLY A 18 -4.64 7.93 12.93
C GLY A 18 -3.57 7.38 12.00
N GLY A 19 -3.07 8.22 11.10
CA GLY A 19 -2.06 7.78 10.17
C GLY A 19 -2.61 7.53 8.78
N ASP A 20 -1.73 7.23 7.83
CA ASP A 20 -2.14 6.96 6.45
C ASP A 20 -2.15 5.47 6.17
N GLU A 21 -2.43 4.67 7.20
CA GLU A 21 -2.47 3.22 7.05
C GLU A 21 -3.84 2.75 6.58
N LYS A 22 -3.85 1.65 5.83
CA LYS A 22 -5.10 1.10 5.31
C LYS A 22 -5.08 -0.42 5.34
N LYS A 23 -5.98 -1.00 6.13
CA LYS A 23 -6.06 -2.45 6.26
C LYS A 23 -7.01 -3.04 5.20
N VAL A 24 -6.44 -3.78 4.26
CA VAL A 24 -7.23 -4.38 3.19
C VAL A 24 -7.49 -5.86 3.48
N ASN A 25 -8.67 -6.16 4.01
CA ASN A 25 -9.03 -7.54 4.33
C ASN A 25 -9.79 -8.17 3.17
N LEU A 26 -9.25 -9.29 2.67
CA LEU A 26 -9.88 -9.99 1.55
C LEU A 26 -10.14 -11.45 1.93
N VAL A 27 -11.25 -11.99 1.43
CA VAL A 27 -11.62 -13.38 1.70
C VAL A 27 -11.57 -14.22 0.44
N LEU A 28 -10.69 -15.21 0.42
CA LEU A 28 -10.55 -16.09 -0.74
C LEU A 28 -11.34 -17.38 -0.54
N GLY A 29 -11.58 -18.09 -1.64
CA GLY A 29 -12.32 -19.34 -1.57
C GLY A 29 -11.48 -20.54 -1.91
N ASP A 30 -11.74 -21.13 -3.07
CA ASP A 30 -11.00 -22.30 -3.52
C ASP A 30 -10.33 -22.04 -4.87
N GLY A 31 -9.07 -21.62 -4.83
CA GLY A 31 -8.34 -21.35 -6.06
C GLY A 31 -8.36 -19.87 -6.42
N ARG A 32 -8.53 -19.02 -5.42
CA ARG A 32 -8.57 -17.58 -5.63
C ARG A 32 -7.18 -16.97 -5.48
N SER A 33 -7.09 -15.65 -5.63
CA SER A 33 -5.82 -14.95 -5.50
C SER A 33 -6.03 -13.44 -5.54
N LEU A 34 -4.95 -12.69 -5.32
CA LEU A 34 -5.02 -11.24 -5.34
C LEU A 34 -4.72 -10.69 -6.73
N GLY A 35 -3.87 -11.38 -7.47
CA GLY A 35 -3.52 -10.96 -8.81
C GLY A 35 -2.71 -9.67 -8.81
N LEU A 36 -1.90 -9.48 -7.77
CA LEU A 36 -1.07 -8.29 -7.66
C LEU A 36 0.39 -8.61 -7.90
N THR A 37 1.02 -7.91 -8.83
CA THR A 37 2.42 -8.13 -9.16
C THR A 37 3.32 -7.35 -8.21
N ILE A 38 3.61 -7.94 -7.06
CA ILE A 38 4.47 -7.30 -6.06
C ILE A 38 5.94 -7.38 -6.46
N ARG A 39 6.72 -6.42 -5.99
CA ARG A 39 8.15 -6.38 -6.29
C ARG A 39 8.97 -6.14 -5.03
N GLY A 40 10.28 -6.32 -5.14
CA GLY A 40 11.16 -6.12 -4.00
C GLY A 40 11.19 -7.33 -3.08
N GLY A 41 12.18 -7.36 -2.19
CA GLY A 41 12.30 -8.47 -1.26
C GLY A 41 13.54 -8.36 -0.39
N ALA A 42 13.65 -9.26 0.59
CA ALA A 42 14.78 -9.25 1.50
C ALA A 42 16.05 -9.68 0.78
N GLU A 43 15.91 -10.57 -0.20
CA GLU A 43 17.06 -11.05 -0.97
C GLU A 43 17.75 -9.90 -1.69
N TYR A 44 16.96 -8.95 -2.16
CA TYR A 44 17.50 -7.79 -2.87
C TYR A 44 17.69 -6.61 -1.93
N GLY A 45 16.83 -6.53 -0.91
CA GLY A 45 16.92 -5.45 0.04
C GLY A 45 15.93 -4.33 -0.24
N LEU A 46 14.81 -4.69 -0.86
CA LEU A 46 13.77 -3.72 -1.19
C LEU A 46 12.45 -4.08 -0.51
N GLY A 47 11.64 -3.06 -0.24
CA GLY A 47 10.37 -3.28 0.41
C GLY A 47 9.40 -4.05 -0.47
N ILE A 48 8.17 -4.23 0.02
CA ILE A 48 7.15 -4.95 -0.73
C ILE A 48 6.15 -3.99 -1.36
N TYR A 49 6.36 -3.66 -2.63
CA TYR A 49 5.48 -2.75 -3.34
C TYR A 49 4.63 -3.50 -4.36
N ILE A 50 3.83 -2.76 -5.12
CA ILE A 50 2.97 -3.35 -6.13
C ILE A 50 3.14 -2.66 -7.48
N THR A 51 3.26 -3.47 -8.53
CA THR A 51 3.43 -2.93 -9.88
C THR A 51 2.63 -3.74 -10.89
N GLY A 52 1.46 -4.21 -10.47
CA GLY A 52 0.62 -4.99 -11.35
C GLY A 52 -0.72 -5.35 -10.72
N VAL A 53 -1.79 -5.19 -11.49
CA VAL A 53 -3.13 -5.50 -11.00
C VAL A 53 -3.93 -6.28 -12.03
N ASP A 54 -4.44 -7.44 -11.63
CA ASP A 54 -5.22 -8.29 -12.52
C ASP A 54 -6.59 -7.65 -12.82
N PRO A 55 -7.07 -7.77 -14.06
CA PRO A 55 -8.36 -7.21 -14.46
C PRO A 55 -9.54 -8.01 -13.93
N GLY A 56 -9.90 -7.77 -12.67
CA GLY A 56 -11.01 -8.49 -12.06
C GLY A 56 -10.56 -9.37 -10.92
N SER A 57 -9.64 -8.88 -10.11
CA SER A 57 -9.13 -9.63 -8.97
C SER A 57 -9.76 -9.16 -7.67
N GLU A 58 -9.38 -9.79 -6.56
CA GLU A 58 -9.90 -9.43 -5.25
C GLU A 58 -9.26 -8.14 -4.74
N ALA A 59 -8.01 -7.90 -5.15
CA ALA A 59 -7.29 -6.71 -4.74
C ALA A 59 -7.78 -5.47 -5.50
N GLU A 60 -8.20 -5.68 -6.75
CA GLU A 60 -8.69 -4.60 -7.58
C GLU A 60 -10.01 -4.05 -7.04
N GLY A 61 -10.92 -4.95 -6.68
CA GLY A 61 -12.20 -4.54 -6.16
C GLY A 61 -12.08 -3.76 -4.86
N SER A 62 -11.23 -4.24 -3.97
CA SER A 62 -11.02 -3.59 -2.67
C SER A 62 -10.51 -2.17 -2.87
N GLY A 63 -9.61 -2.00 -3.83
CA GLY A 63 -9.05 -0.69 -4.09
C GLY A 63 -7.53 -0.68 -4.03
N LEU A 64 -6.91 -1.71 -4.57
CA LEU A 64 -5.46 -1.83 -4.58
C LEU A 64 -4.90 -1.53 -5.97
N LYS A 65 -3.87 -0.70 -6.03
CA LYS A 65 -3.24 -0.35 -7.30
C LYS A 65 -1.72 -0.35 -7.17
N VAL A 66 -1.04 -0.09 -8.28
CA VAL A 66 0.42 -0.06 -8.30
C VAL A 66 0.95 1.13 -7.50
N GLY A 67 2.17 1.00 -7.00
CA GLY A 67 2.78 2.07 -6.22
C GLY A 67 2.60 1.88 -4.73
N ASP A 68 1.52 1.20 -4.34
CA ASP A 68 1.24 0.95 -2.94
C ASP A 68 2.36 0.14 -2.29
N GLN A 69 2.58 0.37 -1.00
CA GLN A 69 3.62 -0.35 -0.26
C GLN A 69 3.02 -1.23 0.82
N ILE A 70 3.11 -2.55 0.64
CA ILE A 70 2.56 -3.50 1.60
C ILE A 70 3.43 -3.55 2.86
N LEU A 71 2.87 -3.11 3.97
CA LEU A 71 3.59 -3.10 5.24
C LEU A 71 3.61 -4.51 5.85
N GLU A 72 2.44 -5.04 6.17
CA GLU A 72 2.33 -6.37 6.75
C GLU A 72 1.08 -7.08 6.25
N VAL A 73 1.09 -8.42 6.34
CA VAL A 73 -0.04 -9.22 5.89
C VAL A 73 -0.29 -10.39 6.83
N ASN A 74 -1.53 -10.55 7.25
CA ASN A 74 -1.90 -11.64 8.16
C ASN A 74 -1.15 -11.52 9.48
N GLY A 75 -0.83 -10.29 9.88
CA GLY A 75 -0.11 -10.06 11.11
C GLY A 75 1.35 -10.45 11.01
N ARG A 76 1.90 -10.36 9.80
CA ARG A 76 3.30 -10.70 9.57
C ARG A 76 4.05 -9.53 8.95
N SER A 77 5.22 -9.23 9.52
CA SER A 77 6.04 -8.12 9.02
C SER A 77 6.51 -8.40 7.60
N PHE A 78 6.03 -7.61 6.65
CA PHE A 78 6.41 -7.77 5.25
C PHE A 78 7.51 -6.78 4.87
N LEU A 79 8.35 -6.43 5.83
CA LEU A 79 9.44 -5.49 5.60
C LEU A 79 10.72 -6.23 5.21
N ASN A 80 10.88 -7.43 5.75
CA ASN A 80 12.05 -8.25 5.47
C ASN A 80 11.66 -9.63 4.97
N ILE A 81 10.59 -9.68 4.17
CA ILE A 81 10.10 -10.94 3.62
C ILE A 81 10.68 -11.18 2.22
N LEU A 82 11.07 -12.42 1.96
CA LEU A 82 11.64 -12.79 0.67
C LEU A 82 10.64 -12.50 -0.46
N HIS A 83 11.15 -12.41 -1.68
CA HIS A 83 10.32 -12.14 -2.85
C HIS A 83 9.41 -13.34 -3.16
N ASP A 84 10.02 -14.52 -3.27
CA ASP A 84 9.27 -15.73 -3.56
C ASP A 84 8.32 -16.08 -2.41
N GLU A 85 8.73 -15.75 -1.19
CA GLU A 85 7.94 -16.03 -0.01
C GLU A 85 6.74 -15.09 0.08
N ALA A 86 6.94 -13.85 -0.38
CA ALA A 86 5.87 -12.85 -0.36
C ALA A 86 4.83 -13.13 -1.43
N VAL A 87 5.27 -13.72 -2.53
CA VAL A 87 4.37 -14.04 -3.64
C VAL A 87 3.60 -15.32 -3.35
N ARG A 88 4.22 -16.24 -2.61
CA ARG A 88 3.58 -17.50 -2.26
C ARG A 88 2.74 -17.37 -1.00
N LEU A 89 3.28 -16.64 -0.01
CA LEU A 89 2.58 -16.44 1.24
C LEU A 89 1.24 -15.74 1.02
N LEU A 90 1.18 -14.91 0.00
CA LEU A 90 -0.04 -14.18 -0.33
C LEU A 90 -1.05 -15.08 -1.01
N LYS A 91 -0.55 -16.01 -1.81
CA LYS A 91 -1.42 -16.95 -2.52
C LYS A 91 -1.51 -18.29 -1.78
N SER A 92 -1.51 -18.22 -0.46
CA SER A 92 -1.59 -19.42 0.36
C SER A 92 -2.63 -19.27 1.46
N SER A 93 -2.58 -18.12 2.16
CA SER A 93 -3.51 -17.85 3.24
C SER A 93 -4.89 -17.49 2.69
N ARG A 94 -5.94 -17.87 3.42
CA ARG A 94 -7.30 -17.58 3.00
C ARG A 94 -7.63 -16.10 3.18
N HIS A 95 -7.60 -15.64 4.43
CA HIS A 95 -7.89 -14.24 4.73
C HIS A 95 -6.63 -13.39 4.61
N LEU A 96 -6.53 -12.68 3.49
CA LEU A 96 -5.38 -11.81 3.24
C LEU A 96 -5.66 -10.38 3.67
N ILE A 97 -5.03 -9.95 4.75
CA ILE A 97 -5.22 -8.60 5.27
C ILE A 97 -4.04 -7.70 4.91
N LEU A 98 -3.97 -7.31 3.65
CA LEU A 98 -2.89 -6.45 3.17
C LEU A 98 -3.02 -5.04 3.75
N THR A 99 -2.05 -4.65 4.56
CA THR A 99 -2.05 -3.33 5.17
C THR A 99 -1.07 -2.39 4.46
N VAL A 100 -1.56 -1.70 3.43
CA VAL A 100 -0.73 -0.77 2.68
C VAL A 100 -1.01 0.67 3.07
N LYS A 101 -0.11 1.57 2.69
CA LYS A 101 -0.27 2.98 3.00
C LYS A 101 -0.48 3.80 1.73
N ASP A 102 -1.09 4.97 1.89
CA ASP A 102 -1.35 5.85 0.75
C ASP A 102 -0.06 6.47 0.23
N VAL A 103 0.57 5.79 -0.73
CA VAL A 103 1.82 6.28 -1.32
C VAL A 103 1.56 7.05 -2.60
N GLY A 104 1.20 8.32 -2.47
CA GLY A 104 0.93 9.14 -3.63
C GLY A 104 -0.43 9.81 -3.57
N ARG A 105 -0.51 10.91 -2.82
CA ARG A 105 -1.75 11.65 -2.68
C ARG A 105 -1.55 13.14 -2.95
N LEU A 106 -0.64 13.75 -2.18
CA LEU A 106 -0.35 15.17 -2.35
C LEU A 106 0.98 15.37 -3.07
N PRO A 107 1.07 16.38 -3.95
CA PRO A 107 2.29 16.68 -4.70
C PRO A 107 3.43 17.16 -3.81
N HIS A 108 3.14 18.18 -3.00
CA HIS A 108 4.14 18.73 -2.08
C HIS A 108 3.56 19.91 -1.30
N ALA A 109 3.38 19.73 0.00
CA ALA A 109 2.84 20.77 0.85
C ALA A 109 3.66 20.93 2.12
N ARG A 110 3.26 21.87 2.98
CA ARG A 110 3.95 22.12 4.22
C ARG A 110 3.03 22.75 5.26
N THR A 111 2.28 23.75 4.82
CA THR A 111 1.34 24.45 5.71
C THR A 111 -0.04 24.55 5.07
N THR A 112 -0.76 23.43 5.05
CA THR A 112 -2.10 23.40 4.46
C THR A 112 -3.15 23.08 5.52
N VAL A 113 -2.86 23.45 6.76
CA VAL A 113 -3.78 23.21 7.87
C VAL A 113 -3.47 24.11 9.06
N ASP A 114 -4.35 25.07 9.32
CA ASP A 114 -4.17 25.99 10.42
C ASP A 114 -5.36 26.93 10.56
N GLU A 115 -6.27 26.61 11.46
CA GLU A 115 -7.46 27.43 11.69
C GLU A 115 -7.09 28.75 12.33
N THR A 116 -6.20 28.70 13.32
CA THR A 116 -5.75 29.89 14.02
C THR A 116 -4.72 30.66 13.20
N LYS A 117 -3.97 29.94 12.38
CA LYS A 117 -2.94 30.55 11.54
C LYS A 117 -1.85 31.19 12.39
N TRP A 118 -1.04 30.34 13.02
CA TRP A 118 0.05 30.82 13.87
C TRP A 118 -0.49 31.68 15.01
N ILE A 119 -0.47 31.13 16.22
CA ILE A 119 -0.96 31.86 17.38
C ILE A 119 0.09 32.86 17.88
N ALA A 120 -0.29 33.63 18.90
CA ALA A 120 0.61 34.63 19.46
C ALA A 120 0.56 34.62 20.98
N SER A 121 1.72 34.42 21.61
CA SER A 121 1.80 34.38 23.06
C SER A 121 2.63 35.55 23.59
N SER A 122 2.65 35.72 24.91
CA SER A 122 3.40 36.79 25.53
C SER A 122 2.91 38.16 25.04
N SER A 123 1.95 38.72 25.77
CA SER A 123 1.39 40.02 25.41
C SER A 123 1.11 40.85 26.65
N GLY A 124 0.82 42.13 26.45
CA GLY A 124 0.54 43.01 27.57
C GLY A 124 -0.20 44.28 27.14
N PRO A 125 0.49 45.19 26.43
CA PRO A 125 -0.11 46.44 25.96
C PRO A 125 -1.41 46.20 25.20
N SER A 126 -2.39 47.09 25.41
CA SER A 126 -3.67 46.99 24.74
C SER A 126 -4.35 48.34 24.63
N SER A 127 -3.54 49.40 24.50
CA SER A 127 -4.06 50.75 24.38
C SER A 127 -3.85 51.29 22.98
N GLY A 128 -2.62 51.17 22.47
CA GLY A 128 -2.31 51.65 21.14
C GLY A 128 -0.86 51.45 20.78
N GLY A 1 22.09 3.59 0.17
CA GLY A 1 23.22 4.12 -0.64
C GLY A 1 24.38 4.58 0.23
N SER A 2 24.50 5.91 0.39
CA SER A 2 25.56 6.48 1.19
C SER A 2 25.05 6.86 2.58
N SER A 3 24.95 5.86 3.45
CA SER A 3 24.47 6.08 4.81
C SER A 3 25.65 6.17 5.79
N GLY A 4 26.29 7.34 5.83
CA GLY A 4 27.41 7.54 6.72
C GLY A 4 27.56 8.98 7.17
N SER A 5 26.70 9.41 8.09
CA SER A 5 26.73 10.77 8.59
C SER A 5 27.28 10.81 10.01
N SER A 6 28.22 11.71 10.26
CA SER A 6 28.82 11.85 11.58
C SER A 6 28.34 13.13 12.26
N GLY A 7 27.10 13.53 11.96
CA GLY A 7 26.55 14.73 12.55
C GLY A 7 25.04 14.69 12.66
N ASP A 8 24.54 13.95 13.64
CA ASP A 8 23.10 13.83 13.84
C ASP A 8 22.70 14.28 15.24
N ARG A 9 22.61 15.59 15.43
CA ARG A 9 22.25 16.16 16.72
C ARG A 9 20.81 16.68 16.71
N ARG A 10 20.44 17.32 15.60
CA ARG A 10 19.10 17.87 15.46
C ARG A 10 18.63 17.81 14.00
N SER A 11 18.13 16.66 13.60
CA SER A 11 17.65 16.47 12.23
C SER A 11 16.21 15.99 12.21
N THR A 12 15.99 14.78 12.71
CA THR A 12 14.64 14.20 12.75
C THR A 12 14.53 13.17 13.87
N LEU A 13 14.19 13.64 15.07
CA LEU A 13 14.04 12.75 16.21
C LEU A 13 12.71 12.99 16.92
N HIS A 14 11.69 13.37 16.15
CA HIS A 14 10.37 13.64 16.69
C HIS A 14 9.42 12.48 16.39
N LEU A 15 8.87 11.87 17.44
CA LEU A 15 7.94 10.76 17.28
C LEU A 15 6.51 11.26 17.14
N LEU A 16 5.68 10.46 16.48
CA LEU A 16 4.28 10.83 16.27
C LEU A 16 3.36 9.94 17.11
N GLN A 17 3.79 8.71 17.36
CA GLN A 17 3.02 7.77 18.14
C GLN A 17 1.69 7.46 17.45
N GLY A 18 1.63 6.30 16.80
CA GLY A 18 0.41 5.91 16.11
C GLY A 18 0.26 6.60 14.77
N GLY A 19 0.03 5.81 13.73
CA GLY A 19 -0.14 6.37 12.40
C GLY A 19 -1.41 5.89 11.72
N ASP A 20 -1.51 6.14 10.42
CA ASP A 20 -2.68 5.73 9.65
C ASP A 20 -2.35 4.57 8.72
N GLU A 21 -2.98 3.42 8.96
CA GLU A 21 -2.75 2.24 8.14
C GLU A 21 -4.03 1.80 7.45
N LYS A 22 -3.91 1.42 6.18
CA LYS A 22 -5.06 0.98 5.40
C LYS A 22 -5.08 -0.55 5.26
N LYS A 23 -6.08 -1.17 5.86
CA LYS A 23 -6.22 -2.63 5.80
C LYS A 23 -7.11 -3.04 4.64
N VAL A 24 -6.72 -4.13 3.97
CA VAL A 24 -7.49 -4.64 2.84
C VAL A 24 -7.96 -6.06 3.08
N ASN A 25 -9.09 -6.19 3.77
CA ASN A 25 -9.65 -7.50 4.08
C ASN A 25 -10.19 -8.17 2.82
N LEU A 26 -9.51 -9.24 2.38
CA LEU A 26 -9.92 -9.97 1.20
C LEU A 26 -10.27 -11.41 1.54
N VAL A 27 -11.45 -11.83 1.14
CA VAL A 27 -11.92 -13.20 1.40
C VAL A 27 -11.84 -14.05 0.14
N LEU A 28 -10.70 -14.72 -0.04
CA LEU A 28 -10.50 -15.58 -1.20
C LEU A 28 -11.42 -16.80 -1.14
N GLY A 29 -11.29 -17.68 -2.13
CA GLY A 29 -12.11 -18.88 -2.17
C GLY A 29 -11.28 -20.14 -2.31
N ASP A 30 -10.59 -20.51 -1.24
CA ASP A 30 -9.76 -21.71 -1.24
C ASP A 30 -8.63 -21.59 -2.27
N GLY A 31 -8.18 -20.36 -2.51
CA GLY A 31 -7.11 -20.14 -3.46
C GLY A 31 -7.58 -19.38 -4.69
N ARG A 32 -8.09 -18.18 -4.47
CA ARG A 32 -8.58 -17.35 -5.58
C ARG A 32 -7.49 -16.42 -6.11
N SER A 33 -6.33 -16.45 -5.46
CA SER A 33 -5.21 -15.60 -5.89
C SER A 33 -5.57 -14.12 -5.80
N LEU A 34 -4.56 -13.27 -5.67
CA LEU A 34 -4.79 -11.84 -5.56
C LEU A 34 -4.70 -11.18 -6.94
N GLY A 35 -3.67 -11.53 -7.70
CA GLY A 35 -3.50 -10.97 -9.02
C GLY A 35 -2.68 -9.69 -9.01
N LEU A 36 -1.76 -9.58 -8.07
CA LEU A 36 -0.91 -8.40 -7.96
C LEU A 36 0.53 -8.72 -8.34
N THR A 37 1.20 -7.75 -8.95
CA THR A 37 2.58 -7.93 -9.38
C THR A 37 3.54 -7.17 -8.45
N ILE A 38 3.80 -7.75 -7.28
CA ILE A 38 4.70 -7.13 -6.32
C ILE A 38 6.15 -7.20 -6.77
N ARG A 39 7.01 -6.43 -6.12
CA ARG A 39 8.43 -6.41 -6.47
C ARG A 39 9.29 -6.17 -5.22
N GLY A 40 10.58 -6.45 -5.35
CA GLY A 40 11.48 -6.26 -4.23
C GLY A 40 11.48 -7.43 -3.26
N GLY A 41 12.41 -7.42 -2.31
CA GLY A 41 12.49 -8.49 -1.35
C GLY A 41 13.72 -8.38 -0.46
N ALA A 42 13.75 -9.17 0.61
CA ALA A 42 14.87 -9.15 1.54
C ALA A 42 16.16 -9.60 0.86
N GLU A 43 16.04 -10.55 -0.07
CA GLU A 43 17.19 -11.05 -0.80
C GLU A 43 17.88 -9.93 -1.57
N TYR A 44 17.15 -9.34 -2.50
CA TYR A 44 17.70 -8.26 -3.32
C TYR A 44 18.07 -7.06 -2.45
N GLY A 45 17.37 -6.89 -1.33
CA GLY A 45 17.64 -5.79 -0.43
C GLY A 45 16.64 -4.67 -0.59
N LEU A 46 15.42 -5.01 -1.01
CA LEU A 46 14.38 -4.01 -1.19
C LEU A 46 13.09 -4.46 -0.51
N GLY A 47 12.32 -3.49 -0.03
CA GLY A 47 11.06 -3.81 0.64
C GLY A 47 10.08 -4.49 -0.27
N ILE A 48 8.78 -4.25 -0.04
CA ILE A 48 7.73 -4.85 -0.86
C ILE A 48 6.81 -3.78 -1.43
N TYR A 49 6.68 -3.78 -2.75
CA TYR A 49 5.82 -2.80 -3.42
C TYR A 49 4.86 -3.50 -4.39
N ILE A 50 4.07 -2.70 -5.10
CA ILE A 50 3.11 -3.25 -6.06
C ILE A 50 3.19 -2.51 -7.39
N THR A 51 3.06 -3.26 -8.48
CA THR A 51 3.12 -2.68 -9.82
C THR A 51 2.35 -3.53 -10.82
N GLY A 52 1.20 -4.03 -10.39
CA GLY A 52 0.37 -4.85 -11.25
C GLY A 52 -1.01 -5.10 -10.69
N VAL A 53 -2.01 -5.13 -11.56
CA VAL A 53 -3.39 -5.36 -11.13
C VAL A 53 -4.16 -6.15 -12.18
N ASP A 54 -4.63 -7.33 -11.79
CA ASP A 54 -5.38 -8.20 -12.70
C ASP A 54 -6.79 -7.64 -12.94
N PRO A 55 -7.32 -7.79 -14.17
CA PRO A 55 -8.65 -7.30 -14.52
C PRO A 55 -9.76 -8.17 -13.93
N GLY A 56 -10.37 -7.69 -12.86
CA GLY A 56 -11.44 -8.44 -12.21
C GLY A 56 -10.94 -9.34 -11.11
N SER A 57 -9.91 -8.89 -10.40
CA SER A 57 -9.33 -9.67 -9.30
C SER A 57 -9.90 -9.23 -7.97
N GLU A 58 -9.63 -10.01 -6.92
CA GLU A 58 -10.12 -9.70 -5.59
C GLU A 58 -9.44 -8.45 -5.03
N ALA A 59 -8.19 -8.24 -5.44
CA ALA A 59 -7.43 -7.08 -4.98
C ALA A 59 -7.93 -5.80 -5.64
N GLU A 60 -8.34 -5.92 -6.90
CA GLU A 60 -8.83 -4.76 -7.64
C GLU A 60 -10.22 -4.35 -7.15
N GLY A 61 -10.99 -5.34 -6.68
CA GLY A 61 -12.32 -5.05 -6.19
C GLY A 61 -12.31 -4.23 -4.91
N SER A 62 -11.42 -4.58 -3.99
CA SER A 62 -11.31 -3.86 -2.73
C SER A 62 -10.96 -2.40 -2.96
N GLY A 63 -9.94 -2.17 -3.79
CA GLY A 63 -9.53 -0.80 -4.07
C GLY A 63 -8.03 -0.62 -3.97
N LEU A 64 -7.28 -1.57 -4.53
CA LEU A 64 -5.82 -1.51 -4.51
C LEU A 64 -5.28 -0.87 -5.77
N LYS A 65 -4.15 -0.18 -5.64
CA LYS A 65 -3.52 0.48 -6.78
C LYS A 65 -2.04 0.11 -6.89
N VAL A 66 -1.41 0.56 -7.96
CA VAL A 66 0.01 0.28 -8.19
C VAL A 66 0.89 1.32 -7.51
N GLY A 67 1.90 0.85 -6.79
CA GLY A 67 2.81 1.75 -6.11
C GLY A 67 2.68 1.67 -4.59
N ASP A 68 1.56 1.13 -4.13
CA ASP A 68 1.32 0.99 -2.69
C ASP A 68 2.45 0.21 -2.02
N GLN A 69 2.72 0.53 -0.75
CA GLN A 69 3.76 -0.14 0.00
C GLN A 69 3.18 -1.07 1.05
N ILE A 70 3.35 -2.38 0.83
CA ILE A 70 2.83 -3.38 1.76
C ILE A 70 3.67 -3.43 3.03
N LEU A 71 3.07 -3.04 4.14
CA LEU A 71 3.77 -3.03 5.42
C LEU A 71 3.73 -4.42 6.06
N GLU A 72 2.52 -4.90 6.34
CA GLU A 72 2.34 -6.22 6.95
C GLU A 72 1.10 -6.91 6.39
N VAL A 73 1.04 -8.23 6.56
CA VAL A 73 -0.09 -9.01 6.07
C VAL A 73 -0.45 -10.12 7.04
N ASN A 74 -1.72 -10.17 7.44
CA ASN A 74 -2.19 -11.18 8.38
C ASN A 74 -1.46 -11.08 9.70
N GLY A 75 -1.14 -9.86 10.11
CA GLY A 75 -0.44 -9.64 11.37
C GLY A 75 1.01 -10.06 11.29
N ARG A 76 1.58 -9.97 10.09
CA ARG A 76 2.98 -10.34 9.89
C ARG A 76 3.71 -9.27 9.08
N SER A 77 4.86 -8.85 9.57
CA SER A 77 5.66 -7.82 8.90
C SER A 77 6.13 -8.31 7.53
N PHE A 78 6.05 -7.44 6.53
CA PHE A 78 6.46 -7.78 5.18
C PHE A 78 7.57 -6.86 4.70
N LEU A 79 8.40 -6.40 5.64
CA LEU A 79 9.51 -5.50 5.31
C LEU A 79 10.72 -6.30 4.83
N ASN A 80 11.19 -7.21 5.66
CA ASN A 80 12.35 -8.05 5.32
C ASN A 80 11.90 -9.41 4.80
N ILE A 81 10.80 -9.42 4.07
CA ILE A 81 10.28 -10.66 3.52
C ILE A 81 10.80 -10.90 2.10
N LEU A 82 11.17 -12.14 1.81
CA LEU A 82 11.68 -12.50 0.50
C LEU A 82 10.65 -12.23 -0.59
N HIS A 83 11.11 -12.20 -1.84
CA HIS A 83 10.22 -11.95 -2.96
C HIS A 83 9.33 -13.16 -3.24
N ASP A 84 9.86 -14.34 -2.97
CA ASP A 84 9.11 -15.58 -3.20
C ASP A 84 8.13 -15.84 -2.05
N GLU A 85 8.57 -15.56 -0.83
CA GLU A 85 7.73 -15.75 0.34
C GLU A 85 6.48 -14.88 0.28
N ALA A 86 6.64 -13.68 -0.28
CA ALA A 86 5.53 -12.76 -0.41
C ALA A 86 4.45 -13.30 -1.35
N VAL A 87 4.87 -14.09 -2.33
CA VAL A 87 3.95 -14.68 -3.30
C VAL A 87 3.31 -15.95 -2.74
N ARG A 88 4.15 -16.86 -2.25
CA ARG A 88 3.68 -18.12 -1.69
C ARG A 88 2.75 -17.87 -0.50
N LEU A 89 3.05 -16.82 0.27
CA LEU A 89 2.25 -16.47 1.43
C LEU A 89 0.96 -15.75 1.02
N LEU A 90 1.03 -15.01 -0.08
CA LEU A 90 -0.11 -14.28 -0.58
C LEU A 90 -1.03 -15.18 -1.41
N LYS A 91 -0.42 -16.14 -2.10
CA LYS A 91 -1.17 -17.08 -2.92
C LYS A 91 -1.22 -18.46 -2.28
N SER A 92 -2.05 -18.59 -1.25
CA SER A 92 -2.17 -19.86 -0.55
C SER A 92 -3.24 -19.76 0.55
N SER A 93 -3.21 -18.67 1.30
CA SER A 93 -4.16 -18.46 2.38
C SER A 93 -5.48 -17.91 1.83
N ARG A 94 -6.57 -18.16 2.56
CA ARG A 94 -7.89 -17.68 2.15
C ARG A 94 -8.05 -16.20 2.43
N HIS A 95 -7.96 -15.82 3.70
CA HIS A 95 -8.09 -14.42 4.10
C HIS A 95 -6.73 -13.73 4.10
N LEU A 96 -6.63 -12.64 3.34
CA LEU A 96 -5.39 -11.89 3.26
C LEU A 96 -5.61 -10.44 3.66
N ILE A 97 -5.18 -10.09 4.87
CA ILE A 97 -5.33 -8.73 5.37
C ILE A 97 -4.03 -7.94 5.22
N LEU A 98 -3.88 -7.28 4.08
CA LEU A 98 -2.68 -6.49 3.82
C LEU A 98 -2.78 -5.12 4.47
N THR A 99 -1.63 -4.49 4.69
CA THR A 99 -1.59 -3.17 5.32
C THR A 99 -0.72 -2.21 4.50
N VAL A 100 -1.31 -1.59 3.50
CA VAL A 100 -0.58 -0.66 2.65
C VAL A 100 -0.88 0.78 3.04
N LYS A 101 0.11 1.66 2.85
CA LYS A 101 -0.05 3.08 3.19
C LYS A 101 -0.08 3.94 1.93
N ASP A 102 -0.31 5.23 2.11
CA ASP A 102 -0.38 6.16 0.99
C ASP A 102 1.01 6.41 0.41
N VAL A 103 1.15 6.18 -0.90
CA VAL A 103 2.43 6.39 -1.57
C VAL A 103 2.34 7.52 -2.59
N GLY A 104 2.55 8.74 -2.12
CA GLY A 104 2.50 9.90 -2.99
C GLY A 104 1.11 10.52 -3.04
N ARG A 105 0.35 10.34 -1.97
CA ARG A 105 -1.01 10.89 -1.91
C ARG A 105 -1.00 12.24 -1.19
N LEU A 106 -2.18 12.86 -1.11
CA LEU A 106 -2.32 14.15 -0.45
C LEU A 106 -3.62 14.21 0.34
N PRO A 107 -3.56 14.05 1.68
CA PRO A 107 -4.74 14.11 2.53
C PRO A 107 -5.36 15.51 2.60
N HIS A 108 -6.44 15.64 3.36
CA HIS A 108 -7.11 16.92 3.51
C HIS A 108 -7.02 17.43 4.94
N ALA A 109 -7.46 16.60 5.89
CA ALA A 109 -7.44 16.96 7.29
C ALA A 109 -8.29 18.19 7.56
N ARG A 110 -8.57 18.46 8.84
CA ARG A 110 -9.39 19.60 9.22
C ARG A 110 -9.00 20.10 10.61
N THR A 111 -7.97 20.93 10.68
CA THR A 111 -7.52 21.48 11.95
C THR A 111 -8.12 22.86 12.21
N THR A 112 -9.36 22.87 12.70
CA THR A 112 -10.06 24.11 12.98
C THR A 112 -10.75 24.04 14.34
N VAL A 113 -9.98 23.77 15.39
CA VAL A 113 -10.53 23.68 16.73
C VAL A 113 -11.52 22.53 16.85
N ASP A 114 -11.59 21.93 18.03
CA ASP A 114 -12.51 20.81 18.26
C ASP A 114 -12.20 19.65 17.33
N GLU A 115 -11.50 18.65 17.84
CA GLU A 115 -11.14 17.48 17.04
C GLU A 115 -12.17 16.37 17.23
N THR A 116 -13.37 16.60 16.72
CA THR A 116 -14.44 15.61 16.83
C THR A 116 -14.88 15.14 15.45
N LYS A 117 -14.99 16.07 14.51
CA LYS A 117 -15.41 15.75 13.15
C LYS A 117 -16.80 15.11 13.14
N TRP A 118 -17.83 15.94 13.16
CA TRP A 118 -19.21 15.47 13.16
C TRP A 118 -19.85 15.68 11.80
N ILE A 119 -19.53 16.81 11.16
CA ILE A 119 -20.08 17.13 9.85
C ILE A 119 -19.00 17.07 8.77
N ALA A 120 -19.23 16.25 7.76
CA ALA A 120 -18.27 16.11 6.66
C ALA A 120 -18.56 17.11 5.54
N SER A 121 -17.65 18.06 5.36
CA SER A 121 -17.81 19.07 4.33
C SER A 121 -19.07 19.90 4.56
N SER A 122 -18.88 21.17 4.88
CA SER A 122 -20.01 22.07 5.13
C SER A 122 -20.32 22.91 3.89
N SER A 123 -21.46 22.62 3.27
CA SER A 123 -21.87 23.34 2.07
C SER A 123 -23.37 23.63 2.10
N GLY A 124 -23.86 24.35 1.09
CA GLY A 124 -25.27 24.68 1.03
C GLY A 124 -25.67 25.22 -0.33
N PRO A 125 -25.36 24.47 -1.41
CA PRO A 125 -25.71 24.89 -2.78
C PRO A 125 -27.21 24.82 -3.04
N SER A 126 -27.61 25.24 -4.23
CA SER A 126 -29.03 25.23 -4.61
C SER A 126 -29.85 26.11 -3.66
N SER A 127 -29.49 27.39 -3.59
CA SER A 127 -30.20 28.33 -2.73
C SER A 127 -31.57 28.67 -3.30
N GLY A 128 -31.68 28.65 -4.62
CA GLY A 128 -32.94 28.95 -5.27
C GLY A 128 -32.78 29.26 -6.74
N GLY A 1 -14.91 12.67 23.85
CA GLY A 1 -15.14 12.17 25.24
C GLY A 1 -15.47 13.29 26.22
N SER A 2 -14.85 14.44 26.02
CA SER A 2 -15.08 15.59 26.89
C SER A 2 -16.10 16.53 26.26
N SER A 3 -16.71 17.38 27.09
CA SER A 3 -17.70 18.34 26.62
C SER A 3 -18.13 19.27 27.75
N GLY A 4 -18.08 20.57 27.47
CA GLY A 4 -18.48 21.54 28.48
C GLY A 4 -18.39 22.97 27.97
N SER A 5 -17.80 23.85 28.78
CA SER A 5 -17.64 25.25 28.40
C SER A 5 -16.57 25.41 27.33
N SER A 6 -16.84 26.26 26.35
CA SER A 6 -15.90 26.50 25.27
C SER A 6 -14.70 27.30 25.77
N GLY A 7 -13.54 27.06 25.17
CA GLY A 7 -12.33 27.76 25.57
C GLY A 7 -11.13 27.39 24.71
N ASP A 8 -10.28 26.53 25.23
CA ASP A 8 -9.09 26.11 24.52
C ASP A 8 -9.24 24.67 24.01
N ARG A 9 -9.21 24.51 22.69
CA ARG A 9 -9.36 23.19 22.09
C ARG A 9 -8.05 22.40 22.17
N ARG A 10 -8.10 21.13 21.79
CA ARG A 10 -6.92 20.27 21.83
C ARG A 10 -6.47 19.92 20.41
N SER A 11 -5.50 20.69 19.90
CA SER A 11 -4.97 20.45 18.57
C SER A 11 -6.08 20.62 17.51
N THR A 12 -6.16 21.81 16.94
CA THR A 12 -7.15 22.10 15.92
C THR A 12 -6.56 21.95 14.51
N LEU A 13 -6.48 20.71 14.05
CA LEU A 13 -5.94 20.44 12.72
C LEU A 13 -6.78 19.40 12.00
N HIS A 14 -6.99 18.25 12.63
CA HIS A 14 -7.78 17.17 12.05
C HIS A 14 -8.46 16.35 13.13
N LEU A 15 -9.45 15.56 12.73
CA LEU A 15 -10.18 14.71 13.67
C LEU A 15 -10.15 13.26 13.21
N LEU A 16 -9.09 12.55 13.56
CA LEU A 16 -8.94 11.15 13.19
C LEU A 16 -7.71 10.54 13.86
N GLN A 17 -7.88 10.09 15.10
CA GLN A 17 -6.79 9.48 15.85
C GLN A 17 -6.87 7.96 15.80
N GLY A 18 -5.73 7.31 15.60
CA GLY A 18 -5.69 5.87 15.52
C GLY A 18 -4.94 5.37 14.31
N GLY A 19 -3.81 5.99 14.01
CA GLY A 19 -3.01 5.59 12.87
C GLY A 19 -3.73 5.79 11.56
N ASP A 20 -3.01 6.24 10.53
CA ASP A 20 -3.59 6.49 9.22
C ASP A 20 -3.23 5.36 8.25
N GLU A 21 -3.06 4.16 8.80
CA GLU A 21 -2.72 2.99 7.98
C GLU A 21 -3.96 2.43 7.30
N LYS A 22 -3.79 1.99 6.06
CA LYS A 22 -4.90 1.42 5.29
C LYS A 22 -4.99 -0.08 5.50
N LYS A 23 -6.21 -0.60 5.47
CA LYS A 23 -6.44 -2.03 5.65
C LYS A 23 -7.31 -2.59 4.53
N VAL A 24 -6.78 -3.60 3.84
CA VAL A 24 -7.50 -4.23 2.73
C VAL A 24 -7.74 -5.72 3.01
N ASN A 25 -8.87 -6.03 3.64
CA ASN A 25 -9.21 -7.40 3.96
C ASN A 25 -9.81 -8.11 2.75
N LEU A 26 -9.26 -9.28 2.41
CA LEU A 26 -9.73 -10.05 1.27
C LEU A 26 -9.80 -11.54 1.62
N VAL A 27 -10.95 -12.15 1.37
CA VAL A 27 -11.14 -13.57 1.65
C VAL A 27 -11.12 -14.39 0.36
N LEU A 28 -10.25 -15.39 0.31
CA LEU A 28 -10.13 -16.24 -0.86
C LEU A 28 -10.87 -17.56 -0.64
N GLY A 29 -11.37 -18.13 -1.73
CA GLY A 29 -12.09 -19.39 -1.63
C GLY A 29 -11.16 -20.57 -1.43
N ASP A 30 -10.76 -21.20 -2.53
CA ASP A 30 -9.86 -22.36 -2.47
C ASP A 30 -8.69 -22.19 -3.42
N GLY A 31 -8.98 -21.83 -4.66
CA GLY A 31 -7.94 -21.65 -5.65
C GLY A 31 -7.95 -20.26 -6.26
N ARG A 32 -8.13 -19.24 -5.41
CA ARG A 32 -8.16 -17.86 -5.86
C ARG A 32 -6.80 -17.19 -5.66
N SER A 33 -6.73 -15.90 -5.99
CA SER A 33 -5.49 -15.15 -5.86
C SER A 33 -5.75 -13.66 -5.93
N LEU A 34 -4.90 -12.87 -5.28
CA LEU A 34 -5.04 -11.42 -5.27
C LEU A 34 -4.82 -10.85 -6.67
N GLY A 35 -3.74 -11.27 -7.30
CA GLY A 35 -3.43 -10.79 -8.64
C GLY A 35 -2.60 -9.52 -8.62
N LEU A 36 -1.71 -9.41 -7.65
CA LEU A 36 -0.85 -8.23 -7.52
C LEU A 36 0.60 -8.59 -7.82
N THR A 37 1.23 -7.80 -8.68
CA THR A 37 2.62 -8.03 -9.05
C THR A 37 3.56 -7.23 -8.15
N ILE A 38 3.88 -7.81 -6.99
CA ILE A 38 4.77 -7.16 -6.03
C ILE A 38 6.20 -7.11 -6.55
N ARG A 39 7.05 -6.36 -5.87
CA ARG A 39 8.45 -6.23 -6.26
C ARG A 39 9.35 -6.21 -5.04
N GLY A 40 10.66 -6.16 -5.27
CA GLY A 40 11.61 -6.14 -4.18
C GLY A 40 11.55 -7.39 -3.33
N GLY A 41 12.32 -7.41 -2.24
CA GLY A 41 12.33 -8.56 -1.36
C GLY A 41 13.52 -8.56 -0.41
N ALA A 42 13.61 -9.58 0.43
CA ALA A 42 14.70 -9.68 1.38
C ALA A 42 16.02 -9.99 0.68
N GLU A 43 15.96 -10.86 -0.32
CA GLU A 43 17.14 -11.24 -1.08
C GLU A 43 17.66 -10.06 -1.90
N TYR A 44 16.76 -9.39 -2.60
CA TYR A 44 17.12 -8.25 -3.42
C TYR A 44 17.49 -7.05 -2.56
N GLY A 45 16.89 -6.96 -1.37
CA GLY A 45 17.17 -5.86 -0.47
C GLY A 45 16.21 -4.71 -0.65
N LEU A 46 14.97 -5.02 -1.00
CA LEU A 46 13.94 -4.00 -1.20
C LEU A 46 12.63 -4.41 -0.55
N GLY A 47 11.81 -3.41 -0.22
CA GLY A 47 10.53 -3.69 0.42
C GLY A 47 9.59 -4.46 -0.49
N ILE A 48 8.31 -4.51 -0.11
CA ILE A 48 7.32 -5.22 -0.90
C ILE A 48 6.24 -4.27 -1.41
N TYR A 49 6.49 -3.71 -2.60
CA TYR A 49 5.54 -2.78 -3.22
C TYR A 49 4.54 -3.51 -4.09
N ILE A 50 3.70 -2.75 -4.79
CA ILE A 50 2.69 -3.33 -5.66
C ILE A 50 2.69 -2.65 -7.03
N THR A 51 3.05 -3.41 -8.06
CA THR A 51 3.09 -2.88 -9.42
C THR A 51 2.39 -3.82 -10.39
N GLY A 52 1.18 -4.26 -10.02
CA GLY A 52 0.43 -5.16 -10.86
C GLY A 52 -1.02 -5.30 -10.41
N VAL A 53 -1.94 -5.23 -11.37
CA VAL A 53 -3.36 -5.34 -11.06
C VAL A 53 -4.09 -6.11 -12.17
N ASP A 54 -4.28 -7.40 -11.97
CA ASP A 54 -4.97 -8.23 -12.95
C ASP A 54 -6.42 -7.78 -13.14
N PRO A 55 -6.96 -7.95 -14.34
CA PRO A 55 -8.34 -7.55 -14.65
C PRO A 55 -9.36 -8.47 -14.00
N GLY A 56 -10.23 -7.89 -13.18
CA GLY A 56 -11.25 -8.67 -12.50
C GLY A 56 -10.70 -9.44 -11.31
N SER A 57 -9.72 -8.85 -10.63
CA SER A 57 -9.10 -9.48 -9.47
C SER A 57 -9.74 -9.00 -8.18
N GLU A 58 -9.54 -9.76 -7.11
CA GLU A 58 -10.10 -9.40 -5.81
C GLU A 58 -9.43 -8.15 -5.25
N ALA A 59 -8.15 -7.97 -5.57
CA ALA A 59 -7.40 -6.82 -5.10
C ALA A 59 -7.87 -5.54 -5.78
N GLU A 60 -8.20 -5.64 -7.06
CA GLU A 60 -8.66 -4.49 -7.84
C GLU A 60 -10.05 -4.07 -7.37
N GLY A 61 -10.85 -5.03 -6.93
CA GLY A 61 -12.20 -4.74 -6.46
C GLY A 61 -12.20 -4.05 -5.12
N SER A 62 -11.28 -4.45 -4.24
CA SER A 62 -11.20 -3.86 -2.91
C SER A 62 -10.69 -2.42 -2.98
N GLY A 63 -9.41 -2.27 -3.35
CA GLY A 63 -8.83 -0.94 -3.45
C GLY A 63 -7.32 -0.98 -3.38
N LEU A 64 -6.71 -1.92 -4.10
CA LEU A 64 -5.26 -2.04 -4.11
C LEU A 64 -4.68 -1.62 -5.46
N LYS A 65 -4.14 -0.41 -5.50
CA LYS A 65 -3.56 0.11 -6.73
C LYS A 65 -2.04 -0.09 -6.75
N VAL A 66 -1.39 0.48 -7.75
CA VAL A 66 0.06 0.37 -7.88
C VAL A 66 0.77 1.42 -7.04
N GLY A 67 1.95 1.07 -6.53
CA GLY A 67 2.71 1.99 -5.70
C GLY A 67 2.53 1.74 -4.22
N ASP A 68 1.36 1.21 -3.85
CA ASP A 68 1.06 0.92 -2.45
C ASP A 68 2.13 0.00 -1.84
N GLN A 69 2.80 0.50 -0.81
CA GLN A 69 3.84 -0.27 -0.14
C GLN A 69 3.25 -1.11 0.99
N ILE A 70 3.30 -2.43 0.83
CA ILE A 70 2.78 -3.34 1.83
C ILE A 70 3.68 -3.40 3.05
N LEU A 71 3.18 -2.91 4.19
CA LEU A 71 3.95 -2.91 5.43
C LEU A 71 3.85 -4.26 6.14
N GLU A 72 2.65 -4.84 6.13
CA GLU A 72 2.42 -6.13 6.77
C GLU A 72 1.15 -6.78 6.24
N VAL A 73 1.06 -8.10 6.40
CA VAL A 73 -0.11 -8.85 5.93
C VAL A 73 -0.41 -10.01 6.87
N ASN A 74 -1.65 -10.10 7.31
CA ASN A 74 -2.08 -11.17 8.20
C ASN A 74 -1.29 -11.15 9.50
N GLY A 75 -0.87 -9.95 9.91
CA GLY A 75 -0.11 -9.80 11.14
C GLY A 75 1.34 -10.18 10.97
N ARG A 76 1.85 -10.03 9.75
CA ARG A 76 3.24 -10.36 9.45
C ARG A 76 3.94 -9.20 8.74
N SER A 77 5.16 -8.91 9.16
CA SER A 77 5.94 -7.82 8.56
C SER A 77 6.30 -8.14 7.11
N PHE A 78 5.81 -7.33 6.19
CA PHE A 78 6.09 -7.53 4.77
C PHE A 78 7.13 -6.53 4.28
N LEU A 79 8.03 -6.12 5.16
CA LEU A 79 9.07 -5.18 4.82
C LEU A 79 10.41 -5.88 4.61
N ASN A 80 10.61 -6.98 5.33
CA ASN A 80 11.84 -7.75 5.23
C ASN A 80 11.55 -9.20 4.84
N ILE A 81 10.51 -9.40 4.04
CA ILE A 81 10.11 -10.73 3.62
C ILE A 81 10.67 -11.04 2.23
N LEU A 82 10.86 -12.33 1.94
CA LEU A 82 11.38 -12.75 0.65
C LEU A 82 10.36 -12.52 -0.46
N HIS A 83 10.84 -12.38 -1.69
CA HIS A 83 9.96 -12.15 -2.83
C HIS A 83 9.04 -13.34 -3.05
N ASP A 84 9.63 -14.52 -3.19
CA ASP A 84 8.85 -15.75 -3.41
C ASP A 84 7.93 -16.02 -2.23
N GLU A 85 8.44 -15.80 -1.02
CA GLU A 85 7.67 -16.03 0.20
C GLU A 85 6.42 -15.14 0.21
N ALA A 86 6.53 -13.96 -0.36
CA ALA A 86 5.42 -13.02 -0.41
C ALA A 86 4.38 -13.45 -1.45
N VAL A 87 4.86 -14.05 -2.53
CA VAL A 87 3.98 -14.51 -3.60
C VAL A 87 3.33 -15.84 -3.24
N ARG A 88 4.03 -16.64 -2.44
CA ARG A 88 3.52 -17.94 -2.02
C ARG A 88 2.66 -17.82 -0.77
N LEU A 89 2.99 -16.84 0.08
CA LEU A 89 2.24 -16.62 1.30
C LEU A 89 0.93 -15.90 1.02
N LEU A 90 0.94 -15.02 0.02
CA LEU A 90 -0.25 -14.26 -0.35
C LEU A 90 -1.21 -15.13 -1.16
N LYS A 91 -0.66 -16.07 -1.91
CA LYS A 91 -1.47 -16.97 -2.73
C LYS A 91 -1.57 -18.35 -2.08
N SER A 92 -1.79 -18.37 -0.78
CA SER A 92 -1.91 -19.62 -0.04
C SER A 92 -2.98 -19.51 1.04
N SER A 93 -2.89 -18.46 1.85
CA SER A 93 -3.85 -18.24 2.93
C SER A 93 -5.17 -17.70 2.38
N ARG A 94 -6.28 -18.18 2.94
CA ARG A 94 -7.59 -17.73 2.51
C ARG A 94 -7.82 -16.27 2.86
N HIS A 95 -7.64 -15.94 4.13
CA HIS A 95 -7.82 -14.57 4.60
C HIS A 95 -6.57 -13.74 4.36
N LEU A 96 -6.75 -12.52 3.85
CA LEU A 96 -5.63 -11.64 3.57
C LEU A 96 -5.95 -10.20 4.01
N ILE A 97 -5.12 -9.67 4.89
CA ILE A 97 -5.30 -8.31 5.40
C ILE A 97 -4.02 -7.50 5.29
N LEU A 98 -3.77 -6.95 4.10
CA LEU A 98 -2.57 -6.15 3.86
C LEU A 98 -2.70 -4.77 4.50
N THR A 99 -1.57 -4.19 4.87
CA THR A 99 -1.55 -2.86 5.48
C THR A 99 -0.61 -1.93 4.74
N VAL A 100 -1.12 -1.25 3.72
CA VAL A 100 -0.33 -0.33 2.93
C VAL A 100 -0.57 1.11 3.35
N LYS A 101 0.38 1.99 3.03
CA LYS A 101 0.26 3.40 3.38
C LYS A 101 0.05 4.25 2.14
N ASP A 102 -0.42 5.48 2.33
CA ASP A 102 -0.67 6.40 1.23
C ASP A 102 0.64 6.86 0.60
N VAL A 103 1.06 6.18 -0.46
CA VAL A 103 2.29 6.52 -1.16
C VAL A 103 2.23 7.93 -1.73
N GLY A 104 1.03 8.34 -2.13
CA GLY A 104 0.84 9.66 -2.70
C GLY A 104 -0.58 10.16 -2.58
N ARG A 105 -1.51 9.43 -3.19
CA ARG A 105 -2.92 9.81 -3.14
C ARG A 105 -3.15 11.20 -3.74
N LEU A 106 -3.51 11.24 -5.01
CA LEU A 106 -3.76 12.50 -5.70
C LEU A 106 -5.22 12.62 -6.12
N PRO A 107 -5.94 13.63 -5.62
CA PRO A 107 -7.36 13.84 -5.96
C PRO A 107 -7.59 13.86 -7.46
N HIS A 108 -6.91 14.77 -8.15
CA HIS A 108 -7.04 14.89 -9.59
C HIS A 108 -6.13 13.90 -10.31
N ALA A 109 -6.42 13.65 -11.58
CA ALA A 109 -5.63 12.72 -12.39
C ALA A 109 -4.38 13.40 -12.92
N ARG A 110 -3.26 13.21 -12.23
CA ARG A 110 -1.99 13.80 -12.63
C ARG A 110 -0.89 12.75 -12.69
N THR A 111 -0.56 12.30 -13.89
CA THR A 111 0.48 11.29 -14.08
C THR A 111 1.35 11.62 -15.29
N THR A 112 2.49 10.94 -15.39
CA THR A 112 3.41 11.17 -16.51
C THR A 112 3.37 9.99 -17.48
N VAL A 113 3.12 8.80 -16.96
CA VAL A 113 3.06 7.60 -17.79
C VAL A 113 1.89 7.67 -18.77
N ASP A 114 2.20 7.71 -20.06
CA ASP A 114 1.17 7.77 -21.08
C ASP A 114 0.97 6.41 -21.74
N GLU A 115 2.08 5.77 -22.10
CA GLU A 115 2.02 4.46 -22.73
C GLU A 115 1.86 3.34 -21.69
N THR A 116 0.88 2.48 -21.91
CA THR A 116 0.63 1.37 -20.98
C THR A 116 -0.01 0.20 -21.71
N LYS A 117 -1.03 0.49 -22.52
CA LYS A 117 -1.72 -0.55 -23.27
C LYS A 117 -1.75 -0.21 -24.75
N TRP A 118 -0.70 0.45 -25.22
CA TRP A 118 -0.60 0.82 -26.63
C TRP A 118 -1.72 1.78 -27.02
N ILE A 119 -1.66 2.29 -28.24
CA ILE A 119 -2.67 3.21 -28.74
C ILE A 119 -4.06 2.57 -28.72
N ALA A 120 -4.94 3.11 -27.88
CA ALA A 120 -6.29 2.59 -27.77
C ALA A 120 -7.10 2.89 -29.03
N SER A 121 -7.56 1.83 -29.70
CA SER A 121 -8.34 1.98 -30.92
C SER A 121 -9.78 2.39 -30.59
N SER A 122 -10.08 3.67 -30.77
CA SER A 122 -11.42 4.18 -30.50
C SER A 122 -12.20 4.36 -31.79
N SER A 123 -12.81 3.26 -32.26
CA SER A 123 -13.60 3.30 -33.49
C SER A 123 -14.77 2.34 -33.40
N GLY A 124 -15.53 2.25 -34.48
CA GLY A 124 -16.68 1.35 -34.51
C GLY A 124 -17.73 1.72 -33.47
N PRO A 125 -18.30 2.94 -33.55
CA PRO A 125 -19.31 3.39 -32.59
C PRO A 125 -20.47 2.41 -32.46
N SER A 126 -20.99 2.28 -31.26
CA SER A 126 -22.10 1.36 -30.99
C SER A 126 -22.98 1.89 -29.86
N SER A 127 -22.36 2.21 -28.74
CA SER A 127 -23.09 2.73 -27.58
C SER A 127 -22.50 4.06 -27.12
N GLY A 128 -21.99 4.83 -28.07
CA GLY A 128 -21.40 6.12 -27.73
C GLY A 128 -19.92 6.03 -27.43
N GLY A 1 16.58 27.64 31.85
CA GLY A 1 17.15 27.46 33.21
C GLY A 1 18.08 26.27 33.30
N SER A 2 18.75 25.95 32.20
CA SER A 2 19.67 24.82 32.15
C SER A 2 20.42 24.77 30.82
N SER A 3 21.59 25.39 30.79
CA SER A 3 22.40 25.42 29.58
C SER A 3 23.63 24.53 29.73
N GLY A 4 24.22 24.15 28.60
CA GLY A 4 25.40 23.31 28.63
C GLY A 4 26.15 23.30 27.31
N SER A 5 25.40 23.17 26.21
CA SER A 5 25.99 23.15 24.88
C SER A 5 25.28 24.12 23.95
N SER A 6 25.70 24.14 22.69
CA SER A 6 25.09 25.03 21.70
C SER A 6 24.03 24.29 20.89
N GLY A 7 23.05 25.04 20.39
CA GLY A 7 21.99 24.45 19.61
C GLY A 7 22.49 23.83 18.32
N ASP A 8 21.96 22.66 17.98
CA ASP A 8 22.37 21.98 16.75
C ASP A 8 21.89 22.73 15.52
N ARG A 9 22.64 22.60 14.43
CA ARG A 9 22.29 23.28 13.18
C ARG A 9 22.06 22.26 12.06
N ARG A 10 23.08 21.49 11.76
CA ARG A 10 22.99 20.47 10.71
C ARG A 10 21.90 19.45 11.04
N SER A 11 21.33 18.86 9.99
CA SER A 11 20.27 17.86 10.17
C SER A 11 20.53 16.64 9.30
N THR A 12 20.68 16.86 8.00
CA THR A 12 20.93 15.77 7.06
C THR A 12 19.84 14.71 7.14
N LEU A 13 18.62 15.16 7.43
CA LEU A 13 17.48 14.25 7.54
C LEU A 13 17.68 13.26 8.69
N HIS A 14 16.60 12.94 9.39
CA HIS A 14 16.66 12.02 10.51
C HIS A 14 15.33 11.26 10.66
N LEU A 15 14.23 12.01 10.62
CA LEU A 15 12.91 11.41 10.76
C LEU A 15 11.82 12.42 10.38
N LEU A 16 10.83 11.96 9.61
CA LEU A 16 9.74 12.82 9.18
C LEU A 16 8.48 12.54 10.00
N GLN A 17 7.45 13.35 9.77
CA GLN A 17 6.18 13.19 10.50
C GLN A 17 5.16 12.46 9.63
N GLY A 18 4.20 11.83 10.29
CA GLY A 18 3.16 11.10 9.57
C GLY A 18 3.30 9.60 9.73
N GLY A 19 2.19 8.92 9.96
CA GLY A 19 2.21 7.48 10.13
C GLY A 19 0.83 6.86 9.97
N ASP A 20 0.26 6.98 8.78
CA ASP A 20 -1.06 6.42 8.52
C ASP A 20 -0.95 5.13 7.71
N GLU A 21 -1.70 4.12 8.14
CA GLU A 21 -1.69 2.81 7.46
C GLU A 21 -3.09 2.44 7.01
N LYS A 22 -3.16 1.49 6.06
CA LYS A 22 -4.44 1.04 5.54
C LYS A 22 -4.55 -0.48 5.62
N LYS A 23 -5.77 -0.99 5.52
CA LYS A 23 -6.02 -2.43 5.59
C LYS A 23 -6.97 -2.87 4.48
N VAL A 24 -6.64 -3.96 3.81
CA VAL A 24 -7.47 -4.49 2.74
C VAL A 24 -7.88 -5.93 3.01
N ASN A 25 -9.02 -6.11 3.68
CA ASN A 25 -9.53 -7.43 4.01
C ASN A 25 -10.14 -8.10 2.78
N LEU A 26 -9.58 -9.23 2.38
CA LEU A 26 -10.08 -9.96 1.23
C LEU A 26 -10.46 -11.40 1.61
N VAL A 27 -11.59 -11.85 1.10
CA VAL A 27 -12.07 -13.20 1.39
C VAL A 27 -12.09 -14.06 0.13
N LEU A 28 -11.18 -15.02 0.05
CA LEU A 28 -11.10 -15.90 -1.11
C LEU A 28 -11.85 -17.20 -0.85
N GLY A 29 -12.13 -17.94 -1.92
CA GLY A 29 -12.85 -19.20 -1.79
C GLY A 29 -11.94 -20.40 -1.93
N ASP A 30 -10.77 -20.33 -1.30
CA ASP A 30 -9.80 -21.42 -1.36
C ASP A 30 -9.36 -21.68 -2.80
N GLY A 31 -9.19 -20.61 -3.56
CA GLY A 31 -8.78 -20.74 -4.95
C GLY A 31 -8.45 -19.41 -5.59
N ARG A 32 -9.24 -18.39 -5.27
CA ARG A 32 -9.02 -17.05 -5.82
C ARG A 32 -7.64 -16.53 -5.44
N SER A 33 -7.28 -15.36 -5.97
CA SER A 33 -5.99 -14.75 -5.69
C SER A 33 -6.09 -13.23 -5.72
N LEU A 34 -5.01 -12.57 -5.30
CA LEU A 34 -4.98 -11.12 -5.28
C LEU A 34 -4.71 -10.55 -6.67
N GLY A 35 -3.88 -11.25 -7.43
CA GLY A 35 -3.55 -10.81 -8.78
C GLY A 35 -2.76 -9.52 -8.79
N LEU A 36 -1.80 -9.41 -7.87
CA LEU A 36 -0.96 -8.22 -7.78
C LEU A 36 0.49 -8.55 -8.05
N THR A 37 1.16 -7.71 -8.83
CA THR A 37 2.56 -7.92 -9.18
C THR A 37 3.47 -7.15 -8.22
N ILE A 38 3.79 -7.77 -7.09
CA ILE A 38 4.66 -7.15 -6.09
C ILE A 38 6.10 -7.10 -6.57
N ARG A 39 6.84 -6.12 -6.10
CA ARG A 39 8.24 -5.95 -6.47
C ARG A 39 9.12 -5.70 -5.25
N GLY A 40 10.40 -6.02 -5.37
CA GLY A 40 11.32 -5.81 -4.26
C GLY A 40 11.23 -6.91 -3.22
N GLY A 41 12.33 -7.16 -2.54
CA GLY A 41 12.35 -8.20 -1.51
C GLY A 41 13.49 -8.02 -0.53
N ALA A 42 13.48 -8.82 0.54
CA ALA A 42 14.52 -8.74 1.56
C ALA A 42 15.90 -9.04 0.97
N GLU A 43 15.92 -9.87 -0.06
CA GLU A 43 17.17 -10.24 -0.71
C GLU A 43 17.71 -9.08 -1.55
N TYR A 44 16.80 -8.26 -2.08
CA TYR A 44 17.20 -7.12 -2.90
C TYR A 44 17.28 -5.84 -2.06
N GLY A 45 17.37 -6.00 -0.74
CA GLY A 45 17.46 -4.84 0.14
C GLY A 45 16.35 -3.85 -0.10
N LEU A 46 15.22 -4.33 -0.62
CA LEU A 46 14.07 -3.46 -0.89
C LEU A 46 12.80 -4.05 -0.31
N GLY A 47 11.97 -3.18 0.27
CA GLY A 47 10.73 -3.62 0.87
C GLY A 47 9.78 -4.25 -0.15
N ILE A 48 8.59 -4.61 0.30
CA ILE A 48 7.60 -5.21 -0.58
C ILE A 48 6.59 -4.19 -1.07
N TYR A 49 6.59 -3.93 -2.37
CA TYR A 49 5.67 -2.96 -2.96
C TYR A 49 4.76 -3.64 -3.99
N ILE A 50 3.94 -2.83 -4.66
CA ILE A 50 3.02 -3.34 -5.66
C ILE A 50 3.17 -2.60 -6.99
N THR A 51 3.04 -3.33 -8.10
CA THR A 51 3.17 -2.74 -9.42
C THR A 51 2.45 -3.59 -10.46
N GLY A 52 1.25 -4.05 -10.12
CA GLY A 52 0.48 -4.87 -11.03
C GLY A 52 -0.91 -5.17 -10.52
N VAL A 53 -1.89 -5.13 -11.41
CA VAL A 53 -3.28 -5.40 -11.04
C VAL A 53 -3.99 -6.22 -12.12
N ASP A 54 -4.27 -7.48 -11.80
CA ASP A 54 -4.95 -8.36 -12.73
C ASP A 54 -6.46 -8.14 -12.72
N PRO A 55 -7.12 -8.27 -13.88
CA PRO A 55 -8.57 -8.08 -13.98
C PRO A 55 -9.36 -9.23 -13.36
N GLY A 56 -10.39 -8.89 -12.61
CA GLY A 56 -11.22 -9.91 -11.98
C GLY A 56 -10.56 -10.50 -10.74
N SER A 57 -9.77 -9.69 -10.06
CA SER A 57 -9.08 -10.13 -8.85
C SER A 57 -9.71 -9.52 -7.60
N GLU A 58 -9.63 -10.25 -6.49
CA GLU A 58 -10.19 -9.76 -5.23
C GLU A 58 -9.51 -8.47 -4.78
N ALA A 59 -8.23 -8.34 -5.12
CA ALA A 59 -7.47 -7.15 -4.75
C ALA A 59 -7.89 -5.95 -5.60
N GLU A 60 -8.32 -6.21 -6.83
CA GLU A 60 -8.75 -5.15 -7.73
C GLU A 60 -10.09 -4.59 -7.29
N GLY A 61 -10.93 -5.44 -6.69
CA GLY A 61 -12.24 -5.01 -6.25
C GLY A 61 -12.16 -4.10 -5.03
N SER A 62 -11.17 -4.33 -4.18
CA SER A 62 -11.00 -3.52 -2.97
C SER A 62 -10.50 -2.13 -3.33
N GLY A 63 -9.60 -2.06 -4.31
CA GLY A 63 -9.06 -0.77 -4.73
C GLY A 63 -7.55 -0.72 -4.59
N LEU A 64 -6.88 -1.82 -4.93
CA LEU A 64 -5.43 -1.89 -4.84
C LEU A 64 -4.77 -1.41 -6.14
N LYS A 65 -3.96 -0.37 -6.04
CA LYS A 65 -3.28 0.19 -7.19
C LYS A 65 -1.77 -0.06 -7.11
N VAL A 66 -1.05 0.38 -8.13
CA VAL A 66 0.40 0.20 -8.18
C VAL A 66 1.11 1.33 -7.42
N GLY A 67 2.26 1.00 -6.85
CA GLY A 67 3.02 1.99 -6.10
C GLY A 67 2.91 1.81 -4.60
N ASP A 68 1.81 1.20 -4.17
CA ASP A 68 1.57 0.97 -2.74
C ASP A 68 2.69 0.11 -2.15
N GLN A 69 2.93 0.28 -0.86
CA GLN A 69 3.97 -0.47 -0.17
C GLN A 69 3.37 -1.31 0.95
N ILE A 70 3.50 -2.63 0.82
CA ILE A 70 2.97 -3.55 1.83
C ILE A 70 3.82 -3.53 3.09
N LEU A 71 3.15 -3.46 4.24
CA LEU A 71 3.84 -3.42 5.52
C LEU A 71 3.75 -4.77 6.23
N GLU A 72 2.53 -5.31 6.30
CA GLU A 72 2.31 -6.61 6.95
C GLU A 72 1.03 -7.26 6.43
N VAL A 73 0.99 -8.59 6.48
CA VAL A 73 -0.16 -9.33 6.01
C VAL A 73 -0.47 -10.50 6.94
N ASN A 74 -1.72 -10.59 7.38
CA ASN A 74 -2.14 -11.66 8.28
C ASN A 74 -1.34 -11.63 9.58
N GLY A 75 -0.95 -10.44 9.99
CA GLY A 75 -0.18 -10.30 11.22
C GLY A 75 1.27 -10.70 11.05
N ARG A 76 1.78 -10.56 9.83
CA ARG A 76 3.17 -10.91 9.53
C ARG A 76 3.92 -9.72 8.96
N SER A 77 5.13 -9.49 9.46
CA SER A 77 5.96 -8.38 9.00
C SER A 77 6.38 -8.58 7.55
N PHE A 78 5.82 -7.77 6.66
CA PHE A 78 6.15 -7.86 5.23
C PHE A 78 7.14 -6.77 4.83
N LEU A 79 7.99 -6.37 5.77
CA LEU A 79 8.99 -5.34 5.52
C LEU A 79 10.28 -5.96 4.97
N ASN A 80 10.58 -7.17 5.42
CA ASN A 80 11.78 -7.87 4.98
C ASN A 80 11.48 -9.34 4.67
N ILE A 81 10.82 -9.58 3.55
CA ILE A 81 10.48 -10.93 3.13
C ILE A 81 10.96 -11.22 1.72
N LEU A 82 11.27 -12.49 1.44
CA LEU A 82 11.74 -12.89 0.12
C LEU A 82 10.70 -12.58 -0.94
N HIS A 83 11.15 -12.45 -2.19
CA HIS A 83 10.26 -12.16 -3.30
C HIS A 83 9.31 -13.32 -3.55
N ASP A 84 9.78 -14.53 -3.28
CA ASP A 84 8.97 -15.74 -3.49
C ASP A 84 8.07 -15.99 -2.28
N GLU A 85 8.61 -15.82 -1.09
CA GLU A 85 7.86 -16.03 0.14
C GLU A 85 6.65 -15.10 0.20
N ALA A 86 6.83 -13.87 -0.28
CA ALA A 86 5.76 -12.88 -0.29
C ALA A 86 4.65 -13.29 -1.24
N VAL A 87 5.02 -13.81 -2.40
CA VAL A 87 4.05 -14.24 -3.40
C VAL A 87 3.31 -15.49 -2.95
N ARG A 88 4.05 -16.52 -2.58
CA ARG A 88 3.46 -17.77 -2.12
C ARG A 88 2.59 -17.54 -0.88
N LEU A 89 3.12 -16.78 0.07
CA LEU A 89 2.38 -16.48 1.29
C LEU A 89 1.13 -15.67 1.00
N LEU A 90 1.19 -14.85 -0.04
CA LEU A 90 0.05 -14.03 -0.43
C LEU A 90 -1.01 -14.85 -1.16
N LYS A 91 -0.55 -15.83 -1.94
CA LYS A 91 -1.46 -16.68 -2.69
C LYS A 91 -1.50 -18.08 -2.09
N SER A 92 -1.88 -18.16 -0.82
CA SER A 92 -1.96 -19.44 -0.12
C SER A 92 -3.06 -19.43 0.93
N SER A 93 -3.04 -18.39 1.77
CA SER A 93 -4.04 -18.25 2.82
C SER A 93 -5.38 -17.76 2.25
N ARG A 94 -6.47 -18.16 2.89
CA ARG A 94 -7.80 -17.77 2.46
C ARG A 94 -8.06 -16.29 2.77
N HIS A 95 -7.73 -15.89 3.99
CA HIS A 95 -7.93 -14.52 4.42
C HIS A 95 -6.64 -13.71 4.29
N LEU A 96 -6.65 -12.75 3.37
CA LEU A 96 -5.47 -11.91 3.13
C LEU A 96 -5.77 -10.45 3.49
N ILE A 97 -5.04 -9.93 4.47
CA ILE A 97 -5.23 -8.55 4.91
C ILE A 97 -3.95 -7.74 4.74
N LEU A 98 -3.70 -7.30 3.51
CA LEU A 98 -2.50 -6.52 3.21
C LEU A 98 -2.58 -5.14 3.85
N THR A 99 -1.44 -4.66 4.36
CA THR A 99 -1.39 -3.35 5.01
C THR A 99 -0.50 -2.40 4.22
N VAL A 100 -1.12 -1.64 3.32
CA VAL A 100 -0.39 -0.68 2.49
C VAL A 100 -0.58 0.74 3.01
N LYS A 101 0.47 1.55 2.91
CA LYS A 101 0.42 2.94 3.37
C LYS A 101 0.22 3.88 2.18
N ASP A 102 -0.16 5.12 2.48
CA ASP A 102 -0.38 6.12 1.45
C ASP A 102 0.94 6.58 0.84
N VAL A 103 1.30 5.98 -0.30
CA VAL A 103 2.54 6.32 -0.98
C VAL A 103 2.27 7.25 -2.16
N GLY A 104 1.48 6.77 -3.12
CA GLY A 104 1.16 7.57 -4.29
C GLY A 104 -0.18 8.24 -4.17
N ARG A 105 -0.33 9.13 -3.20
CA ARG A 105 -1.58 9.85 -2.99
C ARG A 105 -1.38 11.35 -3.19
N LEU A 106 -0.26 11.87 -2.70
CA LEU A 106 0.05 13.29 -2.83
C LEU A 106 1.16 13.51 -3.85
N PRO A 107 1.32 14.76 -4.32
CA PRO A 107 2.36 15.11 -5.30
C PRO A 107 3.76 15.07 -4.69
N HIS A 108 4.77 15.27 -5.54
CA HIS A 108 6.16 15.25 -5.09
C HIS A 108 6.83 16.60 -5.36
N ALA A 109 7.39 17.19 -4.31
CA ALA A 109 8.07 18.47 -4.44
C ALA A 109 9.56 18.35 -4.12
N ARG A 110 9.88 17.55 -3.10
CA ARG A 110 11.26 17.34 -2.70
C ARG A 110 11.89 18.64 -2.22
N THR A 111 12.31 19.48 -3.15
CA THR A 111 12.93 20.76 -2.81
C THR A 111 14.21 20.55 -2.01
N THR A 112 15.08 21.56 -2.00
CA THR A 112 16.33 21.48 -1.27
C THR A 112 16.34 22.46 -0.10
N VAL A 113 16.97 22.06 1.00
CA VAL A 113 17.04 22.90 2.19
C VAL A 113 17.95 24.10 1.96
N ASP A 114 18.96 23.92 1.11
CA ASP A 114 19.90 24.98 0.80
C ASP A 114 19.20 26.14 0.10
N GLU A 115 19.55 27.37 0.51
CA GLU A 115 18.94 28.56 -0.07
C GLU A 115 20.01 29.42 -0.75
N THR A 116 19.96 29.48 -2.08
CA THR A 116 20.92 30.26 -2.86
C THR A 116 20.20 31.14 -3.86
N LYS A 117 19.23 30.57 -4.57
CA LYS A 117 18.46 31.31 -5.57
C LYS A 117 19.37 31.77 -6.70
N TRP A 118 20.43 31.01 -6.98
CA TRP A 118 21.37 31.34 -8.04
C TRP A 118 22.24 30.14 -8.39
N ILE A 119 21.77 29.33 -9.34
CA ILE A 119 22.50 28.15 -9.77
C ILE A 119 23.20 28.38 -11.10
N ALA A 120 24.52 28.26 -11.11
CA ALA A 120 25.30 28.46 -12.32
C ALA A 120 26.05 27.19 -12.71
N SER A 121 25.42 26.04 -12.49
CA SER A 121 26.03 24.77 -12.82
C SER A 121 27.34 24.57 -12.06
N SER A 122 27.92 23.39 -12.17
CA SER A 122 29.18 23.08 -11.50
C SER A 122 30.14 22.36 -12.45
N SER A 123 31.32 22.94 -12.65
CA SER A 123 32.32 22.36 -13.52
C SER A 123 33.68 22.32 -12.85
N GLY A 124 34.20 21.13 -12.62
CA GLY A 124 35.50 20.98 -11.98
C GLY A 124 35.89 19.54 -11.77
N PRO A 125 36.28 18.83 -12.84
CA PRO A 125 36.68 17.43 -12.77
C PRO A 125 37.76 17.19 -11.70
N SER A 126 37.60 16.10 -10.94
CA SER A 126 38.56 15.77 -9.89
C SER A 126 39.63 14.83 -10.42
N SER A 127 39.20 13.66 -10.90
CA SER A 127 40.14 12.67 -11.43
C SER A 127 39.63 12.11 -12.76
N GLY A 128 38.92 12.93 -13.52
CA GLY A 128 38.38 12.49 -14.79
C GLY A 128 38.19 13.65 -15.76
N GLY A 1 2.64 -24.61 14.92
CA GLY A 1 1.78 -25.76 14.53
C GLY A 1 0.30 -25.40 14.56
N SER A 2 -0.16 -24.90 15.71
CA SER A 2 -1.55 -24.52 15.87
C SER A 2 -1.70 -23.39 16.88
N SER A 3 -2.85 -22.73 16.85
CA SER A 3 -3.12 -21.63 17.78
C SER A 3 -4.55 -21.12 17.61
N GLY A 4 -5.06 -20.45 18.64
CA GLY A 4 -6.41 -19.92 18.60
C GLY A 4 -6.44 -18.41 18.69
N SER A 5 -5.38 -17.77 18.22
CA SER A 5 -5.28 -16.31 18.25
C SER A 5 -4.36 -15.80 17.15
N SER A 6 -4.96 -15.43 16.02
CA SER A 6 -4.18 -14.91 14.88
C SER A 6 -3.97 -13.41 15.00
N GLY A 7 -3.42 -12.97 16.13
CA GLY A 7 -3.18 -11.56 16.34
C GLY A 7 -1.88 -11.30 17.07
N ASP A 8 -1.67 -11.99 18.18
CA ASP A 8 -0.46 -11.83 18.97
C ASP A 8 -0.33 -10.39 19.47
N ARG A 9 0.67 -10.16 20.33
CA ARG A 9 0.91 -8.84 20.88
C ARG A 9 2.18 -8.22 20.30
N ARG A 10 2.00 -7.22 19.45
CA ARG A 10 3.14 -6.55 18.81
C ARG A 10 3.53 -5.29 19.59
N SER A 11 4.81 -4.96 19.55
CA SER A 11 5.32 -3.78 20.25
C SER A 11 5.07 -3.89 21.76
N THR A 12 5.98 -4.55 22.45
CA THR A 12 5.87 -4.73 23.90
C THR A 12 6.26 -3.46 24.64
N LEU A 13 7.21 -2.72 24.07
CA LEU A 13 7.67 -1.47 24.68
C LEU A 13 7.66 -0.34 23.67
N HIS A 14 8.05 0.85 24.12
CA HIS A 14 8.07 2.03 23.25
C HIS A 14 6.68 2.34 22.71
N LEU A 15 6.53 3.50 22.10
CA LEU A 15 5.25 3.92 21.54
C LEU A 15 5.44 5.00 20.49
N LEU A 16 5.45 4.60 19.22
CA LEU A 16 5.64 5.54 18.11
C LEU A 16 4.28 5.99 17.57
N GLN A 17 4.22 7.24 17.14
CA GLN A 17 2.98 7.81 16.58
C GLN A 17 2.75 7.32 15.16
N GLY A 18 1.69 7.80 14.54
CA GLY A 18 1.37 7.41 13.18
C GLY A 18 -0.12 7.27 12.94
N GLY A 19 -0.55 7.50 11.70
CA GLY A 19 -1.96 7.39 11.38
C GLY A 19 -2.20 7.42 9.88
N ASP A 20 -1.40 6.66 9.14
CA ASP A 20 -1.55 6.60 7.69
C ASP A 20 -1.55 5.16 7.20
N GLU A 21 -2.09 4.26 8.02
CA GLU A 21 -2.15 2.85 7.67
C GLU A 21 -3.52 2.49 7.11
N LYS A 22 -3.52 1.66 6.07
CA LYS A 22 -4.77 1.24 5.43
C LYS A 22 -4.84 -0.28 5.31
N LYS A 23 -5.73 -0.89 6.09
CA LYS A 23 -5.89 -2.34 6.08
C LYS A 23 -7.02 -2.75 5.14
N VAL A 24 -6.82 -3.85 4.42
CA VAL A 24 -7.82 -4.34 3.48
C VAL A 24 -7.99 -5.85 3.61
N ASN A 25 -9.07 -6.26 4.28
CA ASN A 25 -9.35 -7.69 4.47
C ASN A 25 -9.84 -8.33 3.18
N LEU A 26 -9.52 -9.60 3.00
CA LEU A 26 -9.93 -10.33 1.81
C LEU A 26 -10.12 -11.81 2.11
N VAL A 27 -11.15 -12.41 1.53
CA VAL A 27 -11.45 -13.82 1.74
C VAL A 27 -11.37 -14.59 0.42
N LEU A 28 -10.32 -15.39 0.27
CA LEU A 28 -10.13 -16.19 -0.93
C LEU A 28 -11.01 -17.44 -0.90
N GLY A 29 -11.94 -17.52 -1.84
CA GLY A 29 -12.84 -18.67 -1.89
C GLY A 29 -12.12 -19.93 -2.37
N ASP A 30 -11.28 -20.49 -1.50
CA ASP A 30 -10.53 -21.69 -1.83
C ASP A 30 -9.58 -21.45 -2.99
N GLY A 31 -10.11 -21.46 -4.21
CA GLY A 31 -9.29 -21.24 -5.38
C GLY A 31 -9.34 -19.81 -5.86
N ARG A 32 -8.66 -18.92 -5.15
CA ARG A 32 -8.62 -17.51 -5.51
C ARG A 32 -7.25 -16.90 -5.23
N SER A 33 -7.01 -15.71 -5.77
CA SER A 33 -5.74 -15.03 -5.59
C SER A 33 -5.94 -13.52 -5.50
N LEU A 34 -4.85 -12.80 -5.25
CA LEU A 34 -4.91 -11.34 -5.14
C LEU A 34 -4.73 -10.69 -6.51
N GLY A 35 -3.74 -11.16 -7.26
CA GLY A 35 -3.48 -10.61 -8.57
C GLY A 35 -2.67 -9.33 -8.52
N LEU A 36 -1.62 -9.34 -7.71
CA LEU A 36 -0.76 -8.16 -7.56
C LEU A 36 0.67 -8.50 -7.96
N THR A 37 1.28 -7.62 -8.77
CA THR A 37 2.65 -7.81 -9.22
C THR A 37 3.63 -7.10 -8.30
N ILE A 38 3.81 -7.66 -7.10
CA ILE A 38 4.72 -7.07 -6.11
C ILE A 38 6.17 -7.24 -6.55
N ARG A 39 7.01 -6.30 -6.14
CA ARG A 39 8.43 -6.34 -6.49
C ARG A 39 9.30 -5.89 -5.31
N GLY A 40 10.47 -6.49 -5.19
CA GLY A 40 11.37 -6.15 -4.10
C GLY A 40 11.11 -6.96 -2.85
N GLY A 41 12.12 -7.10 -2.01
CA GLY A 41 11.99 -7.86 -0.77
C GLY A 41 13.29 -8.01 -0.04
N ALA A 42 13.34 -8.98 0.88
CA ALA A 42 14.55 -9.23 1.66
C ALA A 42 15.72 -9.63 0.77
N GLU A 43 15.40 -10.27 -0.36
CA GLU A 43 16.42 -10.72 -1.29
C GLU A 43 17.17 -9.53 -1.88
N TYR A 44 16.42 -8.54 -2.36
CA TYR A 44 17.02 -7.34 -2.95
C TYR A 44 17.10 -6.21 -1.93
N GLY A 45 17.00 -6.55 -0.65
CA GLY A 45 17.07 -5.54 0.39
C GLY A 45 16.10 -4.40 0.18
N LEU A 46 15.02 -4.67 -0.54
CA LEU A 46 14.01 -3.65 -0.83
C LEU A 46 12.66 -4.04 -0.24
N GLY A 47 11.86 -3.04 0.10
CA GLY A 47 10.54 -3.31 0.65
C GLY A 47 9.62 -4.00 -0.32
N ILE A 48 8.41 -4.32 0.13
CA ILE A 48 7.43 -4.99 -0.72
C ILE A 48 6.49 -3.99 -1.38
N TYR A 49 6.82 -3.60 -2.60
CA TYR A 49 6.01 -2.65 -3.35
C TYR A 49 5.11 -3.36 -4.35
N ILE A 50 4.37 -2.59 -5.13
CA ILE A 50 3.46 -3.15 -6.13
C ILE A 50 3.67 -2.49 -7.49
N THR A 51 3.31 -3.19 -8.55
CA THR A 51 3.46 -2.67 -9.90
C THR A 51 2.67 -3.52 -10.91
N GLY A 52 1.46 -3.90 -10.53
CA GLY A 52 0.63 -4.71 -11.40
C GLY A 52 -0.68 -5.11 -10.76
N VAL A 53 -1.75 -5.11 -11.55
CA VAL A 53 -3.08 -5.47 -11.05
C VAL A 53 -3.89 -6.16 -12.13
N ASP A 54 -4.54 -7.26 -11.77
CA ASP A 54 -5.35 -8.02 -12.70
C ASP A 54 -6.82 -7.63 -12.57
N PRO A 55 -7.55 -7.54 -13.71
CA PRO A 55 -8.97 -7.17 -13.71
C PRO A 55 -9.86 -8.33 -13.27
N GLY A 56 -10.57 -8.13 -12.16
CA GLY A 56 -11.45 -9.17 -11.65
C GLY A 56 -10.93 -9.80 -10.37
N SER A 57 -9.62 -9.73 -10.17
CA SER A 57 -9.00 -10.30 -8.97
C SER A 57 -9.61 -9.69 -7.70
N GLU A 58 -9.24 -10.25 -6.56
CA GLU A 58 -9.74 -9.76 -5.28
C GLU A 58 -9.12 -8.41 -4.92
N ALA A 59 -7.83 -8.26 -5.24
CA ALA A 59 -7.11 -7.03 -4.95
C ALA A 59 -7.65 -5.87 -5.79
N GLU A 60 -7.97 -6.17 -7.05
CA GLU A 60 -8.50 -5.16 -7.97
C GLU A 60 -9.83 -4.60 -7.45
N GLY A 61 -10.68 -5.49 -6.94
CA GLY A 61 -11.96 -5.07 -6.43
C GLY A 61 -11.84 -4.27 -5.15
N SER A 62 -10.90 -4.65 -4.29
CA SER A 62 -10.69 -3.96 -3.03
C SER A 62 -10.29 -2.50 -3.26
N GLY A 63 -9.14 -2.30 -3.89
CA GLY A 63 -8.67 -0.95 -4.16
C GLY A 63 -7.15 -0.85 -4.12
N LEU A 64 -6.47 -1.81 -4.74
CA LEU A 64 -5.02 -1.82 -4.76
C LEU A 64 -4.49 -1.40 -6.14
N LYS A 65 -3.61 -0.41 -6.15
CA LYS A 65 -3.03 0.09 -7.39
C LYS A 65 -1.52 -0.15 -7.43
N VAL A 66 -0.89 0.24 -8.53
CA VAL A 66 0.54 0.06 -8.69
C VAL A 66 1.31 1.14 -7.93
N GLY A 67 2.37 0.74 -7.25
CA GLY A 67 3.18 1.68 -6.49
C GLY A 67 2.95 1.57 -5.00
N ASP A 68 1.79 1.06 -4.61
CA ASP A 68 1.46 0.91 -3.20
C ASP A 68 2.48 0.02 -2.49
N GLN A 69 2.77 0.35 -1.24
CA GLN A 69 3.73 -0.42 -0.45
C GLN A 69 3.02 -1.22 0.64
N ILE A 70 3.35 -2.51 0.71
CA ILE A 70 2.75 -3.40 1.70
C ILE A 70 3.57 -3.41 2.99
N LEU A 71 2.91 -3.14 4.11
CA LEU A 71 3.58 -3.13 5.40
C LEU A 71 3.55 -4.52 6.05
N GLU A 72 2.35 -4.99 6.37
CA GLU A 72 2.18 -6.30 6.99
C GLU A 72 1.04 -7.07 6.34
N VAL A 73 0.98 -8.37 6.60
CA VAL A 73 -0.06 -9.21 6.03
C VAL A 73 -0.35 -10.40 6.95
N ASN A 74 -1.62 -10.52 7.36
CA ASN A 74 -2.03 -11.60 8.24
C ASN A 74 -1.26 -11.57 9.56
N GLY A 75 -0.90 -10.37 9.99
CA GLY A 75 -0.16 -10.21 11.23
C GLY A 75 1.32 -10.51 11.06
N ARG A 76 1.84 -10.29 9.86
CA ARG A 76 3.25 -10.54 9.58
C ARG A 76 3.89 -9.33 8.93
N SER A 77 5.04 -8.92 9.46
CA SER A 77 5.75 -7.77 8.92
C SER A 77 6.37 -8.09 7.56
N PHE A 78 5.93 -7.36 6.54
CA PHE A 78 6.44 -7.58 5.18
C PHE A 78 7.49 -6.54 4.82
N LEU A 79 8.37 -6.25 5.79
CA LEU A 79 9.43 -5.27 5.58
C LEU A 79 10.72 -5.96 5.12
N ASN A 80 10.92 -7.20 5.58
CA ASN A 80 12.10 -7.96 5.21
C ASN A 80 11.74 -9.37 4.77
N ILE A 81 10.64 -9.49 4.02
CA ILE A 81 10.17 -10.78 3.54
C ILE A 81 10.71 -11.06 2.14
N LEU A 82 10.97 -12.34 1.86
CA LEU A 82 11.48 -12.74 0.56
C LEU A 82 10.51 -12.36 -0.55
N HIS A 83 11.01 -12.33 -1.78
CA HIS A 83 10.19 -11.99 -2.94
C HIS A 83 9.31 -13.16 -3.35
N ASP A 84 9.84 -14.37 -3.21
CA ASP A 84 9.10 -15.57 -3.57
C ASP A 84 8.11 -15.96 -2.46
N GLU A 85 8.47 -15.66 -1.23
CA GLU A 85 7.62 -15.97 -0.08
C GLU A 85 6.43 -15.01 -0.01
N ALA A 86 6.66 -13.77 -0.41
CA ALA A 86 5.61 -12.76 -0.39
C ALA A 86 4.49 -13.12 -1.36
N VAL A 87 4.84 -13.80 -2.44
CA VAL A 87 3.86 -14.21 -3.44
C VAL A 87 3.20 -15.53 -3.06
N ARG A 88 4.02 -16.53 -2.75
CA ARG A 88 3.51 -17.84 -2.36
C ARG A 88 2.63 -17.74 -1.12
N LEU A 89 3.06 -16.94 -0.15
CA LEU A 89 2.32 -16.76 1.08
C LEU A 89 1.02 -15.98 0.82
N LEU A 90 1.08 -15.04 -0.12
CA LEU A 90 -0.08 -14.23 -0.45
C LEU A 90 -1.06 -15.02 -1.32
N LYS A 91 -0.52 -15.91 -2.14
CA LYS A 91 -1.35 -16.72 -3.03
C LYS A 91 -1.36 -18.18 -2.57
N SER A 92 -2.09 -18.46 -1.50
CA SER A 92 -2.19 -19.82 -0.96
C SER A 92 -3.15 -19.87 0.21
N SER A 93 -3.02 -18.91 1.12
CA SER A 93 -3.87 -18.85 2.30
C SER A 93 -5.28 -18.41 1.93
N ARG A 94 -6.17 -18.35 2.92
CA ARG A 94 -7.55 -17.94 2.69
C ARG A 94 -7.73 -16.46 2.99
N HIS A 95 -7.75 -16.11 4.28
CA HIS A 95 -7.91 -14.72 4.70
C HIS A 95 -6.64 -13.92 4.42
N LEU A 96 -6.81 -12.76 3.78
CA LEU A 96 -5.68 -11.90 3.47
C LEU A 96 -5.97 -10.45 3.84
N ILE A 97 -5.21 -9.92 4.79
CA ILE A 97 -5.40 -8.54 5.23
C ILE A 97 -4.12 -7.73 5.05
N LEU A 98 -3.99 -7.06 3.91
CA LEU A 98 -2.82 -6.25 3.62
C LEU A 98 -2.95 -4.86 4.24
N THR A 99 -1.82 -4.31 4.68
CA THR A 99 -1.81 -2.98 5.28
C THR A 99 -0.91 -2.04 4.49
N VAL A 100 -1.44 -1.46 3.42
CA VAL A 100 -0.68 -0.53 2.59
C VAL A 100 -0.84 0.90 3.08
N LYS A 101 0.05 1.78 2.63
CA LYS A 101 0.01 3.18 3.02
C LYS A 101 -0.01 4.09 1.80
N ASP A 102 -0.20 5.38 2.03
CA ASP A 102 -0.23 6.36 0.93
C ASP A 102 1.17 6.59 0.37
N VAL A 103 1.38 6.13 -0.86
CA VAL A 103 2.68 6.29 -1.51
C VAL A 103 2.74 7.60 -2.31
N GLY A 104 1.74 7.79 -3.18
CA GLY A 104 1.70 8.99 -3.99
C GLY A 104 0.88 10.10 -3.34
N ARG A 105 1.56 11.18 -2.98
CA ARG A 105 0.89 12.32 -2.34
C ARG A 105 1.54 13.64 -2.74
N LEU A 106 2.24 13.62 -3.87
CA LEU A 106 2.92 14.82 -4.36
C LEU A 106 3.97 15.30 -3.36
N PRO A 107 5.23 14.86 -3.53
CA PRO A 107 6.32 15.25 -2.63
C PRO A 107 6.70 16.73 -2.78
N HIS A 108 7.18 17.32 -1.70
CA HIS A 108 7.57 18.73 -1.72
C HIS A 108 8.83 18.93 -2.53
N ALA A 109 9.81 18.04 -2.36
CA ALA A 109 11.07 18.12 -3.09
C ALA A 109 10.90 17.65 -4.53
N ARG A 110 11.58 18.32 -5.45
CA ARG A 110 11.51 17.96 -6.86
C ARG A 110 12.02 16.55 -7.09
N THR A 111 13.31 16.34 -6.84
CA THR A 111 13.93 15.03 -7.02
C THR A 111 13.83 14.58 -8.47
N THR A 112 14.79 15.01 -9.29
CA THR A 112 14.81 14.64 -10.69
C THR A 112 15.28 13.21 -10.88
N VAL A 113 16.34 12.83 -10.19
CA VAL A 113 16.88 11.48 -10.27
C VAL A 113 17.05 10.87 -8.88
N ASP A 114 17.97 11.42 -8.10
CA ASP A 114 18.23 10.93 -6.75
C ASP A 114 18.59 9.45 -6.77
N GLU A 115 19.22 9.01 -7.86
CA GLU A 115 19.62 7.62 -8.00
C GLU A 115 20.95 7.50 -8.73
N THR A 116 22.03 7.26 -7.99
CA THR A 116 23.35 7.12 -8.57
C THR A 116 24.16 6.05 -7.85
N LYS A 117 23.65 4.83 -7.85
CA LYS A 117 24.33 3.71 -7.19
C LYS A 117 24.08 2.41 -7.94
N TRP A 118 22.82 2.15 -8.27
CA TRP A 118 22.45 0.93 -8.98
C TRP A 118 21.58 1.25 -10.20
N ILE A 119 22.14 1.04 -11.39
CA ILE A 119 21.42 1.31 -12.62
C ILE A 119 21.43 0.09 -13.54
N ALA A 120 20.37 -0.05 -14.33
CA ALA A 120 20.26 -1.18 -15.26
C ALA A 120 20.77 -0.80 -16.64
N SER A 121 20.91 -1.80 -17.50
CA SER A 121 21.39 -1.57 -18.87
C SER A 121 20.24 -1.14 -19.79
N SER A 122 19.06 -1.71 -19.55
CA SER A 122 17.89 -1.38 -20.35
C SER A 122 16.61 -1.59 -19.54
N SER A 123 16.42 -2.81 -19.04
CA SER A 123 15.24 -3.14 -18.25
C SER A 123 15.33 -4.56 -17.72
N GLY A 124 15.35 -5.54 -18.63
CA GLY A 124 15.43 -6.93 -18.23
C GLY A 124 14.79 -7.86 -19.25
N PRO A 125 15.29 -9.09 -19.37
CA PRO A 125 14.76 -10.08 -20.32
C PRO A 125 13.40 -10.61 -19.89
N SER A 126 12.44 -10.59 -20.80
CA SER A 126 11.09 -11.08 -20.52
C SER A 126 10.32 -11.31 -21.81
N SER A 127 10.05 -10.24 -22.54
CA SER A 127 9.33 -10.33 -23.80
C SER A 127 10.21 -9.93 -24.98
N GLY A 128 9.63 -9.94 -26.17
CA GLY A 128 10.37 -9.59 -27.37
C GLY A 128 9.69 -10.03 -28.64
N GLY A 1 -6.98 15.50 49.11
CA GLY A 1 -5.74 16.17 49.63
C GLY A 1 -4.52 15.81 48.81
N SER A 2 -3.55 16.71 48.79
CA SER A 2 -2.31 16.49 48.03
C SER A 2 -2.60 16.29 46.55
N SER A 3 -2.36 17.33 45.77
CA SER A 3 -2.60 17.27 44.33
C SER A 3 -1.52 16.44 43.63
N GLY A 4 -1.70 16.22 42.34
CA GLY A 4 -0.74 15.44 41.57
C GLY A 4 -0.70 13.99 41.99
N SER A 5 -0.96 13.10 41.04
CA SER A 5 -0.95 11.66 41.32
C SER A 5 -0.40 10.89 40.14
N SER A 6 -0.32 9.57 40.28
CA SER A 6 0.19 8.70 39.22
C SER A 6 1.58 9.16 38.77
N GLY A 7 2.60 8.72 39.50
CA GLY A 7 3.97 9.10 39.16
C GLY A 7 4.94 7.95 39.34
N ASP A 8 4.85 6.96 38.45
CA ASP A 8 5.73 5.80 38.51
C ASP A 8 6.29 5.46 37.13
N ARG A 9 7.15 4.45 37.07
CA ARG A 9 7.76 4.02 35.83
C ARG A 9 7.94 2.51 35.79
N ARG A 10 7.53 1.90 34.69
CA ARG A 10 7.65 0.45 34.54
C ARG A 10 7.49 0.05 33.07
N SER A 11 6.40 0.46 32.45
CA SER A 11 6.13 0.15 31.06
C SER A 11 6.92 1.07 30.13
N THR A 12 7.14 0.61 28.91
CA THR A 12 7.88 1.39 27.93
C THR A 12 7.33 1.15 26.51
N LEU A 13 6.09 1.60 26.29
CA LEU A 13 5.45 1.43 24.99
C LEU A 13 5.35 2.78 24.27
N HIS A 14 4.80 2.75 23.06
CA HIS A 14 4.63 3.96 22.26
C HIS A 14 3.18 4.13 21.82
N LEU A 15 2.71 5.37 21.81
CA LEU A 15 1.34 5.66 21.40
C LEU A 15 1.33 6.58 20.19
N LEU A 16 2.25 6.36 19.27
CA LEU A 16 2.35 7.17 18.05
C LEU A 16 2.44 6.29 16.81
N GLN A 17 1.69 5.18 16.83
CA GLN A 17 1.70 4.26 15.70
C GLN A 17 0.44 4.45 14.84
N GLY A 18 0.63 4.43 13.53
CA GLY A 18 -0.48 4.59 12.61
C GLY A 18 -0.48 5.95 11.93
N GLY A 19 -1.65 6.40 11.49
CA GLY A 19 -1.75 7.68 10.83
C GLY A 19 -1.88 7.54 9.32
N ASP A 20 -1.05 6.69 8.72
CA ASP A 20 -1.09 6.48 7.28
C ASP A 20 -1.13 4.99 6.96
N GLU A 21 -1.74 4.20 7.84
CA GLU A 21 -1.85 2.76 7.64
C GLU A 21 -3.26 2.37 7.24
N LYS A 22 -3.38 1.59 6.17
CA LYS A 22 -4.67 1.14 5.68
C LYS A 22 -4.78 -0.38 5.75
N LYS A 23 -5.95 -0.87 6.17
CA LYS A 23 -6.18 -2.30 6.27
C LYS A 23 -7.15 -2.78 5.19
N VAL A 24 -6.74 -3.83 4.47
CA VAL A 24 -7.56 -4.38 3.40
C VAL A 24 -7.77 -5.88 3.60
N ASN A 25 -8.91 -6.24 4.19
CA ASN A 25 -9.22 -7.65 4.43
C ASN A 25 -9.78 -8.30 3.18
N LEU A 26 -9.21 -9.44 2.80
CA LEU A 26 -9.65 -10.17 1.61
C LEU A 26 -10.02 -11.60 1.96
N VAL A 27 -11.22 -12.01 1.55
CA VAL A 27 -11.69 -13.37 1.81
C VAL A 27 -11.79 -14.18 0.53
N LEU A 28 -10.89 -15.14 0.36
CA LEU A 28 -10.87 -15.98 -0.82
C LEU A 28 -11.76 -17.21 -0.63
N GLY A 29 -12.57 -17.51 -1.65
CA GLY A 29 -13.46 -18.66 -1.57
C GLY A 29 -12.71 -19.97 -1.50
N ASP A 30 -12.89 -20.82 -2.49
CA ASP A 30 -12.23 -22.12 -2.53
C ASP A 30 -10.75 -21.96 -2.89
N GLY A 31 -10.48 -21.70 -4.16
CA GLY A 31 -9.11 -21.53 -4.62
C GLY A 31 -8.94 -20.32 -5.50
N ARG A 32 -8.95 -19.13 -4.89
CA ARG A 32 -8.80 -17.88 -5.64
C ARG A 32 -7.40 -17.31 -5.45
N SER A 33 -7.17 -16.11 -5.97
CA SER A 33 -5.87 -15.46 -5.87
C SER A 33 -6.03 -13.95 -5.74
N LEU A 34 -4.91 -13.23 -5.72
CA LEU A 34 -4.94 -11.78 -5.61
C LEU A 34 -4.74 -11.12 -6.97
N GLY A 35 -3.67 -11.51 -7.67
CA GLY A 35 -3.40 -10.96 -8.97
C GLY A 35 -2.56 -9.69 -8.90
N LEU A 36 -1.74 -9.59 -7.86
CA LEU A 36 -0.89 -8.42 -7.68
C LEU A 36 0.56 -8.74 -8.02
N THR A 37 1.23 -7.80 -8.66
CA THR A 37 2.63 -7.99 -9.05
C THR A 37 3.56 -7.20 -8.13
N ILE A 38 3.83 -7.76 -6.95
CA ILE A 38 4.71 -7.10 -5.99
C ILE A 38 6.16 -7.14 -6.45
N ARG A 39 6.96 -6.22 -5.93
CA ARG A 39 8.37 -6.14 -6.29
C ARG A 39 9.23 -5.92 -5.05
N GLY A 40 10.50 -6.31 -5.14
CA GLY A 40 11.41 -6.16 -4.02
C GLY A 40 11.05 -7.04 -2.85
N GLY A 41 12.04 -7.36 -2.02
CA GLY A 41 11.81 -8.21 -0.87
C GLY A 41 12.96 -8.19 0.12
N ALA A 42 13.63 -9.32 0.25
CA ALA A 42 14.77 -9.43 1.17
C ALA A 42 16.06 -9.66 0.40
N GLU A 43 16.01 -10.52 -0.61
CA GLU A 43 17.18 -10.82 -1.42
C GLU A 43 17.72 -9.57 -2.10
N TYR A 44 16.82 -8.80 -2.70
CA TYR A 44 17.20 -7.56 -3.39
C TYR A 44 17.45 -6.44 -2.38
N GLY A 45 16.73 -6.48 -1.27
CA GLY A 45 16.89 -5.46 -0.25
C GLY A 45 15.94 -4.29 -0.45
N LEU A 46 14.78 -4.56 -1.05
CA LEU A 46 13.79 -3.53 -1.29
C LEU A 46 12.47 -3.87 -0.62
N GLY A 47 11.75 -2.84 -0.19
CA GLY A 47 10.46 -3.06 0.47
C GLY A 47 9.47 -3.77 -0.43
N ILE A 48 8.41 -4.29 0.19
CA ILE A 48 7.37 -5.00 -0.57
C ILE A 48 6.38 -4.01 -1.19
N TYR A 49 6.64 -3.61 -2.43
CA TYR A 49 5.77 -2.68 -3.13
C TYR A 49 4.89 -3.41 -4.13
N ILE A 50 4.02 -2.66 -4.80
CA ILE A 50 3.12 -3.24 -5.79
C ILE A 50 3.28 -2.57 -7.15
N THR A 51 3.06 -3.33 -8.22
CA THR A 51 3.19 -2.82 -9.57
C THR A 51 2.40 -3.69 -10.55
N GLY A 52 1.23 -4.16 -10.12
CA GLY A 52 0.41 -4.99 -10.97
C GLY A 52 -0.97 -5.21 -10.39
N VAL A 53 -2.00 -5.05 -11.24
CA VAL A 53 -3.37 -5.24 -10.81
C VAL A 53 -4.17 -6.01 -11.86
N ASP A 54 -4.31 -7.31 -11.65
CA ASP A 54 -5.06 -8.16 -12.57
C ASP A 54 -6.51 -7.70 -12.70
N PRO A 55 -6.88 -7.14 -13.87
CA PRO A 55 -8.25 -6.66 -14.09
C PRO A 55 -9.30 -7.74 -13.87
N GLY A 56 -10.18 -7.52 -12.91
CA GLY A 56 -11.22 -8.49 -12.61
C GLY A 56 -10.77 -9.52 -11.59
N SER A 57 -9.90 -9.12 -10.68
CA SER A 57 -9.39 -10.02 -9.65
C SER A 57 -9.95 -9.64 -8.28
N GLU A 58 -9.57 -10.40 -7.27
CA GLU A 58 -10.04 -10.15 -5.91
C GLU A 58 -9.37 -8.91 -5.33
N ALA A 59 -8.07 -8.78 -5.55
CA ALA A 59 -7.31 -7.64 -5.06
C ALA A 59 -7.71 -6.35 -5.78
N GLU A 60 -8.03 -6.50 -7.07
CA GLU A 60 -8.43 -5.36 -7.88
C GLU A 60 -9.76 -4.77 -7.39
N GLY A 61 -10.66 -5.65 -6.96
CA GLY A 61 -11.95 -5.20 -6.48
C GLY A 61 -11.86 -4.48 -5.14
N SER A 62 -10.86 -4.84 -4.35
CA SER A 62 -10.65 -4.23 -3.05
C SER A 62 -10.22 -2.77 -3.19
N GLY A 63 -9.01 -2.57 -3.70
CA GLY A 63 -8.49 -1.22 -3.88
C GLY A 63 -6.98 -1.17 -3.81
N LEU A 64 -6.33 -2.09 -4.51
CA LEU A 64 -4.87 -2.16 -4.52
C LEU A 64 -4.33 -1.81 -5.90
N LYS A 65 -3.70 -0.64 -6.01
CA LYS A 65 -3.14 -0.19 -7.28
C LYS A 65 -1.62 -0.14 -7.20
N VAL A 66 -0.99 0.17 -8.34
CA VAL A 66 0.47 0.26 -8.41
C VAL A 66 0.99 1.43 -7.59
N GLY A 67 2.08 1.21 -6.87
CA GLY A 67 2.66 2.27 -6.05
C GLY A 67 2.45 2.03 -4.57
N ASP A 68 1.40 1.30 -4.22
CA ASP A 68 1.09 1.00 -2.83
C ASP A 68 2.26 0.30 -2.15
N GLN A 69 2.46 0.62 -0.87
CA GLN A 69 3.55 0.03 -0.10
C GLN A 69 3.01 -0.91 0.97
N ILE A 70 3.20 -2.21 0.76
CA ILE A 70 2.73 -3.21 1.71
C ILE A 70 3.59 -3.22 2.97
N LEU A 71 2.99 -2.85 4.10
CA LEU A 71 3.70 -2.82 5.37
C LEU A 71 3.69 -4.19 6.03
N GLU A 72 2.51 -4.82 6.08
CA GLU A 72 2.37 -6.14 6.68
C GLU A 72 1.11 -6.84 6.17
N VAL A 73 1.13 -8.16 6.21
CA VAL A 73 -0.01 -8.95 5.76
C VAL A 73 -0.27 -10.13 6.70
N ASN A 74 -1.54 -10.34 7.03
CA ASN A 74 -1.92 -11.45 7.92
C ASN A 74 -1.26 -11.29 9.29
N GLY A 75 -1.01 -10.05 9.69
CA GLY A 75 -0.39 -9.78 10.96
C GLY A 75 1.06 -10.24 11.01
N ARG A 76 1.76 -10.08 9.90
CA ARG A 76 3.16 -10.47 9.82
C ARG A 76 4.00 -9.37 9.16
N SER A 77 5.19 -9.14 9.72
CA SER A 77 6.09 -8.11 9.18
C SER A 77 6.51 -8.44 7.75
N PHE A 78 6.27 -7.49 6.85
CA PHE A 78 6.63 -7.69 5.45
C PHE A 78 7.81 -6.80 5.05
N LEU A 79 8.67 -6.51 6.02
CA LEU A 79 9.83 -5.66 5.77
C LEU A 79 11.01 -6.49 5.28
N ASN A 80 11.41 -7.48 6.08
CA ASN A 80 12.52 -8.35 5.72
C ASN A 80 12.03 -9.65 5.10
N ILE A 81 10.90 -9.58 4.40
CA ILE A 81 10.33 -10.76 3.76
C ILE A 81 10.88 -10.94 2.35
N LEU A 82 11.21 -12.18 2.01
CA LEU A 82 11.75 -12.48 0.69
C LEU A 82 10.70 -12.24 -0.39
N HIS A 83 11.14 -12.20 -1.65
CA HIS A 83 10.24 -11.98 -2.77
C HIS A 83 9.39 -13.22 -3.04
N ASP A 84 10.06 -14.37 -3.14
CA ASP A 84 9.37 -15.63 -3.40
C ASP A 84 8.43 -15.98 -2.25
N GLU A 85 8.80 -15.57 -1.04
CA GLU A 85 7.98 -15.85 0.14
C GLU A 85 6.76 -14.94 0.17
N ALA A 86 6.89 -13.74 -0.37
CA ALA A 86 5.80 -12.78 -0.40
C ALA A 86 4.74 -13.19 -1.42
N VAL A 87 5.18 -13.80 -2.52
CA VAL A 87 4.28 -14.24 -3.57
C VAL A 87 3.61 -15.55 -3.20
N ARG A 88 4.32 -16.39 -2.44
CA ARG A 88 3.79 -17.67 -2.02
C ARG A 88 2.91 -17.52 -0.78
N LEU A 89 3.24 -16.54 0.06
CA LEU A 89 2.47 -16.29 1.28
C LEU A 89 1.18 -15.56 0.97
N LEU A 90 1.22 -14.68 -0.02
CA LEU A 90 0.05 -13.91 -0.42
C LEU A 90 -0.89 -14.76 -1.27
N LYS A 91 -0.32 -15.68 -2.04
CA LYS A 91 -1.11 -16.56 -2.90
C LYS A 91 -1.21 -17.95 -2.30
N SER A 92 -1.76 -18.04 -1.09
CA SER A 92 -1.91 -19.32 -0.42
C SER A 92 -3.07 -19.28 0.58
N SER A 93 -2.97 -18.40 1.56
CA SER A 93 -4.02 -18.26 2.57
C SER A 93 -5.30 -17.71 1.96
N ARG A 94 -6.43 -18.00 2.60
CA ARG A 94 -7.72 -17.53 2.12
C ARG A 94 -8.03 -16.13 2.64
N HIS A 95 -7.55 -15.84 3.84
CA HIS A 95 -7.77 -14.53 4.45
C HIS A 95 -6.51 -13.67 4.37
N LEU A 96 -6.48 -12.77 3.40
CA LEU A 96 -5.33 -11.88 3.22
C LEU A 96 -5.67 -10.44 3.62
N ILE A 97 -5.09 -10.00 4.73
CA ILE A 97 -5.33 -8.65 5.23
C ILE A 97 -4.11 -7.76 5.01
N LEU A 98 -3.88 -7.39 3.75
CA LEU A 98 -2.74 -6.54 3.41
C LEU A 98 -2.83 -5.19 4.12
N THR A 99 -1.68 -4.63 4.46
CA THR A 99 -1.62 -3.35 5.14
C THR A 99 -0.78 -2.35 4.36
N VAL A 100 -1.42 -1.65 3.43
CA VAL A 100 -0.72 -0.66 2.61
C VAL A 100 -1.05 0.75 3.05
N LYS A 101 -0.17 1.69 2.73
CA LYS A 101 -0.37 3.09 3.09
C LYS A 101 -0.78 3.92 1.87
N ASP A 102 -1.43 5.05 2.13
CA ASP A 102 -1.87 5.92 1.05
C ASP A 102 -0.68 6.59 0.36
N VAL A 103 -0.15 5.91 -0.65
CA VAL A 103 0.99 6.43 -1.39
C VAL A 103 0.54 7.24 -2.61
N GLY A 104 -0.13 6.57 -3.53
CA GLY A 104 -0.61 7.25 -4.73
C GLY A 104 -2.12 7.41 -4.74
N ARG A 105 -2.60 8.52 -4.19
CA ARG A 105 -4.03 8.79 -4.14
C ARG A 105 -4.46 9.67 -5.31
N LEU A 106 -5.43 9.19 -6.08
CA LEU A 106 -5.93 9.92 -7.23
C LEU A 106 -7.02 10.91 -6.82
N PRO A 107 -7.24 11.97 -7.62
CA PRO A 107 -8.25 12.98 -7.33
C PRO A 107 -9.67 12.46 -7.55
N HIS A 108 -10.64 13.36 -7.51
CA HIS A 108 -12.04 13.00 -7.69
C HIS A 108 -12.45 13.17 -9.15
N ALA A 109 -12.43 14.41 -9.62
CA ALA A 109 -12.80 14.71 -11.01
C ALA A 109 -12.48 16.16 -11.36
N ARG A 110 -12.37 16.43 -12.65
CA ARG A 110 -12.07 17.78 -13.12
C ARG A 110 -13.04 18.21 -14.22
N THR A 111 -12.96 17.55 -15.36
CA THR A 111 -13.83 17.87 -16.49
C THR A 111 -15.00 16.89 -16.56
N THR A 112 -15.86 17.06 -17.56
CA THR A 112 -17.01 16.20 -17.74
C THR A 112 -16.86 15.33 -18.99
N VAL A 113 -16.43 15.96 -20.08
CA VAL A 113 -16.25 15.25 -21.34
C VAL A 113 -15.74 16.19 -22.43
N ASP A 114 -16.24 17.43 -22.43
CA ASP A 114 -15.84 18.42 -23.42
C ASP A 114 -16.26 17.98 -24.81
N GLU A 115 -17.54 17.70 -24.98
CA GLU A 115 -18.07 17.28 -26.28
C GLU A 115 -19.60 17.32 -26.29
N THR A 116 -20.14 18.55 -26.29
CA THR A 116 -21.59 18.73 -26.30
C THR A 116 -22.01 19.57 -27.50
N LYS A 117 -22.08 18.94 -28.67
CA LYS A 117 -22.48 19.63 -29.89
C LYS A 117 -24.00 19.67 -30.03
N TRP A 118 -24.59 20.79 -29.64
CA TRP A 118 -26.03 20.96 -29.71
C TRP A 118 -26.42 22.43 -29.65
N ILE A 119 -26.47 23.09 -30.81
CA ILE A 119 -26.82 24.50 -30.88
C ILE A 119 -28.21 24.68 -31.49
N ALA A 120 -29.08 23.71 -31.26
CA ALA A 120 -30.44 23.77 -31.79
C ALA A 120 -31.36 22.82 -31.04
N SER A 121 -32.61 22.74 -31.48
CA SER A 121 -33.59 21.87 -30.85
C SER A 121 -34.12 20.83 -31.84
N SER A 122 -33.30 19.82 -32.12
CA SER A 122 -33.69 18.76 -33.04
C SER A 122 -34.12 17.51 -32.28
N SER A 123 -35.24 16.93 -32.69
CA SER A 123 -35.76 15.73 -32.05
C SER A 123 -36.93 15.14 -32.86
N GLY A 124 -37.40 13.97 -32.43
CA GLY A 124 -38.49 13.32 -33.13
C GLY A 124 -38.18 11.87 -33.47
N PRO A 125 -39.19 11.00 -33.49
CA PRO A 125 -39.00 9.58 -33.81
C PRO A 125 -38.72 9.36 -35.29
N SER A 126 -39.00 10.36 -36.11
CA SER A 126 -38.78 10.27 -37.56
C SER A 126 -38.36 11.62 -38.13
N SER A 127 -39.06 12.67 -37.73
CA SER A 127 -38.77 14.02 -38.21
C SER A 127 -39.07 14.14 -39.70
N GLY A 128 -40.15 14.85 -40.03
CA GLY A 128 -40.54 15.03 -41.41
C GLY A 128 -40.32 16.45 -41.89
N GLY A 1 -4.76 -6.51 14.47
CA GLY A 1 -5.78 -5.99 15.43
C GLY A 1 -6.71 -7.08 15.93
N SER A 2 -8.01 -6.81 15.85
CA SER A 2 -9.02 -7.77 16.28
C SER A 2 -8.90 -8.05 17.78
N SER A 3 -10.04 -8.02 18.47
CA SER A 3 -10.07 -8.26 19.91
C SER A 3 -9.23 -7.23 20.66
N GLY A 4 -9.11 -7.40 21.97
CA GLY A 4 -8.33 -6.48 22.77
C GLY A 4 -8.96 -6.22 24.12
N SER A 5 -8.22 -5.52 24.98
CA SER A 5 -8.72 -5.21 26.32
C SER A 5 -8.13 -3.89 26.83
N SER A 6 -7.84 -2.99 25.89
CA SER A 6 -7.26 -1.69 26.24
C SER A 6 -5.93 -1.86 26.97
N GLY A 7 -4.84 -1.72 26.23
CA GLY A 7 -3.52 -1.86 26.82
C GLY A 7 -2.44 -1.17 26.02
N ASP A 8 -2.31 0.14 26.22
CA ASP A 8 -1.30 0.93 25.50
C ASP A 8 0.05 0.83 26.19
N ARG A 9 0.74 -0.29 25.98
CA ARG A 9 2.05 -0.50 26.57
C ARG A 9 3.06 -0.97 25.54
N ARG A 10 2.66 -1.95 24.72
CA ARG A 10 3.52 -2.49 23.68
C ARG A 10 3.43 -1.66 22.41
N SER A 11 2.26 -1.69 21.77
CA SER A 11 2.05 -0.95 20.53
C SER A 11 3.01 -1.40 19.45
N THR A 12 2.78 -0.93 18.22
CA THR A 12 3.64 -1.28 17.09
C THR A 12 4.28 -0.04 16.49
N LEU A 13 3.46 0.82 15.90
CA LEU A 13 3.95 2.05 15.28
C LEU A 13 3.07 3.23 15.65
N HIS A 14 3.63 4.17 16.41
CA HIS A 14 2.91 5.36 16.83
C HIS A 14 2.72 6.33 15.67
N LEU A 15 3.82 6.92 15.23
CA LEU A 15 3.79 7.87 14.12
C LEU A 15 5.07 7.83 13.31
N LEU A 16 5.06 7.09 12.21
CA LEU A 16 6.22 6.97 11.35
C LEU A 16 6.13 7.92 10.17
N GLN A 17 4.91 8.19 9.72
CA GLN A 17 4.69 9.09 8.60
C GLN A 17 3.49 9.99 8.85
N GLY A 18 3.18 10.84 7.88
CA GLY A 18 2.06 11.74 8.02
C GLY A 18 0.81 11.23 7.32
N GLY A 19 0.62 9.92 7.35
CA GLY A 19 -0.55 9.32 6.72
C GLY A 19 -1.23 8.31 7.61
N ASP A 20 -2.15 7.54 7.02
CA ASP A 20 -2.89 6.53 7.77
C ASP A 20 -2.66 5.14 7.18
N GLU A 21 -2.92 4.11 7.98
CA GLU A 21 -2.74 2.73 7.53
C GLU A 21 -4.04 2.17 6.95
N LYS A 22 -4.00 1.73 5.70
CA LYS A 22 -5.16 1.18 5.03
C LYS A 22 -5.15 -0.34 5.10
N LYS A 23 -6.22 -0.91 5.66
CA LYS A 23 -6.33 -2.36 5.78
C LYS A 23 -7.33 -2.92 4.76
N VAL A 24 -6.97 -4.02 4.13
CA VAL A 24 -7.83 -4.65 3.14
C VAL A 24 -8.02 -6.13 3.45
N ASN A 25 -9.04 -6.44 4.23
CA ASN A 25 -9.34 -7.82 4.61
C ASN A 25 -10.07 -8.54 3.48
N LEU A 26 -9.34 -9.32 2.70
CA LEU A 26 -9.91 -10.07 1.59
C LEU A 26 -9.96 -11.56 1.91
N VAL A 27 -11.14 -12.15 1.75
CA VAL A 27 -11.33 -13.58 2.02
C VAL A 27 -11.32 -14.38 0.72
N LEU A 28 -10.46 -15.40 0.68
CA LEU A 28 -10.35 -16.25 -0.49
C LEU A 28 -10.92 -17.64 -0.21
N GLY A 29 -10.72 -18.57 -1.15
CA GLY A 29 -11.23 -19.91 -0.98
C GLY A 29 -10.19 -20.97 -1.29
N ASP A 30 -8.96 -20.74 -0.83
CA ASP A 30 -7.88 -21.68 -1.05
C ASP A 30 -7.66 -21.93 -2.55
N GLY A 31 -7.94 -20.91 -3.35
CA GLY A 31 -7.78 -21.03 -4.79
C GLY A 31 -7.65 -19.68 -5.47
N ARG A 32 -8.46 -18.72 -5.04
CA ARG A 32 -8.44 -17.38 -5.62
C ARG A 32 -7.06 -16.76 -5.49
N SER A 33 -6.96 -15.47 -5.81
CA SER A 33 -5.69 -14.76 -5.72
C SER A 33 -5.91 -13.25 -5.82
N LEU A 34 -5.04 -12.50 -5.15
CA LEU A 34 -5.14 -11.04 -5.17
C LEU A 34 -4.96 -10.49 -6.57
N GLY A 35 -4.10 -11.13 -7.34
CA GLY A 35 -3.86 -10.70 -8.72
C GLY A 35 -3.03 -9.43 -8.78
N LEU A 36 -1.88 -9.44 -8.11
CA LEU A 36 -0.99 -8.28 -8.09
C LEU A 36 0.45 -8.69 -8.36
N THR A 37 1.26 -7.74 -8.80
CA THR A 37 2.66 -8.00 -9.10
C THR A 37 3.58 -7.25 -8.15
N ILE A 38 3.90 -7.87 -7.01
CA ILE A 38 4.76 -7.26 -6.02
C ILE A 38 6.20 -7.15 -6.52
N ARG A 39 7.01 -6.37 -5.82
CA ARG A 39 8.41 -6.19 -6.19
C ARG A 39 9.31 -6.21 -4.97
N GLY A 40 10.61 -6.10 -5.19
CA GLY A 40 11.56 -6.10 -4.10
C GLY A 40 11.53 -7.40 -3.31
N GLY A 41 12.06 -7.37 -2.09
CA GLY A 41 12.07 -8.56 -1.25
C GLY A 41 13.28 -8.61 -0.35
N ALA A 42 13.45 -9.73 0.35
CA ALA A 42 14.58 -9.91 1.25
C ALA A 42 15.83 -10.31 0.48
N GLU A 43 15.66 -11.10 -0.57
CA GLU A 43 16.78 -11.55 -1.38
C GLU A 43 17.51 -10.36 -2.00
N TYR A 44 16.78 -9.29 -2.28
CA TYR A 44 17.37 -8.10 -2.87
C TYR A 44 17.61 -7.03 -1.80
N GLY A 45 16.76 -7.02 -0.78
CA GLY A 45 16.90 -6.04 0.28
C GLY A 45 16.02 -4.83 0.08
N LEU A 46 14.86 -5.05 -0.53
CA LEU A 46 13.93 -3.95 -0.79
C LEU A 46 12.55 -4.27 -0.20
N GLY A 47 11.78 -3.23 0.08
CA GLY A 47 10.45 -3.42 0.64
C GLY A 47 9.53 -4.16 -0.30
N ILE A 48 8.30 -4.42 0.16
CA ILE A 48 7.32 -5.14 -0.65
C ILE A 48 6.27 -4.19 -1.21
N TYR A 49 6.52 -3.69 -2.41
CA TYR A 49 5.59 -2.77 -3.07
C TYR A 49 4.66 -3.51 -4.02
N ILE A 50 3.79 -2.77 -4.70
CA ILE A 50 2.86 -3.35 -5.64
C ILE A 50 2.94 -2.66 -7.00
N THR A 51 3.14 -3.45 -8.05
CA THR A 51 3.24 -2.92 -9.41
C THR A 51 2.50 -3.81 -10.39
N GLY A 52 1.34 -4.30 -9.98
CA GLY A 52 0.55 -5.16 -10.85
C GLY A 52 -0.90 -5.24 -10.41
N VAL A 53 -1.81 -5.15 -11.37
CA VAL A 53 -3.24 -5.22 -11.08
C VAL A 53 -4.00 -5.90 -12.22
N ASP A 54 -4.59 -7.05 -11.93
CA ASP A 54 -5.34 -7.80 -12.92
C ASP A 54 -6.82 -7.40 -12.91
N PRO A 55 -7.44 -7.26 -14.09
CA PRO A 55 -8.85 -6.88 -14.20
C PRO A 55 -9.79 -8.03 -13.86
N GLY A 56 -10.57 -7.86 -12.79
CA GLY A 56 -11.50 -8.90 -12.38
C GLY A 56 -10.97 -9.73 -11.23
N SER A 57 -10.21 -9.10 -10.35
CA SER A 57 -9.63 -9.79 -9.20
C SER A 57 -10.19 -9.22 -7.89
N GLU A 58 -9.91 -9.91 -6.79
CA GLU A 58 -10.39 -9.48 -5.48
C GLU A 58 -9.72 -8.18 -5.07
N ALA A 59 -8.44 -8.04 -5.41
CA ALA A 59 -7.68 -6.84 -5.07
C ALA A 59 -8.13 -5.65 -5.90
N GLU A 60 -8.37 -5.89 -7.19
CA GLU A 60 -8.81 -4.84 -8.10
C GLU A 60 -10.15 -4.25 -7.65
N GLY A 61 -10.97 -5.08 -7.03
CA GLY A 61 -12.26 -4.63 -6.55
C GLY A 61 -12.17 -3.93 -5.21
N SER A 62 -11.20 -4.33 -4.40
CA SER A 62 -11.01 -3.74 -3.08
C SER A 62 -10.53 -2.31 -3.18
N GLY A 63 -9.50 -2.09 -3.99
CA GLY A 63 -8.96 -0.76 -4.17
C GLY A 63 -7.44 -0.73 -4.07
N LEU A 64 -6.79 -1.69 -4.72
CA LEU A 64 -5.34 -1.77 -4.71
C LEU A 64 -4.75 -1.33 -6.05
N LYS A 65 -3.85 -0.36 -6.00
CA LYS A 65 -3.22 0.15 -7.22
C LYS A 65 -1.71 0.00 -7.14
N VAL A 66 -1.02 0.31 -8.25
CA VAL A 66 0.42 0.20 -8.31
C VAL A 66 1.09 1.38 -7.62
N GLY A 67 2.14 1.10 -6.86
CA GLY A 67 2.86 2.15 -6.15
C GLY A 67 2.74 2.02 -4.65
N ASP A 68 1.65 1.42 -4.18
CA ASP A 68 1.43 1.23 -2.75
C ASP A 68 2.51 0.33 -2.16
N GLN A 69 2.79 0.53 -0.87
CA GLN A 69 3.80 -0.25 -0.17
C GLN A 69 3.15 -1.14 0.89
N ILE A 70 3.32 -2.45 0.74
CA ILE A 70 2.76 -3.41 1.68
C ILE A 70 3.54 -3.40 3.00
N LEU A 71 2.90 -2.96 4.06
CA LEU A 71 3.53 -2.91 5.37
C LEU A 71 3.55 -4.28 6.02
N GLU A 72 2.36 -4.87 6.17
CA GLU A 72 2.23 -6.19 6.78
C GLU A 72 0.99 -6.91 6.28
N VAL A 73 0.95 -8.23 6.47
CA VAL A 73 -0.19 -9.02 6.03
C VAL A 73 -0.57 -10.05 7.09
N ASN A 74 -1.81 -10.00 7.54
CA ASN A 74 -2.29 -10.92 8.56
C ASN A 74 -1.48 -10.80 9.85
N GLY A 75 -1.03 -9.59 10.13
CA GLY A 75 -0.25 -9.36 11.34
C GLY A 75 1.19 -9.85 11.19
N ARG A 76 1.69 -9.86 9.96
CA ARG A 76 3.04 -10.31 9.69
C ARG A 76 3.84 -9.21 8.98
N SER A 77 4.98 -8.85 9.56
CA SER A 77 5.84 -7.81 8.98
C SER A 77 6.42 -8.28 7.65
N PHE A 78 6.11 -7.54 6.59
CA PHE A 78 6.60 -7.88 5.26
C PHE A 78 7.82 -7.03 4.90
N LEU A 79 8.63 -6.72 5.91
CA LEU A 79 9.83 -5.91 5.70
C LEU A 79 10.99 -6.77 5.23
N ASN A 80 11.29 -7.83 5.98
CA ASN A 80 12.37 -8.74 5.63
C ASN A 80 11.83 -10.04 5.06
N ILE A 81 10.84 -9.93 4.18
CA ILE A 81 10.23 -11.10 3.55
C ILE A 81 10.83 -11.36 2.17
N LEU A 82 10.92 -12.63 1.80
CA LEU A 82 11.47 -13.01 0.51
C LEU A 82 10.49 -12.70 -0.62
N HIS A 83 11.02 -12.39 -1.79
CA HIS A 83 10.18 -12.08 -2.95
C HIS A 83 9.28 -13.26 -3.31
N ASP A 84 9.87 -14.46 -3.34
CA ASP A 84 9.12 -15.66 -3.66
C ASP A 84 8.16 -16.02 -2.54
N GLU A 85 8.59 -15.83 -1.31
CA GLU A 85 7.77 -16.13 -0.14
C GLU A 85 6.53 -15.25 -0.11
N ALA A 86 6.72 -13.96 -0.39
CA ALA A 86 5.62 -13.00 -0.40
C ALA A 86 4.56 -13.39 -1.43
N VAL A 87 5.01 -13.91 -2.57
CA VAL A 87 4.11 -14.32 -3.64
C VAL A 87 3.28 -15.51 -3.22
N ARG A 88 3.93 -16.51 -2.62
CA ARG A 88 3.26 -17.71 -2.17
C ARG A 88 2.33 -17.41 -0.99
N LEU A 89 2.86 -16.67 0.00
CA LEU A 89 2.08 -16.31 1.18
C LEU A 89 0.85 -15.49 0.78
N LEU A 90 0.97 -14.72 -0.29
CA LEU A 90 -0.14 -13.90 -0.77
C LEU A 90 -1.06 -14.70 -1.68
N LYS A 91 -0.48 -15.67 -2.39
CA LYS A 91 -1.25 -16.51 -3.31
C LYS A 91 -1.28 -17.96 -2.82
N SER A 92 -1.99 -18.19 -1.72
CA SER A 92 -2.09 -19.54 -1.15
C SER A 92 -3.03 -19.54 0.06
N SER A 93 -2.87 -18.55 0.92
CA SER A 93 -3.69 -18.44 2.12
C SER A 93 -5.10 -17.99 1.77
N ARG A 94 -6.02 -18.13 2.73
CA ARG A 94 -7.41 -17.74 2.52
C ARG A 94 -7.59 -16.24 2.77
N HIS A 95 -7.60 -15.85 4.04
CA HIS A 95 -7.76 -14.46 4.41
C HIS A 95 -6.46 -13.69 4.25
N LEU A 96 -6.50 -12.57 3.53
CA LEU A 96 -5.32 -11.74 3.31
C LEU A 96 -5.61 -10.28 3.63
N ILE A 97 -5.15 -9.83 4.78
CA ILE A 97 -5.35 -8.45 5.20
C ILE A 97 -4.10 -7.62 4.97
N LEU A 98 -3.95 -7.10 3.76
CA LEU A 98 -2.80 -6.28 3.41
C LEU A 98 -2.89 -4.90 4.04
N THR A 99 -1.75 -4.33 4.39
CA THR A 99 -1.70 -3.01 5.01
C THR A 99 -0.82 -2.07 4.20
N VAL A 100 -1.41 -1.44 3.19
CA VAL A 100 -0.68 -0.51 2.34
C VAL A 100 -0.98 0.94 2.72
N LYS A 101 0.04 1.79 2.64
CA LYS A 101 -0.12 3.20 2.97
C LYS A 101 -0.29 4.04 1.72
N ASP A 102 -0.84 5.24 1.88
CA ASP A 102 -1.07 6.15 0.76
C ASP A 102 0.25 6.53 0.09
N VAL A 103 0.51 5.96 -1.09
CA VAL A 103 1.72 6.25 -1.82
C VAL A 103 1.42 6.75 -3.23
N GLY A 104 1.00 8.00 -3.31
CA GLY A 104 0.68 8.59 -4.60
C GLY A 104 0.18 10.02 -4.48
N ARG A 105 0.78 10.77 -3.56
CA ARG A 105 0.40 12.17 -3.35
C ARG A 105 1.55 13.11 -3.71
N LEU A 106 2.76 12.75 -3.25
CA LEU A 106 3.94 13.57 -3.53
C LEU A 106 5.14 12.69 -3.83
N PRO A 107 6.18 13.25 -4.48
CA PRO A 107 7.40 12.50 -4.81
C PRO A 107 8.00 11.79 -3.60
N HIS A 108 8.29 10.51 -3.76
CA HIS A 108 8.87 9.72 -2.68
C HIS A 108 9.21 8.31 -3.16
N ALA A 109 10.43 7.87 -2.88
CA ALA A 109 10.88 6.54 -3.28
C ALA A 109 11.02 6.44 -4.79
N ARG A 110 9.88 6.46 -5.49
CA ARG A 110 9.87 6.37 -6.94
C ARG A 110 8.58 6.94 -7.51
N THR A 111 8.69 7.69 -8.61
CA THR A 111 7.53 8.29 -9.25
C THR A 111 7.66 8.22 -10.78
N THR A 112 6.57 7.87 -11.43
CA THR A 112 6.55 7.77 -12.89
C THR A 112 5.13 7.94 -13.44
N VAL A 113 4.37 8.82 -12.81
CA VAL A 113 2.99 9.07 -13.23
C VAL A 113 2.85 10.48 -13.80
N ASP A 114 3.53 11.44 -13.18
CA ASP A 114 3.48 12.83 -13.64
C ASP A 114 4.31 13.02 -14.90
N GLU A 115 3.63 13.08 -16.04
CA GLU A 115 4.31 13.26 -17.32
C GLU A 115 3.41 13.99 -18.31
N THR A 116 2.56 14.86 -17.79
CA THR A 116 1.64 15.62 -18.63
C THR A 116 2.03 17.10 -18.67
N LYS A 117 3.34 17.36 -18.72
CA LYS A 117 3.83 18.73 -18.75
C LYS A 117 3.94 19.24 -20.19
N TRP A 118 3.29 20.37 -20.46
CA TRP A 118 3.32 20.96 -21.80
C TRP A 118 2.72 20.01 -22.82
N ILE A 119 2.60 20.48 -24.06
CA ILE A 119 2.06 19.66 -25.14
C ILE A 119 3.14 18.81 -25.80
N ALA A 120 2.73 17.71 -26.41
CA ALA A 120 3.67 16.82 -27.09
C ALA A 120 2.97 16.01 -28.17
N SER A 121 3.76 15.30 -28.97
CA SER A 121 3.21 14.48 -30.05
C SER A 121 3.82 13.08 -30.02
N SER A 122 3.88 12.49 -28.84
CA SER A 122 4.44 11.16 -28.68
C SER A 122 3.99 10.53 -27.37
N SER A 123 2.98 9.67 -27.44
CA SER A 123 2.45 9.01 -26.25
C SER A 123 1.44 7.93 -26.64
N GLY A 124 1.49 6.81 -25.93
CA GLY A 124 0.58 5.71 -26.21
C GLY A 124 0.85 4.49 -25.35
N PRO A 125 0.81 4.64 -24.02
CA PRO A 125 1.06 3.52 -23.10
C PRO A 125 -0.07 2.50 -23.10
N SER A 126 -1.31 2.99 -23.05
CA SER A 126 -2.48 2.13 -23.04
C SER A 126 -3.15 2.10 -24.41
N SER A 127 -3.39 0.90 -24.92
CA SER A 127 -4.02 0.73 -26.23
C SER A 127 -5.14 -0.31 -26.16
N GLY A 128 -6.34 0.09 -26.57
CA GLY A 128 -7.47 -0.81 -26.55
C GLY A 128 -8.36 -0.65 -27.76
N GLY A 1 27.75 1.44 14.63
CA GLY A 1 27.43 2.83 14.23
C GLY A 1 26.46 2.89 13.06
N SER A 2 25.90 4.07 12.82
CA SER A 2 24.96 4.25 11.72
C SER A 2 25.68 4.24 10.38
N SER A 3 26.92 4.70 10.38
CA SER A 3 27.71 4.75 9.15
C SER A 3 27.05 5.63 8.10
N GLY A 4 27.33 6.93 8.17
CA GLY A 4 26.76 7.86 7.22
C GLY A 4 25.81 8.85 7.87
N SER A 5 24.79 8.32 8.55
CA SER A 5 23.82 9.18 9.22
C SER A 5 23.10 10.08 8.22
N SER A 6 22.16 10.87 8.73
CA SER A 6 21.39 11.79 7.88
C SER A 6 21.14 13.10 8.60
N GLY A 7 20.49 14.03 7.91
CA GLY A 7 20.20 15.33 8.49
C GLY A 7 21.45 16.15 8.75
N ASP A 8 21.60 17.24 8.01
CA ASP A 8 22.76 18.12 8.17
C ASP A 8 22.71 18.85 9.51
N ARG A 9 21.62 19.59 9.73
CA ARG A 9 21.45 20.34 10.96
C ARG A 9 20.54 19.59 11.94
N ARG A 10 21.06 18.51 12.51
CA ARG A 10 20.31 17.70 13.46
C ARG A 10 21.15 16.56 14.00
N SER A 11 20.51 15.63 14.70
CA SER A 11 21.22 14.48 15.27
C SER A 11 20.47 13.18 14.96
N THR A 12 19.40 12.93 15.70
CA THR A 12 18.61 11.72 15.50
C THR A 12 17.12 12.02 15.65
N LEU A 13 16.39 11.94 14.53
CA LEU A 13 14.95 12.21 14.55
C LEU A 13 14.18 10.99 14.03
N HIS A 14 13.50 10.30 14.93
CA HIS A 14 12.72 9.12 14.56
C HIS A 14 11.22 9.40 14.67
N LEU A 15 10.86 10.30 15.59
CA LEU A 15 9.46 10.65 15.79
C LEU A 15 8.85 11.21 14.51
N LEU A 16 8.05 10.39 13.84
CA LEU A 16 7.41 10.81 12.60
C LEU A 16 6.00 11.33 12.86
N GLN A 17 5.60 12.35 12.12
CA GLN A 17 4.27 12.95 12.27
C GLN A 17 3.26 12.24 11.40
N GLY A 18 3.71 11.73 10.25
CA GLY A 18 2.82 11.05 9.33
C GLY A 18 2.92 9.54 9.46
N GLY A 19 1.81 8.91 9.88
CA GLY A 19 1.80 7.47 10.04
C GLY A 19 0.43 6.88 9.82
N ASP A 20 -0.19 7.20 8.68
CA ASP A 20 -1.51 6.70 8.36
C ASP A 20 -1.43 5.34 7.68
N GLU A 21 -1.77 4.29 8.42
CA GLU A 21 -1.74 2.93 7.89
C GLU A 21 -3.14 2.43 7.56
N LYS A 22 -3.28 1.83 6.38
CA LYS A 22 -4.57 1.31 5.94
C LYS A 22 -4.55 -0.21 5.85
N LYS A 23 -5.65 -0.84 6.23
CA LYS A 23 -5.76 -2.30 6.19
C LYS A 23 -6.82 -2.74 5.19
N VAL A 24 -6.52 -3.80 4.45
CA VAL A 24 -7.45 -4.32 3.46
C VAL A 24 -7.67 -5.82 3.65
N ASN A 25 -8.86 -6.18 4.11
CA ASN A 25 -9.20 -7.58 4.34
C ASN A 25 -9.76 -8.23 3.08
N LEU A 26 -9.12 -9.29 2.63
CA LEU A 26 -9.55 -10.00 1.43
C LEU A 26 -9.91 -11.45 1.74
N VAL A 27 -11.19 -11.75 1.75
CA VAL A 27 -11.67 -13.10 2.02
C VAL A 27 -11.80 -13.92 0.75
N LEU A 28 -11.01 -14.98 0.64
CA LEU A 28 -11.05 -15.85 -0.54
C LEU A 28 -11.81 -17.12 -0.25
N GLY A 29 -12.29 -17.78 -1.30
CA GLY A 29 -13.04 -19.00 -1.15
C GLY A 29 -12.15 -20.18 -0.81
N ASP A 30 -11.18 -20.44 -1.67
CA ASP A 30 -10.25 -21.55 -1.45
C ASP A 30 -9.01 -21.41 -2.33
N GLY A 31 -8.63 -20.17 -2.60
CA GLY A 31 -7.47 -19.91 -3.44
C GLY A 31 -7.78 -19.08 -4.66
N ARG A 32 -8.54 -18.00 -4.46
CA ARG A 32 -8.92 -17.12 -5.55
C ARG A 32 -7.78 -16.18 -5.94
N SER A 33 -6.68 -16.24 -5.19
CA SER A 33 -5.53 -15.38 -5.46
C SER A 33 -5.91 -13.91 -5.36
N LEU A 34 -4.92 -13.04 -5.55
CA LEU A 34 -5.15 -11.60 -5.48
C LEU A 34 -4.97 -10.95 -6.85
N GLY A 35 -3.85 -11.25 -7.50
CA GLY A 35 -3.57 -10.69 -8.80
C GLY A 35 -2.75 -9.41 -8.72
N LEU A 36 -1.66 -9.46 -7.97
CA LEU A 36 -0.79 -8.30 -7.83
C LEU A 36 0.68 -8.69 -7.98
N THR A 37 1.40 -7.92 -8.80
CA THR A 37 2.81 -8.19 -9.04
C THR A 37 3.69 -7.33 -8.14
N ILE A 38 3.99 -7.83 -6.94
CA ILE A 38 4.81 -7.11 -5.99
C ILE A 38 6.27 -7.08 -6.44
N ARG A 39 7.06 -6.24 -5.77
CA ARG A 39 8.48 -6.12 -6.10
C ARG A 39 9.32 -5.97 -4.84
N GLY A 40 10.64 -6.07 -4.99
CA GLY A 40 11.54 -5.94 -3.85
C GLY A 40 11.43 -7.11 -2.90
N GLY A 41 12.39 -7.22 -2.00
CA GLY A 41 12.39 -8.31 -1.03
C GLY A 41 13.58 -8.26 -0.10
N ALA A 42 13.79 -9.34 0.65
CA ALA A 42 14.90 -9.42 1.59
C ALA A 42 16.22 -9.69 0.86
N GLU A 43 16.15 -10.50 -0.19
CA GLU A 43 17.33 -10.82 -0.97
C GLU A 43 17.96 -9.57 -1.57
N TYR A 44 17.14 -8.77 -2.25
CA TYR A 44 17.62 -7.54 -2.88
C TYR A 44 17.81 -6.45 -1.83
N GLY A 45 17.02 -6.51 -0.77
CA GLY A 45 17.13 -5.51 0.29
C GLY A 45 16.14 -4.37 0.10
N LEU A 46 15.00 -4.68 -0.51
CA LEU A 46 13.96 -3.68 -0.74
C LEU A 46 12.64 -4.09 -0.11
N GLY A 47 11.76 -3.12 0.13
CA GLY A 47 10.48 -3.41 0.73
C GLY A 47 9.60 -4.25 -0.16
N ILE A 48 8.28 -4.06 -0.05
CA ILE A 48 7.33 -4.81 -0.86
C ILE A 48 6.33 -3.87 -1.53
N TYR A 49 6.63 -3.46 -2.76
CA TYR A 49 5.77 -2.56 -3.51
C TYR A 49 4.77 -3.35 -4.36
N ILE A 50 3.97 -2.63 -5.14
CA ILE A 50 2.98 -3.27 -6.00
C ILE A 50 3.03 -2.70 -7.41
N THR A 51 3.31 -3.55 -8.39
CA THR A 51 3.39 -3.14 -9.77
C THR A 51 2.62 -4.09 -10.68
N GLY A 52 1.40 -4.43 -10.27
CA GLY A 52 0.58 -5.34 -11.05
C GLY A 52 -0.83 -5.46 -10.52
N VAL A 53 -1.80 -5.57 -11.42
CA VAL A 53 -3.20 -5.70 -11.03
C VAL A 53 -3.99 -6.47 -12.07
N ASP A 54 -4.60 -7.58 -11.67
CA ASP A 54 -5.39 -8.40 -12.57
C ASP A 54 -6.76 -7.76 -12.84
N PRO A 55 -7.29 -7.92 -14.06
CA PRO A 55 -8.58 -7.36 -14.43
C PRO A 55 -9.75 -8.12 -13.79
N GLY A 56 -10.42 -7.46 -12.84
CA GLY A 56 -11.55 -8.09 -12.16
C GLY A 56 -11.10 -9.08 -11.11
N SER A 57 -10.00 -8.78 -10.43
CA SER A 57 -9.47 -9.65 -9.38
C SER A 57 -9.98 -9.21 -8.02
N GLU A 58 -9.67 -10.00 -6.99
CA GLU A 58 -10.09 -9.70 -5.63
C GLU A 58 -9.45 -8.41 -5.14
N ALA A 59 -8.18 -8.21 -5.51
CA ALA A 59 -7.46 -7.01 -5.11
C ALA A 59 -7.92 -5.78 -5.89
N GLU A 60 -8.33 -6.01 -7.13
CA GLU A 60 -8.81 -4.93 -7.99
C GLU A 60 -10.14 -4.38 -7.49
N GLY A 61 -10.96 -5.25 -6.92
CA GLY A 61 -12.25 -4.84 -6.40
C GLY A 61 -12.13 -4.02 -5.13
N SER A 62 -11.29 -4.48 -4.22
CA SER A 62 -11.09 -3.79 -2.95
C SER A 62 -10.56 -2.37 -3.17
N GLY A 63 -9.66 -2.24 -4.14
CA GLY A 63 -9.09 -0.93 -4.44
C GLY A 63 -7.58 -0.92 -4.35
N LEU A 64 -6.95 -2.00 -4.84
CA LEU A 64 -5.50 -2.10 -4.80
C LEU A 64 -4.91 -1.86 -6.19
N LYS A 65 -4.24 -0.72 -6.35
CA LYS A 65 -3.63 -0.36 -7.63
C LYS A 65 -2.11 -0.35 -7.51
N VAL A 66 -1.44 -0.13 -8.63
CA VAL A 66 0.01 -0.09 -8.67
C VAL A 66 0.56 1.14 -7.94
N GLY A 67 1.76 1.02 -7.39
CA GLY A 67 2.37 2.12 -6.68
C GLY A 67 2.06 2.10 -5.20
N ASP A 68 1.80 0.91 -4.67
CA ASP A 68 1.48 0.75 -3.26
C ASP A 68 2.61 0.02 -2.52
N GLN A 69 2.73 0.28 -1.23
CA GLN A 69 3.76 -0.36 -0.42
C GLN A 69 3.15 -1.16 0.73
N ILE A 70 3.28 -2.48 0.64
CA ILE A 70 2.74 -3.37 1.68
C ILE A 70 3.59 -3.32 2.93
N LEU A 71 2.93 -3.24 4.09
CA LEU A 71 3.63 -3.19 5.37
C LEU A 71 3.58 -4.54 6.06
N GLU A 72 2.37 -5.10 6.18
CA GLU A 72 2.19 -6.39 6.83
C GLU A 72 0.96 -7.11 6.28
N VAL A 73 0.94 -8.43 6.41
CA VAL A 73 -0.18 -9.23 5.92
C VAL A 73 -0.53 -10.33 6.92
N ASN A 74 -1.79 -10.35 7.35
CA ASN A 74 -2.26 -11.35 8.31
C ASN A 74 -1.48 -11.26 9.61
N GLY A 75 -1.03 -10.05 9.95
CA GLY A 75 -0.28 -9.86 11.18
C GLY A 75 1.17 -10.29 11.05
N ARG A 76 1.70 -10.21 9.84
CA ARG A 76 3.08 -10.60 9.57
C ARG A 76 3.86 -9.44 8.95
N SER A 77 5.07 -9.22 9.45
CA SER A 77 5.91 -8.15 8.93
C SER A 77 6.37 -8.44 7.50
N PHE A 78 5.92 -7.61 6.57
CA PHE A 78 6.27 -7.78 5.16
C PHE A 78 7.33 -6.77 4.74
N LEU A 79 8.18 -6.38 5.69
CA LEU A 79 9.25 -5.41 5.41
C LEU A 79 10.53 -6.12 5.00
N ASN A 80 10.87 -7.20 5.71
CA ASN A 80 12.08 -7.96 5.42
C ASN A 80 11.73 -9.38 4.98
N ILE A 81 10.63 -9.53 4.25
CA ILE A 81 10.19 -10.83 3.78
C ILE A 81 10.75 -11.13 2.40
N LEU A 82 10.98 -12.41 2.11
CA LEU A 82 11.52 -12.82 0.83
C LEU A 82 10.56 -12.48 -0.30
N HIS A 83 11.11 -12.26 -1.49
CA HIS A 83 10.30 -11.92 -2.66
C HIS A 83 9.40 -13.08 -3.05
N ASP A 84 9.96 -14.29 -3.01
CA ASP A 84 9.20 -15.49 -3.36
C ASP A 84 8.21 -15.84 -2.28
N GLU A 85 8.61 -15.65 -1.02
CA GLU A 85 7.75 -15.96 0.12
C GLU A 85 6.52 -15.06 0.13
N ALA A 86 6.70 -13.80 -0.26
CA ALA A 86 5.61 -12.85 -0.29
C ALA A 86 4.62 -13.18 -1.40
N VAL A 87 5.12 -13.76 -2.48
CA VAL A 87 4.27 -14.14 -3.61
C VAL A 87 3.62 -15.49 -3.38
N ARG A 88 4.35 -16.41 -2.76
CA ARG A 88 3.83 -17.74 -2.48
C ARG A 88 2.83 -17.69 -1.32
N LEU A 89 3.14 -16.90 -0.31
CA LEU A 89 2.27 -16.77 0.86
C LEU A 89 0.99 -16.03 0.49
N LEU A 90 1.12 -15.02 -0.37
CA LEU A 90 -0.04 -14.24 -0.79
C LEU A 90 -0.93 -15.04 -1.74
N LYS A 91 -0.31 -15.92 -2.53
CA LYS A 91 -1.04 -16.76 -3.46
C LYS A 91 -1.10 -18.21 -2.98
N SER A 92 -1.88 -18.44 -1.93
CA SER A 92 -2.03 -19.77 -1.37
C SER A 92 -3.05 -19.78 -0.24
N SER A 93 -2.95 -18.79 0.65
CA SER A 93 -3.86 -18.69 1.78
C SER A 93 -5.21 -18.11 1.34
N ARG A 94 -6.24 -18.36 2.13
CA ARG A 94 -7.58 -17.87 1.83
C ARG A 94 -7.74 -16.42 2.29
N HIS A 95 -7.63 -16.22 3.60
CA HIS A 95 -7.77 -14.88 4.18
C HIS A 95 -6.47 -14.09 4.03
N LEU A 96 -6.58 -12.91 3.43
CA LEU A 96 -5.41 -12.06 3.22
C LEU A 96 -5.72 -10.62 3.64
N ILE A 97 -5.07 -10.16 4.70
CA ILE A 97 -5.26 -8.81 5.20
C ILE A 97 -4.00 -7.98 5.02
N LEU A 98 -3.86 -7.37 3.85
CA LEU A 98 -2.69 -6.54 3.56
C LEU A 98 -2.85 -5.15 4.16
N THR A 99 -1.78 -4.66 4.80
CA THR A 99 -1.80 -3.35 5.43
C THR A 99 -0.88 -2.39 4.69
N VAL A 100 -1.42 -1.68 3.71
CA VAL A 100 -0.64 -0.72 2.94
C VAL A 100 -0.88 0.71 3.40
N LYS A 101 -0.07 1.64 2.91
CA LYS A 101 -0.20 3.04 3.29
C LYS A 101 -0.48 3.90 2.05
N ASP A 102 -1.07 5.07 2.29
CA ASP A 102 -1.40 5.99 1.20
C ASP A 102 -0.14 6.41 0.45
N VAL A 103 0.24 5.60 -0.54
CA VAL A 103 1.43 5.90 -1.33
C VAL A 103 1.08 6.73 -2.56
N GLY A 104 1.69 7.90 -2.66
CA GLY A 104 1.44 8.77 -3.80
C GLY A 104 0.27 9.72 -3.55
N ARG A 105 -0.86 9.15 -3.15
CA ARG A 105 -2.06 9.94 -2.87
C ARG A 105 -2.51 10.70 -4.12
N LEU A 106 -3.65 10.30 -4.66
CA LEU A 106 -4.20 10.94 -5.85
C LEU A 106 -5.03 12.16 -5.49
N PRO A 107 -4.91 13.25 -6.27
CA PRO A 107 -5.66 14.49 -6.02
C PRO A 107 -7.15 14.34 -6.32
N HIS A 108 -7.98 15.05 -5.57
CA HIS A 108 -9.43 15.00 -5.77
C HIS A 108 -9.82 15.58 -7.13
N ALA A 109 -9.52 16.87 -7.32
CA ALA A 109 -9.83 17.55 -8.56
C ALA A 109 -11.34 17.62 -8.78
N ARG A 110 -11.91 16.52 -9.26
CA ARG A 110 -13.35 16.46 -9.51
C ARG A 110 -14.10 15.95 -8.28
N THR A 111 -15.41 16.13 -8.27
CA THR A 111 -16.24 15.68 -7.16
C THR A 111 -16.00 16.55 -5.91
N THR A 112 -14.78 16.47 -5.38
CA THR A 112 -14.41 17.25 -4.20
C THR A 112 -15.15 16.73 -2.97
N VAL A 113 -14.44 15.98 -2.13
CA VAL A 113 -15.03 15.43 -0.92
C VAL A 113 -15.13 16.49 0.18
N ASP A 114 -16.11 16.35 1.05
CA ASP A 114 -16.31 17.29 2.15
C ASP A 114 -17.20 16.68 3.23
N GLU A 115 -16.62 16.43 4.40
CA GLU A 115 -17.37 15.86 5.51
C GLU A 115 -18.53 16.75 5.91
N THR A 116 -19.68 16.55 5.26
CA THR A 116 -20.86 17.35 5.55
C THR A 116 -21.81 16.59 6.48
N LYS A 117 -21.24 15.76 7.36
CA LYS A 117 -22.03 14.98 8.29
C LYS A 117 -21.41 15.00 9.69
N TRP A 118 -21.96 15.84 10.56
CA TRP A 118 -21.46 15.95 11.92
C TRP A 118 -22.59 16.23 12.90
N ILE A 119 -22.24 16.47 14.16
CA ILE A 119 -23.24 16.74 15.20
C ILE A 119 -22.89 18.01 15.96
N ALA A 120 -23.58 19.10 15.63
CA ALA A 120 -23.34 20.38 16.29
C ALA A 120 -24.59 21.26 16.24
N SER A 121 -24.83 21.98 17.32
CA SER A 121 -25.99 22.87 17.42
C SER A 121 -27.29 22.07 17.29
N SER A 122 -28.37 22.65 17.79
CA SER A 122 -29.67 22.00 17.73
C SER A 122 -30.79 22.98 18.06
N SER A 123 -31.71 23.18 17.12
CA SER A 123 -32.82 24.10 17.30
C SER A 123 -34.12 23.34 17.53
N GLY A 124 -35.17 24.08 17.89
CA GLY A 124 -36.46 23.45 18.14
C GLY A 124 -37.40 24.36 18.90
N PRO A 125 -37.50 24.20 20.23
CA PRO A 125 -38.39 25.03 21.06
C PRO A 125 -38.13 26.52 20.87
N SER A 126 -36.88 26.87 20.55
CA SER A 126 -36.50 28.26 20.35
C SER A 126 -36.88 28.72 18.95
N SER A 127 -36.55 27.91 17.95
CA SER A 127 -36.85 28.25 16.56
C SER A 127 -38.35 28.42 16.35
N GLY A 128 -38.72 29.36 15.50
CA GLY A 128 -40.12 29.61 15.24
C GLY A 128 -40.35 30.94 14.54
N GLY A 1 -25.48 14.55 43.76
CA GLY A 1 -26.17 13.87 42.63
C GLY A 1 -25.22 13.04 41.79
N SER A 2 -24.70 11.96 42.37
CA SER A 2 -23.77 11.09 41.67
C SER A 2 -24.11 9.63 41.91
N SER A 3 -23.86 8.78 40.91
CA SER A 3 -24.16 7.36 41.02
C SER A 3 -22.92 6.59 41.50
N GLY A 4 -21.77 6.90 40.92
CA GLY A 4 -20.55 6.23 41.30
C GLY A 4 -19.31 7.00 40.88
N SER A 5 -18.64 7.62 41.84
CA SER A 5 -17.44 8.39 41.55
C SER A 5 -16.19 7.67 42.09
N SER A 6 -15.06 7.92 41.45
CA SER A 6 -13.81 7.31 41.84
C SER A 6 -12.62 8.24 41.59
N GLY A 7 -11.54 8.03 42.33
CA GLY A 7 -10.36 8.87 42.18
C GLY A 7 -9.09 8.05 42.02
N ASP A 8 -8.48 8.13 40.85
CA ASP A 8 -7.25 7.41 40.58
C ASP A 8 -6.58 7.91 39.31
N ARG A 9 -6.72 9.21 39.05
CA ARG A 9 -6.13 9.81 37.86
C ARG A 9 -4.99 10.76 38.25
N ARG A 10 -3.76 10.32 38.00
CA ARG A 10 -2.58 11.13 38.32
C ARG A 10 -1.57 11.08 37.18
N SER A 11 -1.00 9.90 36.95
CA SER A 11 -0.02 9.72 35.89
C SER A 11 0.05 8.26 35.46
N THR A 12 -0.62 7.94 34.35
CA THR A 12 -0.64 6.58 33.82
C THR A 12 -0.73 6.59 32.30
N LEU A 13 -1.64 7.40 31.77
CA LEU A 13 -1.81 7.50 30.32
C LEU A 13 -0.74 8.39 29.71
N HIS A 14 -0.12 7.91 28.64
CA HIS A 14 0.93 8.66 27.95
C HIS A 14 1.26 8.03 26.61
N LEU A 15 2.05 8.74 25.81
CA LEU A 15 2.45 8.24 24.50
C LEU A 15 1.23 8.02 23.60
N LEU A 16 0.99 8.95 22.69
CA LEU A 16 -0.15 8.85 21.79
C LEU A 16 0.27 8.24 20.45
N GLN A 17 -0.70 7.79 19.67
CA GLN A 17 -0.44 7.19 18.37
C GLN A 17 -0.29 8.27 17.30
N GLY A 18 0.39 7.93 16.21
CA GLY A 18 0.58 8.88 15.13
C GLY A 18 1.08 8.21 13.86
N GLY A 19 0.14 7.90 12.96
CA GLY A 19 0.51 7.27 11.71
C GLY A 19 -0.70 6.94 10.85
N ASP A 20 -0.47 6.74 9.55
CA ASP A 20 -1.55 6.42 8.63
C ASP A 20 -1.33 5.05 7.99
N GLU A 21 -2.20 4.10 8.32
CA GLU A 21 -2.11 2.76 7.78
C GLU A 21 -3.46 2.29 7.24
N LYS A 22 -3.46 1.85 5.99
CA LYS A 22 -4.69 1.39 5.35
C LYS A 22 -4.70 -0.13 5.26
N LYS A 23 -5.83 -0.73 5.63
CA LYS A 23 -5.98 -2.19 5.60
C LYS A 23 -7.05 -2.60 4.59
N VAL A 24 -6.89 -3.79 4.02
CA VAL A 24 -7.84 -4.30 3.04
C VAL A 24 -8.13 -5.78 3.28
N ASN A 25 -9.24 -6.05 3.96
CA ASN A 25 -9.63 -7.44 4.25
C ASN A 25 -10.20 -8.11 3.02
N LEU A 26 -9.47 -9.11 2.51
CA LEU A 26 -9.91 -9.84 1.32
C LEU A 26 -10.12 -11.31 1.65
N VAL A 27 -11.36 -11.77 1.49
CA VAL A 27 -11.70 -13.16 1.77
C VAL A 27 -11.68 -14.00 0.48
N LEU A 28 -10.93 -15.09 0.51
CA LEU A 28 -10.83 -15.98 -0.64
C LEU A 28 -11.68 -17.23 -0.45
N GLY A 29 -11.63 -18.13 -1.42
CA GLY A 29 -12.40 -19.36 -1.35
C GLY A 29 -11.53 -20.56 -1.03
N ASP A 30 -10.93 -21.13 -2.06
CA ASP A 30 -10.07 -22.30 -1.89
C ASP A 30 -8.77 -22.14 -2.66
N GLY A 31 -8.87 -21.72 -3.91
CA GLY A 31 -7.69 -21.53 -4.73
C GLY A 31 -7.68 -20.18 -5.44
N ARG A 32 -8.34 -19.19 -4.82
CA ARG A 32 -8.41 -17.86 -5.40
C ARG A 32 -7.10 -17.11 -5.20
N SER A 33 -7.05 -15.86 -5.65
CA SER A 33 -5.86 -15.03 -5.52
C SER A 33 -6.23 -13.55 -5.48
N LEU A 34 -5.21 -12.70 -5.29
CA LEU A 34 -5.43 -11.26 -5.22
C LEU A 34 -5.17 -10.61 -6.58
N GLY A 35 -4.02 -10.91 -7.16
CA GLY A 35 -3.67 -10.34 -8.45
C GLY A 35 -2.77 -9.14 -8.35
N LEU A 36 -1.94 -9.12 -7.30
CA LEU A 36 -1.01 -8.01 -7.07
C LEU A 36 0.41 -8.41 -7.46
N THR A 37 1.01 -7.62 -8.35
CA THR A 37 2.37 -7.90 -8.79
C THR A 37 3.39 -7.11 -7.97
N ILE A 38 3.68 -7.60 -6.77
CA ILE A 38 4.62 -6.94 -5.88
C ILE A 38 6.05 -7.06 -6.41
N ARG A 39 6.94 -6.24 -5.87
CA ARG A 39 8.34 -6.26 -6.29
C ARG A 39 9.27 -6.15 -5.09
N GLY A 40 10.57 -6.23 -5.33
CA GLY A 40 11.54 -6.14 -4.27
C GLY A 40 11.39 -7.26 -3.25
N GLY A 41 12.36 -7.37 -2.35
CA GLY A 41 12.31 -8.41 -1.32
C GLY A 41 13.49 -8.36 -0.40
N ALA A 42 13.66 -9.40 0.41
CA ALA A 42 14.77 -9.47 1.35
C ALA A 42 16.09 -9.70 0.63
N GLU A 43 16.15 -10.76 -0.16
CA GLU A 43 17.36 -11.09 -0.91
C GLU A 43 17.73 -9.95 -1.86
N TYR A 44 16.72 -9.33 -2.46
CA TYR A 44 16.95 -8.23 -3.39
C TYR A 44 17.43 -6.98 -2.64
N GLY A 45 16.98 -6.83 -1.40
CA GLY A 45 17.37 -5.68 -0.61
C GLY A 45 16.42 -4.52 -0.78
N LEU A 46 15.16 -4.83 -1.05
CA LEU A 46 14.15 -3.79 -1.23
C LEU A 46 12.84 -4.18 -0.55
N GLY A 47 12.07 -3.18 -0.14
CA GLY A 47 10.81 -3.44 0.52
C GLY A 47 9.82 -4.14 -0.38
N ILE A 48 8.61 -4.39 0.14
CA ILE A 48 7.57 -5.06 -0.63
C ILE A 48 6.55 -4.06 -1.16
N TYR A 49 6.74 -3.62 -2.41
CA TYR A 49 5.84 -2.66 -3.04
C TYR A 49 4.89 -3.37 -3.99
N ILE A 50 4.08 -2.58 -4.70
CA ILE A 50 3.12 -3.13 -5.65
C ILE A 50 3.28 -2.47 -7.02
N THR A 51 3.09 -3.26 -8.08
CA THR A 51 3.20 -2.75 -9.44
C THR A 51 2.46 -3.64 -10.42
N GLY A 52 1.22 -3.99 -10.08
CA GLY A 52 0.43 -4.84 -10.95
C GLY A 52 -0.91 -5.20 -10.34
N VAL A 53 -1.97 -5.17 -11.15
CA VAL A 53 -3.31 -5.50 -10.69
C VAL A 53 -4.08 -6.27 -11.76
N ASP A 54 -4.24 -7.58 -11.54
CA ASP A 54 -4.96 -8.42 -12.48
C ASP A 54 -6.40 -7.95 -12.65
N PRO A 55 -6.75 -7.41 -13.83
CA PRO A 55 -8.10 -6.92 -14.11
C PRO A 55 -9.17 -7.95 -13.77
N GLY A 56 -10.10 -7.57 -12.91
CA GLY A 56 -11.17 -8.49 -12.52
C GLY A 56 -10.74 -9.46 -11.45
N SER A 57 -9.84 -9.01 -10.58
CA SER A 57 -9.35 -9.86 -9.49
C SER A 57 -9.97 -9.45 -8.16
N GLU A 58 -9.52 -10.07 -7.08
CA GLU A 58 -10.03 -9.78 -5.74
C GLU A 58 -9.42 -8.49 -5.21
N ALA A 59 -8.17 -8.22 -5.60
CA ALA A 59 -7.48 -7.02 -5.16
C ALA A 59 -7.98 -5.78 -5.90
N GLU A 60 -8.36 -5.97 -7.16
CA GLU A 60 -8.87 -4.87 -7.98
C GLU A 60 -10.29 -4.51 -7.58
N GLY A 61 -11.06 -5.51 -7.19
CA GLY A 61 -12.44 -5.28 -6.80
C GLY A 61 -12.55 -4.46 -5.53
N SER A 62 -11.54 -4.56 -4.67
CA SER A 62 -11.52 -3.81 -3.42
C SER A 62 -11.07 -2.38 -3.65
N GLY A 63 -9.82 -2.21 -4.05
CA GLY A 63 -9.28 -0.89 -4.29
C GLY A 63 -7.77 -0.84 -4.13
N LEU A 64 -7.07 -1.70 -4.87
CA LEU A 64 -5.62 -1.74 -4.83
C LEU A 64 -5.01 -1.23 -6.13
N LYS A 65 -4.18 -0.19 -6.02
CA LYS A 65 -3.53 0.40 -7.18
C LYS A 65 -2.06 0.01 -7.24
N VAL A 66 -1.36 0.52 -8.24
CA VAL A 66 0.05 0.24 -8.42
C VAL A 66 0.92 1.34 -7.80
N GLY A 67 1.87 0.94 -6.96
CA GLY A 67 2.75 1.92 -6.33
C GLY A 67 2.70 1.82 -4.81
N ASP A 68 1.58 1.37 -4.28
CA ASP A 68 1.42 1.23 -2.83
C ASP A 68 2.47 0.29 -2.26
N GLN A 69 2.72 0.41 -0.96
CA GLN A 69 3.70 -0.43 -0.29
C GLN A 69 3.03 -1.31 0.77
N ILE A 70 3.17 -2.62 0.61
CA ILE A 70 2.58 -3.57 1.56
C ILE A 70 3.39 -3.65 2.84
N LEU A 71 2.88 -3.01 3.90
CA LEU A 71 3.55 -3.01 5.18
C LEU A 71 3.55 -4.39 5.81
N GLU A 72 2.36 -4.99 5.91
CA GLU A 72 2.23 -6.33 6.49
C GLU A 72 0.92 -6.98 6.05
N VAL A 73 0.87 -8.30 6.14
CA VAL A 73 -0.31 -9.05 5.74
C VAL A 73 -0.60 -10.18 6.73
N ASN A 74 -1.86 -10.27 7.16
CA ASN A 74 -2.26 -11.30 8.11
C ASN A 74 -1.48 -11.18 9.41
N GLY A 75 -1.11 -9.96 9.77
CA GLY A 75 -0.37 -9.73 10.98
C GLY A 75 1.04 -10.27 10.92
N ARG A 76 1.60 -10.33 9.71
CA ARG A 76 2.95 -10.84 9.51
C ARG A 76 3.85 -9.76 8.94
N SER A 77 5.10 -9.71 9.43
CA SER A 77 6.06 -8.72 8.97
C SER A 77 6.43 -8.96 7.50
N PHE A 78 6.34 -7.91 6.70
CA PHE A 78 6.66 -8.00 5.28
C PHE A 78 7.76 -7.00 4.90
N LEU A 79 8.64 -6.72 5.85
CA LEU A 79 9.73 -5.78 5.62
C LEU A 79 10.99 -6.51 5.17
N ASN A 80 11.39 -7.52 5.94
CA ASN A 80 12.58 -8.29 5.62
C ASN A 80 12.20 -9.67 5.07
N ILE A 81 11.07 -9.73 4.39
CA ILE A 81 10.58 -10.97 3.80
C ILE A 81 11.12 -11.17 2.38
N LEU A 82 11.32 -12.42 2.00
CA LEU A 82 11.83 -12.73 0.67
C LEU A 82 10.78 -12.43 -0.40
N HIS A 83 11.24 -12.08 -1.60
CA HIS A 83 10.33 -11.76 -2.70
C HIS A 83 9.50 -12.98 -3.08
N ASP A 84 10.13 -14.15 -3.10
CA ASP A 84 9.44 -15.38 -3.44
C ASP A 84 8.43 -15.77 -2.36
N GLU A 85 8.84 -15.61 -1.10
CA GLU A 85 7.98 -15.94 0.02
C GLU A 85 6.76 -15.02 0.07
N ALA A 86 6.95 -13.77 -0.36
CA ALA A 86 5.88 -12.80 -0.36
C ALA A 86 4.85 -13.13 -1.44
N VAL A 87 5.31 -13.73 -2.53
CA VAL A 87 4.43 -14.09 -3.64
C VAL A 87 3.64 -15.35 -3.32
N ARG A 88 4.27 -16.28 -2.60
CA ARG A 88 3.63 -17.53 -2.24
C ARG A 88 2.72 -17.33 -1.01
N LEU A 89 3.20 -16.56 -0.05
CA LEU A 89 2.43 -16.29 1.17
C LEU A 89 1.11 -15.61 0.83
N LEU A 90 1.14 -14.68 -0.12
CA LEU A 90 -0.06 -13.97 -0.53
C LEU A 90 -0.99 -14.88 -1.33
N LYS A 91 -0.42 -15.83 -2.05
CA LYS A 91 -1.20 -16.76 -2.85
C LYS A 91 -1.18 -18.16 -2.24
N SER A 92 -1.97 -18.35 -1.19
CA SER A 92 -2.05 -19.64 -0.51
C SER A 92 -3.08 -19.61 0.61
N SER A 93 -3.06 -18.54 1.40
CA SER A 93 -4.00 -18.39 2.51
C SER A 93 -5.35 -17.88 2.01
N ARG A 94 -6.37 -17.99 2.85
CA ARG A 94 -7.71 -17.54 2.49
C ARG A 94 -7.92 -16.08 2.87
N HIS A 95 -7.91 -15.81 4.18
CA HIS A 95 -8.10 -14.45 4.69
C HIS A 95 -6.80 -13.66 4.58
N LEU A 96 -6.73 -12.78 3.58
CA LEU A 96 -5.55 -11.96 3.38
C LEU A 96 -5.82 -10.50 3.76
N ILE A 97 -5.27 -10.08 4.90
CA ILE A 97 -5.46 -8.71 5.37
C ILE A 97 -4.20 -7.88 5.15
N LEU A 98 -4.09 -7.30 3.96
CA LEU A 98 -2.94 -6.47 3.61
C LEU A 98 -3.05 -5.10 4.26
N THR A 99 -1.90 -4.53 4.60
CA THR A 99 -1.87 -3.21 5.24
C THR A 99 -0.95 -2.27 4.46
N VAL A 100 -1.50 -1.58 3.47
CA VAL A 100 -0.74 -0.65 2.65
C VAL A 100 -0.83 0.77 3.19
N LYS A 101 0.22 1.54 3.01
CA LYS A 101 0.25 2.92 3.48
C LYS A 101 0.03 3.90 2.32
N ASP A 102 -0.21 5.16 2.65
CA ASP A 102 -0.44 6.19 1.64
C ASP A 102 0.83 6.46 0.84
N VAL A 103 0.84 5.99 -0.40
CA VAL A 103 2.00 6.17 -1.27
C VAL A 103 1.60 6.84 -2.58
N GLY A 104 1.49 8.18 -2.55
CA GLY A 104 1.12 8.91 -3.73
C GLY A 104 -0.38 9.13 -3.82
N ARG A 105 -1.14 8.06 -3.69
CA ARG A 105 -2.60 8.13 -3.76
C ARG A 105 -3.05 8.55 -5.14
N LEU A 106 -2.95 9.85 -5.43
CA LEU A 106 -3.36 10.37 -6.73
C LEU A 106 -2.36 9.98 -7.81
N PRO A 107 -2.84 9.77 -9.06
CA PRO A 107 -1.98 9.39 -10.17
C PRO A 107 -0.80 10.34 -10.35
N HIS A 108 -1.11 11.60 -10.62
CA HIS A 108 -0.07 12.61 -10.81
C HIS A 108 -0.69 14.00 -10.97
N ALA A 109 -0.30 14.92 -10.09
CA ALA A 109 -0.81 16.29 -10.13
C ALA A 109 0.15 17.25 -9.45
N ARG A 110 0.61 16.88 -8.26
CA ARG A 110 1.54 17.72 -7.51
C ARG A 110 2.58 16.86 -6.80
N THR A 111 3.78 16.80 -7.37
CA THR A 111 4.86 16.01 -6.79
C THR A 111 6.12 16.87 -6.62
N THR A 112 6.50 17.12 -5.37
CA THR A 112 7.68 17.92 -5.07
C THR A 112 8.60 17.19 -4.10
N VAL A 113 9.52 16.40 -4.64
CA VAL A 113 10.46 15.64 -3.82
C VAL A 113 11.89 15.84 -4.29
N ASP A 114 12.18 15.38 -5.51
CA ASP A 114 13.51 15.51 -6.09
C ASP A 114 13.76 16.93 -6.57
N GLU A 115 15.01 17.36 -6.51
CA GLU A 115 15.39 18.70 -6.94
C GLU A 115 16.02 18.67 -8.34
N THR A 116 15.59 17.70 -9.15
CA THR A 116 16.11 17.57 -10.50
C THR A 116 15.22 18.28 -11.52
N LYS A 117 13.93 18.39 -11.19
CA LYS A 117 12.97 19.05 -12.06
C LYS A 117 12.88 18.35 -13.42
N TRP A 118 13.24 17.07 -13.45
CA TRP A 118 13.20 16.29 -14.68
C TRP A 118 12.91 14.82 -14.38
N ILE A 119 11.73 14.56 -13.84
CA ILE A 119 11.33 13.19 -13.50
C ILE A 119 10.51 12.57 -14.63
N ALA A 120 11.10 12.53 -15.82
CA ALA A 120 10.43 11.95 -16.98
C ALA A 120 9.11 12.69 -17.27
N SER A 121 9.07 13.97 -16.95
CA SER A 121 7.89 14.78 -17.18
C SER A 121 8.27 16.19 -17.64
N SER A 122 7.34 16.84 -18.33
CA SER A 122 7.58 18.19 -18.83
C SER A 122 6.32 19.05 -18.71
N SER A 123 6.44 20.18 -18.02
CA SER A 123 5.31 21.09 -17.83
C SER A 123 5.23 22.09 -18.98
N GLY A 124 6.30 22.87 -19.14
CA GLY A 124 6.33 23.87 -20.20
C GLY A 124 7.15 25.08 -19.83
N PRO A 125 7.84 25.70 -20.81
CA PRO A 125 8.68 26.88 -20.55
C PRO A 125 7.84 28.13 -20.31
N SER A 126 7.95 28.69 -19.11
CA SER A 126 7.20 29.89 -18.75
C SER A 126 5.70 29.66 -18.87
N SER A 127 5.12 29.12 -17.80
CA SER A 127 3.68 28.84 -17.78
C SER A 127 3.16 28.74 -16.35
N GLY A 128 3.85 27.97 -15.52
CA GLY A 128 3.44 27.80 -14.14
C GLY A 128 3.84 28.99 -13.29
N GLY A 1 12.43 -6.41 30.53
CA GLY A 1 12.15 -6.09 31.95
C GLY A 1 13.28 -6.48 32.88
N SER A 2 13.00 -6.48 34.17
CA SER A 2 14.01 -6.84 35.18
C SER A 2 13.75 -8.24 35.73
N SER A 3 14.67 -9.16 35.44
CA SER A 3 14.54 -10.53 35.91
C SER A 3 13.27 -11.18 35.37
N GLY A 4 12.87 -10.76 34.18
CA GLY A 4 11.66 -11.31 33.58
C GLY A 4 10.42 -10.51 33.92
N SER A 5 9.28 -10.95 33.41
CA SER A 5 8.01 -10.28 33.67
C SER A 5 7.16 -11.06 34.66
N SER A 6 6.32 -10.36 35.40
CA SER A 6 5.45 -10.99 36.38
C SER A 6 4.32 -10.06 36.80
N GLY A 7 3.89 -9.21 35.87
CA GLY A 7 2.81 -8.27 36.17
C GLY A 7 3.32 -6.86 36.38
N ASP A 8 3.39 -6.09 35.30
CA ASP A 8 3.86 -4.71 35.37
C ASP A 8 2.75 -3.74 34.98
N ARG A 9 3.10 -2.45 34.88
CA ARG A 9 2.14 -1.42 34.51
C ARG A 9 2.72 -0.51 33.44
N ARG A 10 1.85 0.32 32.85
CA ARG A 10 2.28 1.25 31.81
C ARG A 10 1.81 2.66 32.12
N SER A 11 2.75 3.60 32.17
CA SER A 11 2.42 5.00 32.45
C SER A 11 1.92 5.71 31.20
N THR A 12 0.86 6.48 31.36
CA THR A 12 0.28 7.22 30.24
C THR A 12 0.62 8.69 30.33
N LEU A 13 0.84 9.32 29.18
CA LEU A 13 1.17 10.74 29.12
C LEU A 13 0.54 11.40 27.91
N HIS A 14 0.68 10.77 26.75
CA HIS A 14 0.12 11.31 25.51
C HIS A 14 -0.96 10.38 24.97
N LEU A 15 -1.99 10.98 24.36
CA LEU A 15 -3.09 10.21 23.80
C LEU A 15 -3.27 10.52 22.32
N LEU A 16 -2.16 10.86 21.65
CA LEU A 16 -2.20 11.17 20.23
C LEU A 16 -1.02 10.54 19.50
N GLN A 17 -1.30 9.50 18.72
CA GLN A 17 -0.26 8.80 17.97
C GLN A 17 -0.38 9.09 16.48
N GLY A 18 -1.61 9.30 16.03
CA GLY A 18 -1.84 9.58 14.62
C GLY A 18 -1.93 8.32 13.78
N GLY A 19 -1.06 8.23 12.77
CA GLY A 19 -1.06 7.06 11.91
C GLY A 19 -1.48 7.39 10.49
N ASP A 20 -1.28 6.44 9.58
CA ASP A 20 -1.65 6.63 8.18
C ASP A 20 -1.62 5.31 7.42
N GLU A 21 -1.96 4.23 8.11
CA GLU A 21 -1.97 2.90 7.50
C GLU A 21 -3.39 2.49 7.12
N LYS A 22 -3.50 1.72 6.05
CA LYS A 22 -4.80 1.25 5.57
C LYS A 22 -4.80 -0.26 5.37
N LYS A 23 -5.69 -0.96 6.08
CA LYS A 23 -5.78 -2.41 5.96
C LYS A 23 -6.83 -2.81 4.94
N VAL A 24 -6.56 -3.89 4.20
CA VAL A 24 -7.49 -4.37 3.19
C VAL A 24 -7.74 -5.87 3.34
N ASN A 25 -8.68 -6.21 4.22
CA ASN A 25 -9.02 -7.60 4.46
C ASN A 25 -9.73 -8.22 3.26
N LEU A 26 -9.23 -9.36 2.80
CA LEU A 26 -9.83 -10.04 1.65
C LEU A 26 -10.14 -11.49 1.99
N VAL A 27 -11.33 -11.94 1.58
CA VAL A 27 -11.76 -13.31 1.85
C VAL A 27 -11.72 -14.15 0.57
N LEU A 28 -10.80 -15.10 0.53
CA LEU A 28 -10.65 -15.97 -0.63
C LEU A 28 -11.58 -17.19 -0.52
N GLY A 29 -12.06 -17.66 -1.66
CA GLY A 29 -12.95 -18.81 -1.66
C GLY A 29 -12.19 -20.13 -1.62
N ASP A 30 -11.89 -20.68 -2.78
CA ASP A 30 -11.16 -21.94 -2.88
C ASP A 30 -10.03 -21.85 -3.90
N GLY A 31 -8.81 -21.63 -3.41
CA GLY A 31 -7.67 -21.52 -4.29
C GLY A 31 -7.70 -20.25 -5.12
N ARG A 32 -8.31 -19.21 -4.58
CA ARG A 32 -8.40 -17.94 -5.28
C ARG A 32 -7.05 -17.22 -5.29
N SER A 33 -7.03 -16.02 -5.85
CA SER A 33 -5.80 -15.23 -5.91
C SER A 33 -6.11 -13.74 -5.83
N LEU A 34 -5.10 -12.96 -5.43
CA LEU A 34 -5.27 -11.51 -5.31
C LEU A 34 -5.11 -10.83 -6.67
N GLY A 35 -4.02 -11.15 -7.35
CA GLY A 35 -3.77 -10.55 -8.66
C GLY A 35 -2.95 -9.28 -8.57
N LEU A 36 -1.83 -9.36 -7.85
CA LEU A 36 -0.96 -8.19 -7.69
C LEU A 36 0.50 -8.56 -7.96
N THR A 37 1.16 -7.77 -8.79
CA THR A 37 2.56 -8.01 -9.14
C THR A 37 3.49 -7.30 -8.18
N ILE A 38 3.76 -7.93 -7.04
CA ILE A 38 4.64 -7.35 -6.04
C ILE A 38 6.09 -7.34 -6.51
N ARG A 39 6.91 -6.53 -5.87
CA ARG A 39 8.33 -6.42 -6.22
C ARG A 39 9.17 -6.19 -4.98
N GLY A 40 10.49 -6.29 -5.15
CA GLY A 40 11.40 -6.09 -4.04
C GLY A 40 11.39 -7.25 -3.06
N GLY A 41 12.35 -7.26 -2.15
CA GLY A 41 12.43 -8.33 -1.16
C GLY A 41 13.65 -8.20 -0.26
N ALA A 42 13.68 -9.00 0.79
CA ALA A 42 14.80 -8.97 1.73
C ALA A 42 16.11 -9.32 1.04
N GLU A 43 16.05 -10.28 0.11
CA GLU A 43 17.24 -10.69 -0.63
C GLU A 43 17.77 -9.56 -1.50
N TYR A 44 16.85 -8.81 -2.11
CA TYR A 44 17.22 -7.70 -2.97
C TYR A 44 17.32 -6.39 -2.18
N GLY A 45 17.28 -6.49 -0.85
CA GLY A 45 17.38 -5.31 -0.01
C GLY A 45 16.33 -4.27 -0.36
N LEU A 46 15.09 -4.70 -0.55
CA LEU A 46 14.00 -3.80 -0.90
C LEU A 46 12.70 -4.24 -0.23
N GLY A 47 11.75 -3.32 -0.14
CA GLY A 47 10.47 -3.63 0.47
C GLY A 47 9.56 -4.44 -0.44
N ILE A 48 8.27 -4.39 -0.18
CA ILE A 48 7.30 -5.13 -0.98
C ILE A 48 6.30 -4.18 -1.64
N TYR A 49 6.65 -3.70 -2.83
CA TYR A 49 5.78 -2.78 -3.56
C TYR A 49 4.74 -3.54 -4.38
N ILE A 50 3.96 -2.81 -5.17
CA ILE A 50 2.93 -3.42 -6.01
C ILE A 50 2.80 -2.69 -7.34
N THR A 51 3.33 -3.31 -8.40
CA THR A 51 3.27 -2.72 -9.72
C THR A 51 2.50 -3.63 -10.69
N GLY A 52 1.34 -4.10 -10.24
CA GLY A 52 0.53 -4.97 -11.07
C GLY A 52 -0.85 -5.21 -10.49
N VAL A 53 -1.86 -5.24 -11.35
CA VAL A 53 -3.23 -5.47 -10.91
C VAL A 53 -4.06 -6.12 -12.01
N ASP A 54 -4.39 -7.40 -11.82
CA ASP A 54 -5.17 -8.14 -12.79
C ASP A 54 -6.56 -7.52 -12.96
N PRO A 55 -7.03 -7.37 -14.21
CA PRO A 55 -8.36 -6.80 -14.49
C PRO A 55 -9.49 -7.77 -14.17
N GLY A 56 -10.04 -7.64 -12.96
CA GLY A 56 -11.12 -8.51 -12.55
C GLY A 56 -10.71 -9.48 -11.46
N SER A 57 -10.07 -8.96 -10.42
CA SER A 57 -9.62 -9.79 -9.31
C SER A 57 -10.14 -9.26 -7.98
N GLU A 58 -9.71 -9.87 -6.89
CA GLU A 58 -10.13 -9.46 -5.55
C GLU A 58 -9.45 -8.16 -5.14
N ALA A 59 -8.20 -7.99 -5.57
CA ALA A 59 -7.43 -6.80 -5.24
C ALA A 59 -7.96 -5.58 -6.01
N GLU A 60 -8.30 -5.79 -7.27
CA GLU A 60 -8.81 -4.71 -8.11
C GLU A 60 -10.16 -4.23 -7.59
N GLY A 61 -10.93 -5.14 -7.00
CA GLY A 61 -12.23 -4.78 -6.48
C GLY A 61 -12.15 -4.18 -5.08
N SER A 62 -11.20 -4.66 -4.29
CA SER A 62 -11.03 -4.16 -2.93
C SER A 62 -10.68 -2.68 -2.94
N GLY A 63 -9.48 -2.35 -3.39
CA GLY A 63 -9.05 -0.97 -3.45
C GLY A 63 -7.54 -0.82 -3.50
N LEU A 64 -6.90 -1.66 -4.32
CA LEU A 64 -5.45 -1.63 -4.46
C LEU A 64 -5.05 -0.99 -5.79
N LYS A 65 -3.89 -0.36 -5.82
CA LYS A 65 -3.39 0.29 -7.03
C LYS A 65 -1.90 0.02 -7.22
N VAL A 66 -1.33 0.59 -8.27
CA VAL A 66 0.09 0.43 -8.56
C VAL A 66 0.93 1.46 -7.84
N GLY A 67 2.04 1.03 -7.26
CA GLY A 67 2.92 1.94 -6.54
C GLY A 67 2.63 1.96 -5.05
N ASP A 68 2.04 0.88 -4.55
CA ASP A 68 1.71 0.79 -3.13
C ASP A 68 2.82 0.09 -2.35
N GLN A 69 2.95 0.43 -1.08
CA GLN A 69 3.98 -0.17 -0.23
C GLN A 69 3.36 -1.03 0.87
N ILE A 70 3.39 -2.34 0.68
CA ILE A 70 2.83 -3.27 1.66
C ILE A 70 3.62 -3.23 2.96
N LEU A 71 2.90 -3.10 4.08
CA LEU A 71 3.54 -3.06 5.39
C LEU A 71 3.55 -4.43 6.04
N GLU A 72 2.36 -4.96 6.34
CA GLU A 72 2.23 -6.27 6.95
C GLU A 72 0.98 -6.98 6.48
N VAL A 73 0.96 -8.31 6.64
CA VAL A 73 -0.18 -9.11 6.22
C VAL A 73 -0.44 -10.25 7.20
N ASN A 74 -1.66 -10.31 7.72
CA ASN A 74 -2.03 -11.35 8.67
C ASN A 74 -1.17 -11.28 9.92
N GLY A 75 -0.74 -10.07 10.27
CA GLY A 75 0.09 -9.89 11.45
C GLY A 75 1.52 -10.32 11.21
N ARG A 76 1.98 -10.21 9.97
CA ARG A 76 3.35 -10.59 9.62
C ARG A 76 4.08 -9.44 8.94
N SER A 77 5.35 -9.26 9.29
CA SER A 77 6.16 -8.19 8.71
C SER A 77 6.47 -8.48 7.24
N PHE A 78 5.99 -7.60 6.35
CA PHE A 78 6.22 -7.76 4.93
C PHE A 78 7.24 -6.75 4.42
N LEU A 79 8.23 -6.43 5.26
CA LEU A 79 9.26 -5.48 4.89
C LEU A 79 10.59 -6.17 4.66
N ASN A 80 10.95 -7.09 5.56
CA ASN A 80 12.19 -7.83 5.45
C ASN A 80 11.94 -9.29 5.11
N ILE A 81 10.92 -9.53 4.30
CA ILE A 81 10.56 -10.89 3.89
C ILE A 81 11.02 -11.18 2.47
N LEU A 82 11.26 -12.46 2.18
CA LEU A 82 11.72 -12.87 0.86
C LEU A 82 10.67 -12.51 -0.21
N HIS A 83 11.15 -12.24 -1.42
CA HIS A 83 10.27 -11.89 -2.53
C HIS A 83 9.37 -13.05 -2.90
N ASP A 84 9.97 -14.24 -3.01
CA ASP A 84 9.23 -15.44 -3.38
C ASP A 84 8.21 -15.80 -2.30
N GLU A 85 8.58 -15.54 -1.04
CA GLU A 85 7.69 -15.84 0.08
C GLU A 85 6.44 -14.96 0.04
N ALA A 86 6.63 -13.70 -0.32
CA ALA A 86 5.52 -12.76 -0.41
C ALA A 86 4.48 -13.22 -1.42
N VAL A 87 4.95 -13.92 -2.46
CA VAL A 87 4.05 -14.43 -3.49
C VAL A 87 3.34 -15.69 -3.04
N ARG A 88 4.09 -16.58 -2.40
CA ARG A 88 3.53 -17.84 -1.91
C ARG A 88 2.55 -17.59 -0.76
N LEU A 89 2.99 -16.83 0.23
CA LEU A 89 2.15 -16.51 1.37
C LEU A 89 0.88 -15.78 0.94
N LEU A 90 0.99 -15.01 -0.13
CA LEU A 90 -0.15 -14.25 -0.65
C LEU A 90 -1.05 -15.14 -1.50
N LYS A 91 -0.44 -16.11 -2.18
CA LYS A 91 -1.18 -17.04 -3.03
C LYS A 91 -1.12 -18.46 -2.47
N SER A 92 -1.81 -18.68 -1.36
CA SER A 92 -1.84 -19.99 -0.73
C SER A 92 -2.86 -20.03 0.41
N SER A 93 -2.90 -18.96 1.20
CA SER A 93 -3.83 -18.87 2.32
C SER A 93 -5.21 -18.45 1.83
N ARG A 94 -6.16 -18.39 2.76
CA ARG A 94 -7.53 -18.00 2.44
C ARG A 94 -7.75 -16.52 2.72
N HIS A 95 -7.67 -16.14 3.99
CA HIS A 95 -7.86 -14.76 4.40
C HIS A 95 -6.54 -13.99 4.32
N LEU A 96 -6.59 -12.81 3.71
CA LEU A 96 -5.39 -11.98 3.56
C LEU A 96 -5.71 -10.51 3.87
N ILE A 97 -5.06 -9.97 4.89
CA ILE A 97 -5.28 -8.59 5.29
C ILE A 97 -4.04 -7.74 5.02
N LEU A 98 -3.86 -7.33 3.77
CA LEU A 98 -2.72 -6.51 3.39
C LEU A 98 -2.90 -5.07 3.84
N THR A 99 -1.88 -4.53 4.49
CA THR A 99 -1.92 -3.16 4.98
C THR A 99 -1.00 -2.25 4.17
N VAL A 100 -1.57 -1.52 3.22
CA VAL A 100 -0.80 -0.62 2.38
C VAL A 100 -1.07 0.84 2.73
N LYS A 101 -0.01 1.65 2.73
CA LYS A 101 -0.14 3.07 3.05
C LYS A 101 -0.20 3.90 1.78
N ASP A 102 -0.59 5.17 1.94
CA ASP A 102 -0.69 6.09 0.81
C ASP A 102 0.69 6.45 0.28
N VAL A 103 1.13 5.73 -0.75
CA VAL A 103 2.43 5.98 -1.35
C VAL A 103 2.39 7.15 -2.32
N GLY A 104 3.03 8.26 -1.93
CA GLY A 104 3.03 9.44 -2.77
C GLY A 104 2.66 10.70 -2.02
N ARG A 105 3.65 11.33 -1.39
CA ARG A 105 3.42 12.54 -0.63
C ARG A 105 4.62 13.48 -0.72
N LEU A 106 4.49 14.67 -0.15
CA LEU A 106 5.56 15.66 -0.17
C LEU A 106 5.74 16.29 1.21
N PRO A 107 6.76 15.83 1.97
CA PRO A 107 7.03 16.36 3.31
C PRO A 107 7.53 17.80 3.28
N HIS A 108 6.96 18.64 4.14
CA HIS A 108 7.35 20.04 4.20
C HIS A 108 8.23 20.31 5.42
N ALA A 109 9.47 20.72 5.17
CA ALA A 109 10.41 21.02 6.24
C ALA A 109 11.70 21.61 5.68
N ARG A 110 12.23 21.00 4.63
CA ARG A 110 13.46 21.47 4.02
C ARG A 110 13.52 21.08 2.54
N THR A 111 14.25 21.86 1.76
CA THR A 111 14.38 21.60 0.32
C THR A 111 13.02 21.66 -0.36
N THR A 112 13.02 21.48 -1.68
CA THR A 112 11.79 21.50 -2.45
C THR A 112 11.96 20.78 -3.78
N VAL A 113 12.72 19.69 -3.76
CA VAL A 113 12.97 18.90 -4.96
C VAL A 113 12.68 17.42 -4.73
N ASP A 114 12.34 16.71 -5.80
CA ASP A 114 12.04 15.28 -5.70
C ASP A 114 12.34 14.58 -7.02
N GLU A 115 11.64 15.00 -8.07
CA GLU A 115 11.82 14.41 -9.39
C GLU A 115 11.51 12.91 -9.37
N THR A 116 10.21 12.59 -9.32
CA THR A 116 9.78 11.21 -9.29
C THR A 116 9.03 10.84 -10.58
N LYS A 117 9.66 11.11 -11.71
CA LYS A 117 9.05 10.82 -13.01
C LYS A 117 7.76 11.59 -13.19
N TRP A 118 7.88 12.85 -13.61
CA TRP A 118 6.72 13.71 -13.82
C TRP A 118 6.02 13.34 -15.14
N ILE A 119 4.80 13.85 -15.31
CA ILE A 119 4.04 13.59 -16.52
C ILE A 119 4.73 14.16 -17.75
N ALA A 120 4.98 13.29 -18.73
CA ALA A 120 5.65 13.71 -19.96
C ALA A 120 5.16 12.89 -21.15
N SER A 121 3.90 12.46 -21.09
CA SER A 121 3.31 11.68 -22.17
C SER A 121 1.80 11.90 -22.25
N SER A 122 1.37 13.10 -21.88
CA SER A 122 -0.05 13.44 -21.90
C SER A 122 -0.45 13.97 -23.29
N SER A 123 -0.40 13.11 -24.28
CA SER A 123 -0.76 13.48 -25.65
C SER A 123 -2.26 13.40 -25.86
N GLY A 124 -2.90 12.47 -25.14
CA GLY A 124 -4.34 12.30 -25.26
C GLY A 124 -4.85 11.07 -24.54
N PRO A 125 -5.21 11.22 -23.25
CA PRO A 125 -5.71 10.09 -22.44
C PRO A 125 -7.10 9.62 -22.90
N SER A 126 -7.86 10.55 -23.48
CA SER A 126 -9.20 10.22 -23.96
C SER A 126 -9.49 10.95 -25.26
N SER A 127 -9.55 10.20 -26.36
CA SER A 127 -9.82 10.77 -27.67
C SER A 127 -11.28 10.54 -28.08
N GLY A 128 -11.70 11.21 -29.14
CA GLY A 128 -13.06 11.07 -29.61
C GLY A 128 -13.28 9.78 -30.39
N GLY A 1 -8.06 43.66 -1.75
CA GLY A 1 -6.78 43.20 -1.15
C GLY A 1 -5.58 43.64 -1.97
N SER A 2 -4.40 43.13 -1.60
CA SER A 2 -3.17 43.46 -2.32
C SER A 2 -2.41 42.20 -2.71
N SER A 3 -2.20 42.04 -4.01
CA SER A 3 -1.48 40.86 -4.53
C SER A 3 -0.01 40.90 -4.12
N GLY A 4 0.32 40.16 -3.06
CA GLY A 4 1.69 40.13 -2.59
C GLY A 4 1.80 40.42 -1.11
N SER A 5 1.06 39.67 -0.30
CA SER A 5 1.07 39.84 1.14
C SER A 5 2.32 39.21 1.76
N SER A 6 2.74 38.09 1.20
CA SER A 6 3.93 37.38 1.69
C SER A 6 4.96 37.21 0.59
N GLY A 7 6.21 37.00 0.97
CA GLY A 7 7.27 36.81 -0.01
C GLY A 7 7.65 35.36 -0.17
N ASP A 8 8.74 34.97 0.48
CA ASP A 8 9.23 33.59 0.39
C ASP A 8 9.61 33.23 -1.03
N ARG A 9 10.88 32.86 -1.22
CA ARG A 9 11.37 32.48 -2.54
C ARG A 9 10.76 31.17 -3.01
N ARG A 10 10.86 30.14 -2.16
CA ARG A 10 10.32 28.83 -2.48
C ARG A 10 9.38 28.35 -1.39
N SER A 11 8.78 29.29 -0.66
CA SER A 11 7.86 28.95 0.41
C SER A 11 8.52 28.03 1.44
N THR A 12 7.82 27.79 2.55
CA THR A 12 8.34 26.92 3.60
C THR A 12 7.60 25.58 3.61
N LEU A 13 8.06 24.66 2.75
CA LEU A 13 7.45 23.35 2.66
C LEU A 13 8.48 22.29 2.28
N HIS A 14 8.43 21.15 2.95
CA HIS A 14 9.36 20.06 2.67
C HIS A 14 8.64 18.72 2.62
N LEU A 15 8.07 18.31 3.75
CA LEU A 15 7.35 17.05 3.83
C LEU A 15 5.95 17.25 4.40
N LEU A 16 4.95 17.18 3.52
CA LEU A 16 3.56 17.37 3.92
C LEU A 16 2.63 16.51 3.07
N GLN A 17 2.16 15.41 3.65
CA GLN A 17 1.27 14.50 2.93
C GLN A 17 0.38 13.74 3.92
N GLY A 18 1.00 13.14 4.93
CA GLY A 18 0.25 12.40 5.93
C GLY A 18 0.83 11.02 6.18
N GLY A 19 0.69 10.13 5.21
CA GLY A 19 1.21 8.79 5.35
C GLY A 19 0.44 7.97 6.37
N ASP A 20 -0.76 7.54 5.99
CA ASP A 20 -1.60 6.74 6.88
C ASP A 20 -1.53 5.27 6.52
N GLU A 21 -1.99 4.42 7.43
CA GLU A 21 -1.98 2.98 7.20
C GLU A 21 -3.36 2.48 6.79
N LYS A 22 -3.42 1.76 5.68
CA LYS A 22 -4.68 1.22 5.18
C LYS A 22 -4.68 -0.30 5.21
N LYS A 23 -5.67 -0.87 5.89
CA LYS A 23 -5.78 -2.32 6.01
C LYS A 23 -6.93 -2.84 5.15
N VAL A 24 -6.61 -3.72 4.21
CA VAL A 24 -7.62 -4.30 3.33
C VAL A 24 -7.75 -5.80 3.56
N ASN A 25 -8.91 -6.20 4.10
CA ASN A 25 -9.16 -7.61 4.37
C ASN A 25 -9.90 -8.27 3.20
N LEU A 26 -9.44 -9.46 2.81
CA LEU A 26 -10.06 -10.18 1.70
C LEU A 26 -10.23 -11.66 2.06
N VAL A 27 -11.41 -12.20 1.75
CA VAL A 27 -11.70 -13.60 2.03
C VAL A 27 -11.75 -14.42 0.74
N LEU A 28 -10.64 -15.06 0.41
CA LEU A 28 -10.56 -15.88 -0.79
C LEU A 28 -11.43 -17.12 -0.67
N GLY A 29 -12.17 -17.43 -1.74
CA GLY A 29 -13.03 -18.59 -1.72
C GLY A 29 -12.27 -19.89 -1.90
N ASP A 30 -12.31 -20.44 -3.11
CA ASP A 30 -11.63 -21.69 -3.40
C ASP A 30 -10.87 -21.59 -4.72
N GLY A 31 -9.56 -21.39 -4.64
CA GLY A 31 -8.76 -21.28 -5.85
C GLY A 31 -8.66 -19.85 -6.35
N ARG A 32 -8.65 -18.90 -5.44
CA ARG A 32 -8.56 -17.48 -5.81
C ARG A 32 -7.15 -16.94 -5.55
N SER A 33 -6.93 -15.69 -5.93
CA SER A 33 -5.64 -15.05 -5.75
C SER A 33 -5.75 -13.53 -5.86
N LEU A 34 -4.86 -12.82 -5.17
CA LEU A 34 -4.85 -11.36 -5.20
C LEU A 34 -4.61 -10.85 -6.61
N GLY A 35 -3.83 -11.60 -7.39
CA GLY A 35 -3.54 -11.19 -8.75
C GLY A 35 -2.75 -9.89 -8.81
N LEU A 36 -1.86 -9.70 -7.85
CA LEU A 36 -1.03 -8.50 -7.80
C LEU A 36 0.38 -8.79 -8.25
N THR A 37 1.08 -7.76 -8.72
CA THR A 37 2.45 -7.91 -9.20
C THR A 37 3.42 -7.15 -8.29
N ILE A 38 3.72 -7.73 -7.14
CA ILE A 38 4.63 -7.11 -6.18
C ILE A 38 6.07 -7.21 -6.66
N ARG A 39 6.96 -6.44 -6.03
CA ARG A 39 8.37 -6.44 -6.38
C ARG A 39 9.25 -6.27 -5.14
N GLY A 40 10.56 -6.32 -5.34
CA GLY A 40 11.48 -6.17 -4.23
C GLY A 40 11.28 -7.24 -3.17
N GLY A 41 12.26 -7.38 -2.28
CA GLY A 41 12.17 -8.37 -1.23
C GLY A 41 13.25 -8.21 -0.18
N ALA A 42 13.30 -9.14 0.77
CA ALA A 42 14.30 -9.09 1.83
C ALA A 42 15.69 -9.41 1.30
N GLU A 43 15.76 -10.09 0.16
CA GLU A 43 17.04 -10.45 -0.44
C GLU A 43 17.43 -9.45 -1.53
N TYR A 44 16.97 -8.21 -1.39
CA TYR A 44 17.28 -7.16 -2.35
C TYR A 44 17.39 -5.80 -1.68
N GLY A 45 17.60 -5.80 -0.36
CA GLY A 45 17.71 -4.55 0.38
C GLY A 45 16.58 -3.59 0.08
N LEU A 46 15.42 -4.14 -0.30
CA LEU A 46 14.26 -3.33 -0.61
C LEU A 46 13.00 -3.91 0.02
N GLY A 47 11.97 -3.08 0.15
CA GLY A 47 10.72 -3.53 0.74
C GLY A 47 9.80 -4.17 -0.28
N ILE A 48 8.52 -4.29 0.07
CA ILE A 48 7.53 -4.89 -0.82
C ILE A 48 6.63 -3.83 -1.42
N TYR A 49 6.68 -3.68 -2.74
CA TYR A 49 5.86 -2.70 -3.43
C TYR A 49 4.88 -3.38 -4.39
N ILE A 50 4.11 -2.58 -5.12
CA ILE A 50 3.14 -3.11 -6.07
C ILE A 50 3.25 -2.40 -7.41
N THR A 51 2.98 -3.14 -8.48
CA THR A 51 3.05 -2.58 -9.84
C THR A 51 2.29 -3.46 -10.82
N GLY A 52 1.14 -3.98 -10.38
CA GLY A 52 0.33 -4.83 -11.25
C GLY A 52 -0.92 -5.33 -10.56
N VAL A 53 -2.04 -5.28 -11.27
CA VAL A 53 -3.31 -5.73 -10.72
C VAL A 53 -4.09 -6.54 -11.75
N ASP A 54 -4.53 -7.74 -11.36
CA ASP A 54 -5.29 -8.61 -12.24
C ASP A 54 -6.59 -7.94 -12.68
N PRO A 55 -7.07 -8.26 -13.90
CA PRO A 55 -8.30 -7.68 -14.43
C PRO A 55 -9.54 -8.20 -13.71
N GLY A 56 -9.98 -7.47 -12.69
CA GLY A 56 -11.15 -7.87 -11.94
C GLY A 56 -10.84 -8.92 -10.89
N SER A 57 -9.68 -8.78 -10.24
CA SER A 57 -9.27 -9.73 -9.21
C SER A 57 -9.77 -9.29 -7.84
N GLU A 58 -9.49 -10.10 -6.82
CA GLU A 58 -9.91 -9.80 -5.46
C GLU A 58 -9.30 -8.48 -4.98
N ALA A 59 -8.09 -8.21 -5.42
CA ALA A 59 -7.39 -6.98 -5.04
C ALA A 59 -7.96 -5.78 -5.77
N GLU A 60 -8.28 -5.95 -7.05
CA GLU A 60 -8.83 -4.89 -7.86
C GLU A 60 -10.22 -4.50 -7.38
N GLY A 61 -10.95 -5.46 -6.85
CA GLY A 61 -12.29 -5.20 -6.35
C GLY A 61 -12.29 -4.38 -5.09
N SER A 62 -11.39 -4.71 -4.16
CA SER A 62 -11.29 -4.00 -2.90
C SER A 62 -10.92 -2.54 -3.13
N GLY A 63 -9.80 -2.31 -3.81
CA GLY A 63 -9.37 -0.95 -4.09
C GLY A 63 -7.86 -0.80 -4.01
N LEU A 64 -7.15 -1.70 -4.68
CA LEU A 64 -5.69 -1.66 -4.69
C LEU A 64 -5.17 -1.13 -6.02
N LYS A 65 -4.03 -0.42 -5.96
CA LYS A 65 -3.43 0.14 -7.16
C LYS A 65 -1.93 -0.14 -7.19
N VAL A 66 -1.25 0.41 -8.19
CA VAL A 66 0.20 0.23 -8.34
C VAL A 66 0.97 1.34 -7.62
N GLY A 67 2.03 0.95 -6.94
CA GLY A 67 2.84 1.92 -6.21
C GLY A 67 2.74 1.76 -4.72
N ASP A 68 1.60 1.25 -4.24
CA ASP A 68 1.38 1.06 -2.82
C ASP A 68 2.43 0.11 -2.24
N GLN A 69 2.84 0.39 -1.00
CA GLN A 69 3.84 -0.43 -0.33
C GLN A 69 3.20 -1.26 0.79
N ILE A 70 3.16 -2.57 0.59
CA ILE A 70 2.57 -3.47 1.57
C ILE A 70 3.44 -3.56 2.82
N LEU A 71 2.93 -3.05 3.93
CA LEU A 71 3.66 -3.07 5.19
C LEU A 71 3.70 -4.47 5.78
N GLU A 72 2.52 -4.98 6.16
CA GLU A 72 2.42 -6.31 6.73
C GLU A 72 1.17 -7.02 6.24
N VAL A 73 1.15 -8.34 6.37
CA VAL A 73 0.01 -9.14 5.94
C VAL A 73 -0.24 -10.30 6.89
N ASN A 74 -1.49 -10.43 7.35
CA ASN A 74 -1.86 -11.50 8.26
C ASN A 74 -1.06 -11.39 9.56
N GLY A 75 -0.80 -10.17 9.99
CA GLY A 75 -0.06 -9.96 11.22
C GLY A 75 1.40 -10.35 11.08
N ARG A 76 1.93 -10.25 9.87
CA ARG A 76 3.32 -10.59 9.60
C ARG A 76 4.04 -9.44 8.89
N SER A 77 5.17 -9.03 9.46
CA SER A 77 5.95 -7.94 8.89
C SER A 77 6.41 -8.29 7.47
N PHE A 78 5.95 -7.51 6.50
CA PHE A 78 6.31 -7.73 5.10
C PHE A 78 7.44 -6.80 4.68
N LEU A 79 8.30 -6.43 5.63
CA LEU A 79 9.41 -5.53 5.35
C LEU A 79 10.67 -6.33 5.02
N ASN A 80 10.80 -7.52 5.60
CA ASN A 80 11.95 -8.38 5.36
C ASN A 80 11.51 -9.77 4.93
N ILE A 81 10.71 -9.82 3.86
CA ILE A 81 10.22 -11.10 3.34
C ILE A 81 10.73 -11.35 1.93
N LEU A 82 11.15 -12.57 1.67
CA LEU A 82 11.67 -12.95 0.35
C LEU A 82 10.62 -12.72 -0.73
N HIS A 83 11.07 -12.41 -1.93
CA HIS A 83 10.17 -12.16 -3.05
C HIS A 83 9.37 -13.42 -3.39
N ASP A 84 10.02 -14.57 -3.32
CA ASP A 84 9.38 -15.84 -3.61
C ASP A 84 8.41 -16.23 -2.50
N GLU A 85 8.76 -15.89 -1.27
CA GLU A 85 7.92 -16.20 -0.12
C GLU A 85 6.71 -15.28 -0.06
N ALA A 86 6.93 -14.00 -0.39
CA ALA A 86 5.86 -13.02 -0.38
C ALA A 86 4.74 -13.41 -1.33
N VAL A 87 5.12 -13.90 -2.50
CA VAL A 87 4.14 -14.31 -3.51
C VAL A 87 3.45 -15.61 -3.11
N ARG A 88 4.25 -16.61 -2.73
CA ARG A 88 3.73 -17.91 -2.33
C ARG A 88 2.82 -17.76 -1.11
N LEU A 89 3.28 -17.01 -0.12
CA LEU A 89 2.51 -16.80 1.10
C LEU A 89 1.21 -16.04 0.81
N LEU A 90 1.32 -14.99 -0.01
CA LEU A 90 0.15 -14.19 -0.37
C LEU A 90 -0.89 -15.05 -1.07
N LYS A 91 -0.43 -16.06 -1.81
CA LYS A 91 -1.34 -16.94 -2.53
C LYS A 91 -1.41 -18.31 -1.86
N SER A 92 -1.59 -18.29 -0.54
CA SER A 92 -1.68 -19.54 0.22
C SER A 92 -2.82 -19.47 1.23
N SER A 93 -2.74 -18.50 2.14
CA SER A 93 -3.77 -18.33 3.16
C SER A 93 -5.09 -17.93 2.53
N ARG A 94 -6.17 -18.02 3.32
CA ARG A 94 -7.50 -17.67 2.84
C ARG A 94 -7.81 -16.20 3.12
N HIS A 95 -7.74 -15.82 4.39
CA HIS A 95 -8.01 -14.44 4.80
C HIS A 95 -6.74 -13.60 4.74
N LEU A 96 -6.60 -12.82 3.67
CA LEU A 96 -5.43 -11.97 3.49
C LEU A 96 -5.74 -10.53 3.89
N ILE A 97 -5.01 -10.02 4.87
CA ILE A 97 -5.21 -8.65 5.35
C ILE A 97 -3.97 -7.80 5.09
N LEU A 98 -3.84 -7.29 3.87
CA LEU A 98 -2.71 -6.46 3.51
C LEU A 98 -2.82 -5.07 4.13
N THR A 99 -1.68 -4.52 4.54
CA THR A 99 -1.65 -3.20 5.15
C THR A 99 -0.73 -2.26 4.38
N VAL A 100 -1.24 -1.72 3.28
CA VAL A 100 -0.46 -0.81 2.45
C VAL A 100 -0.59 0.63 2.93
N LYS A 101 0.24 1.51 2.39
CA LYS A 101 0.22 2.92 2.76
C LYS A 101 0.04 3.81 1.54
N ASP A 102 -0.58 4.97 1.73
CA ASP A 102 -0.81 5.91 0.65
C ASP A 102 0.49 6.58 0.21
N VAL A 103 1.22 5.91 -0.67
CA VAL A 103 2.49 6.45 -1.17
C VAL A 103 2.27 7.72 -1.98
N GLY A 104 1.11 7.81 -2.63
CA GLY A 104 0.81 8.98 -3.43
C GLY A 104 -0.47 8.83 -4.22
N ARG A 105 -1.51 8.32 -3.56
CA ARG A 105 -2.80 8.12 -4.21
C ARG A 105 -3.77 9.24 -3.84
N LEU A 106 -4.91 9.28 -4.52
CA LEU A 106 -5.92 10.30 -4.26
C LEU A 106 -7.19 9.67 -3.70
N PRO A 107 -7.97 10.45 -2.92
CA PRO A 107 -9.22 9.97 -2.32
C PRO A 107 -10.31 9.73 -3.35
N HIS A 108 -11.47 9.28 -2.89
CA HIS A 108 -12.60 9.02 -3.78
C HIS A 108 -13.80 9.88 -3.41
N ALA A 109 -14.28 10.67 -4.36
CA ALA A 109 -15.42 11.55 -4.14
C ALA A 109 -16.08 11.95 -5.45
N ARG A 110 -17.40 12.03 -5.44
CA ARG A 110 -18.15 12.39 -6.64
C ARG A 110 -18.73 13.80 -6.50
N THR A 111 -19.19 14.13 -5.30
CA THR A 111 -19.77 15.45 -5.05
C THR A 111 -18.93 16.22 -4.03
N THR A 112 -18.00 17.01 -4.51
CA THR A 112 -17.14 17.80 -3.64
C THR A 112 -17.59 19.26 -3.59
N VAL A 113 -18.90 19.46 -3.63
CA VAL A 113 -19.48 20.80 -3.58
C VAL A 113 -20.12 21.07 -2.23
N ASP A 114 -20.61 20.03 -1.58
CA ASP A 114 -21.24 20.16 -0.27
C ASP A 114 -22.48 21.05 -0.36
N GLU A 115 -23.65 20.46 -0.14
CA GLU A 115 -24.90 21.21 -0.19
C GLU A 115 -25.12 21.80 -1.58
N THR A 116 -26.36 22.20 -1.86
CA THR A 116 -26.70 22.78 -3.14
C THR A 116 -26.15 24.21 -3.26
N LYS A 117 -26.20 24.94 -2.15
CA LYS A 117 -25.72 26.32 -2.13
C LYS A 117 -25.51 26.79 -0.69
N TRP A 118 -26.60 26.90 0.04
CA TRP A 118 -26.55 27.35 1.44
C TRP A 118 -27.93 27.30 2.08
N ILE A 119 -28.95 27.69 1.32
CA ILE A 119 -30.32 27.69 1.82
C ILE A 119 -30.73 26.30 2.29
N ALA A 120 -31.60 26.26 3.29
CA ALA A 120 -32.08 25.01 3.85
C ALA A 120 -33.07 24.33 2.91
N SER A 121 -33.96 25.13 2.33
CA SER A 121 -34.97 24.62 1.41
C SER A 121 -35.87 23.59 2.09
N SER A 122 -37.12 23.96 2.31
CA SER A 122 -38.08 23.08 2.96
C SER A 122 -39.51 23.40 2.51
N SER A 123 -40.38 22.39 2.56
CA SER A 123 -41.77 22.54 2.17
C SER A 123 -42.68 21.60 2.94
N GLY A 124 -43.35 22.13 3.96
CA GLY A 124 -44.24 21.32 4.76
C GLY A 124 -43.55 20.75 6.00
N PRO A 125 -44.32 20.51 7.08
CA PRO A 125 -43.76 19.96 8.32
C PRO A 125 -43.34 18.51 8.18
N SER A 126 -44.14 17.73 7.45
CA SER A 126 -43.86 16.32 7.23
C SER A 126 -44.01 15.52 8.52
N SER A 127 -43.14 15.77 9.48
CA SER A 127 -43.19 15.07 10.76
C SER A 127 -43.16 16.06 11.92
N GLY A 128 -44.09 17.01 11.91
CA GLY A 128 -44.15 18.01 12.96
C GLY A 128 -45.56 18.49 13.22
N GLY A 1 -2.86 24.51 -9.03
CA GLY A 1 -2.98 25.98 -9.30
C GLY A 1 -1.85 26.78 -8.68
N SER A 2 -2.07 28.07 -8.53
CA SER A 2 -1.07 28.96 -7.94
C SER A 2 -1.38 29.24 -6.47
N SER A 3 -2.66 29.39 -6.17
CA SER A 3 -3.10 29.66 -4.81
C SER A 3 -4.46 29.03 -4.53
N GLY A 4 -5.42 29.28 -5.43
CA GLY A 4 -6.75 28.73 -5.27
C GLY A 4 -7.68 29.67 -4.53
N SER A 5 -8.50 29.11 -3.64
CA SER A 5 -9.44 29.90 -2.86
C SER A 5 -8.95 30.07 -1.42
N SER A 6 -8.93 28.98 -0.68
CA SER A 6 -8.48 29.01 0.71
C SER A 6 -8.03 27.63 1.16
N GLY A 7 -8.87 26.62 0.94
CA GLY A 7 -8.53 25.26 1.33
C GLY A 7 -9.33 24.23 0.57
N ASP A 8 -9.20 22.97 0.97
CA ASP A 8 -9.92 21.89 0.33
C ASP A 8 -9.82 20.59 1.15
N ARG A 9 -8.61 20.32 1.66
CA ARG A 9 -8.38 19.13 2.45
C ARG A 9 -9.27 19.12 3.70
N ARG A 10 -10.43 18.49 3.58
CA ARG A 10 -11.36 18.41 4.70
C ARG A 10 -11.85 16.97 4.91
N SER A 11 -12.22 16.31 3.81
CA SER A 11 -12.69 14.93 3.87
C SER A 11 -13.99 14.84 4.68
N THR A 12 -15.04 14.33 4.05
CA THR A 12 -16.33 14.19 4.71
C THR A 12 -16.22 13.29 5.93
N LEU A 13 -15.68 12.09 5.74
CA LEU A 13 -15.52 11.13 6.83
C LEU A 13 -14.29 11.47 7.66
N HIS A 14 -14.51 11.87 8.90
CA HIS A 14 -13.41 12.21 9.80
C HIS A 14 -13.08 11.05 10.73
N LEU A 15 -13.20 9.84 10.21
CA LEU A 15 -12.92 8.64 10.99
C LEU A 15 -11.41 8.44 11.15
N LEU A 16 -11.02 7.82 12.26
CA LEU A 16 -9.60 7.56 12.53
C LEU A 16 -9.43 6.49 13.59
N GLN A 17 -8.30 5.79 13.55
CA GLN A 17 -8.03 4.73 14.50
C GLN A 17 -6.55 4.32 14.45
N GLY A 18 -5.68 5.30 14.23
CA GLY A 18 -4.26 5.03 14.17
C GLY A 18 -3.55 5.92 13.17
N GLY A 19 -2.26 5.65 12.97
CA GLY A 19 -1.48 6.45 12.03
C GLY A 19 -1.98 6.31 10.61
N ASP A 20 -1.04 6.22 9.66
CA ASP A 20 -1.39 6.09 8.25
C ASP A 20 -1.23 4.65 7.78
N GLU A 21 -1.95 3.74 8.44
CA GLU A 21 -1.88 2.32 8.08
C GLU A 21 -3.26 1.82 7.64
N LYS A 22 -3.38 1.52 6.35
CA LYS A 22 -4.63 1.03 5.80
C LYS A 22 -4.68 -0.50 5.84
N LYS A 23 -5.89 -1.05 5.79
CA LYS A 23 -6.07 -2.50 5.82
C LYS A 23 -7.08 -2.94 4.78
N VAL A 24 -6.84 -4.11 4.19
CA VAL A 24 -7.73 -4.65 3.17
C VAL A 24 -8.01 -6.13 3.40
N ASN A 25 -9.07 -6.41 4.16
CA ASN A 25 -9.45 -7.79 4.45
C ASN A 25 -10.18 -8.42 3.28
N LEU A 26 -9.77 -9.64 2.93
CA LEU A 26 -10.37 -10.36 1.81
C LEU A 26 -10.61 -11.83 2.18
N VAL A 27 -11.73 -12.37 1.71
CA VAL A 27 -12.07 -13.77 1.98
C VAL A 27 -11.93 -14.62 0.72
N LEU A 28 -10.74 -15.18 0.53
CA LEU A 28 -10.49 -16.03 -0.64
C LEU A 28 -11.23 -17.35 -0.52
N GLY A 29 -11.16 -18.16 -1.58
CA GLY A 29 -11.83 -19.44 -1.58
C GLY A 29 -10.88 -20.60 -1.36
N ASP A 30 -10.47 -21.25 -2.45
CA ASP A 30 -9.56 -22.38 -2.36
C ASP A 30 -8.33 -22.16 -3.25
N GLY A 31 -7.29 -21.59 -2.66
CA GLY A 31 -6.07 -21.34 -3.41
C GLY A 31 -6.23 -20.19 -4.39
N ARG A 32 -7.11 -19.25 -4.07
CA ARG A 32 -7.36 -18.10 -4.93
C ARG A 32 -6.14 -17.18 -4.95
N SER A 33 -6.31 -16.01 -5.57
CA SER A 33 -5.22 -15.04 -5.66
C SER A 33 -5.76 -13.61 -5.61
N LEU A 34 -4.90 -12.66 -5.30
CA LEU A 34 -5.29 -11.26 -5.23
C LEU A 34 -5.20 -10.59 -6.60
N GLY A 35 -4.07 -10.79 -7.28
CA GLY A 35 -3.88 -10.21 -8.59
C GLY A 35 -3.03 -8.95 -8.54
N LEU A 36 -2.08 -8.91 -7.60
CA LEU A 36 -1.21 -7.75 -7.46
C LEU A 36 0.25 -8.13 -7.72
N THR A 37 0.88 -7.43 -8.64
CA THR A 37 2.28 -7.69 -8.99
C THR A 37 3.22 -6.92 -8.08
N ILE A 38 3.70 -7.59 -7.03
CA ILE A 38 4.62 -6.96 -6.09
C ILE A 38 6.06 -7.13 -6.52
N ARG A 39 6.95 -6.30 -5.97
CA ARG A 39 8.36 -6.36 -6.30
C ARG A 39 9.22 -6.08 -5.07
N GLY A 40 10.51 -6.40 -5.17
CA GLY A 40 11.42 -6.17 -4.06
C GLY A 40 11.27 -7.22 -2.98
N GLY A 41 12.34 -7.43 -2.21
CA GLY A 41 12.30 -8.42 -1.14
C GLY A 41 13.61 -8.48 -0.37
N ALA A 42 13.68 -9.39 0.59
CA ALA A 42 14.88 -9.55 1.40
C ALA A 42 16.09 -9.90 0.53
N GLU A 43 15.84 -10.58 -0.57
CA GLU A 43 16.91 -10.98 -1.48
C GLU A 43 17.33 -9.81 -2.37
N TYR A 44 16.37 -8.95 -2.70
CA TYR A 44 16.64 -7.79 -3.54
C TYR A 44 16.96 -6.55 -2.70
N GLY A 45 17.21 -6.76 -1.41
CA GLY A 45 17.53 -5.65 -0.53
C GLY A 45 16.50 -4.55 -0.58
N LEU A 46 15.26 -4.90 -0.93
CA LEU A 46 14.18 -3.94 -1.02
C LEU A 46 12.91 -4.47 -0.38
N GLY A 47 12.05 -3.57 0.09
CA GLY A 47 10.81 -3.98 0.71
C GLY A 47 9.83 -4.56 -0.28
N ILE A 48 8.59 -4.77 0.18
CA ILE A 48 7.55 -5.34 -0.68
C ILE A 48 6.62 -4.25 -1.18
N TYR A 49 6.74 -3.90 -2.46
CA TYR A 49 5.90 -2.87 -3.07
C TYR A 49 4.93 -3.49 -4.07
N ILE A 50 4.18 -2.63 -4.75
CA ILE A 50 3.21 -3.09 -5.74
C ILE A 50 3.42 -2.42 -7.08
N THR A 51 3.05 -3.10 -8.16
CA THR A 51 3.21 -2.57 -9.51
C THR A 51 2.42 -3.40 -10.52
N GLY A 52 1.22 -3.83 -10.12
CA GLY A 52 0.40 -4.62 -11.01
C GLY A 52 -0.99 -4.86 -10.45
N VAL A 53 -1.98 -4.93 -11.33
CA VAL A 53 -3.36 -5.17 -10.91
C VAL A 53 -4.12 -5.96 -11.97
N ASP A 54 -4.41 -7.21 -11.66
CA ASP A 54 -5.14 -8.08 -12.58
C ASP A 54 -6.54 -7.52 -12.87
N PRO A 55 -7.02 -7.64 -14.12
CA PRO A 55 -8.33 -7.14 -14.51
C PRO A 55 -9.46 -8.03 -14.00
N GLY A 56 -10.22 -7.53 -13.03
CA GLY A 56 -11.32 -8.30 -12.48
C GLY A 56 -10.87 -9.24 -11.38
N SER A 57 -9.93 -8.79 -10.56
CA SER A 57 -9.42 -9.61 -9.46
C SER A 57 -9.98 -9.14 -8.13
N GLU A 58 -9.66 -9.87 -7.06
CA GLU A 58 -10.12 -9.52 -5.73
C GLU A 58 -9.45 -8.25 -5.23
N ALA A 59 -8.20 -8.04 -5.65
CA ALA A 59 -7.44 -6.86 -5.25
C ALA A 59 -7.95 -5.61 -5.95
N GLU A 60 -8.09 -5.70 -7.27
CA GLU A 60 -8.56 -4.58 -8.07
C GLU A 60 -9.96 -4.15 -7.62
N GLY A 61 -10.79 -5.13 -7.28
CA GLY A 61 -12.13 -4.83 -6.84
C GLY A 61 -12.18 -4.12 -5.49
N SER A 62 -11.20 -4.44 -4.65
CA SER A 62 -11.13 -3.83 -3.32
C SER A 62 -10.77 -2.34 -3.41
N GLY A 63 -9.64 -2.06 -4.07
CA GLY A 63 -9.21 -0.69 -4.23
C GLY A 63 -7.71 -0.53 -4.03
N LEU A 64 -6.94 -1.29 -4.78
CA LEU A 64 -5.48 -1.24 -4.68
C LEU A 64 -4.87 -0.81 -6.01
N LYS A 65 -4.05 0.24 -5.96
CA LYS A 65 -3.40 0.75 -7.16
C LYS A 65 -1.97 0.24 -7.28
N VAL A 66 -1.26 0.69 -8.30
CA VAL A 66 0.12 0.27 -8.51
C VAL A 66 1.10 1.33 -7.99
N GLY A 67 1.96 0.92 -7.06
CA GLY A 67 2.93 1.84 -6.49
C GLY A 67 2.92 1.82 -4.98
N ASP A 68 1.80 1.45 -4.39
CA ASP A 68 1.68 1.40 -2.94
C ASP A 68 2.71 0.47 -2.33
N GLN A 69 2.89 0.55 -1.02
CA GLN A 69 3.85 -0.29 -0.32
C GLN A 69 3.16 -1.12 0.76
N ILE A 70 3.21 -2.43 0.60
CA ILE A 70 2.59 -3.34 1.56
C ILE A 70 3.44 -3.47 2.82
N LEU A 71 2.96 -2.90 3.92
CA LEU A 71 3.68 -2.96 5.19
C LEU A 71 3.64 -4.36 5.77
N GLU A 72 2.44 -4.84 6.08
CA GLU A 72 2.28 -6.17 6.65
C GLU A 72 1.04 -6.86 6.09
N VAL A 73 0.97 -8.17 6.27
CA VAL A 73 -0.17 -8.95 5.78
C VAL A 73 -0.51 -10.09 6.73
N ASN A 74 -1.78 -10.18 7.11
CA ASN A 74 -2.23 -11.22 8.02
C ASN A 74 -1.50 -11.13 9.35
N GLY A 75 -1.12 -9.92 9.73
CA GLY A 75 -0.43 -9.72 11.00
C GLY A 75 1.05 -10.09 10.90
N ARG A 76 1.61 -9.96 9.70
CA ARG A 76 3.02 -10.29 9.49
C ARG A 76 3.73 -9.14 8.77
N SER A 77 4.89 -8.76 9.29
CA SER A 77 5.67 -7.67 8.69
C SER A 77 6.25 -8.11 7.35
N PHE A 78 5.82 -7.42 6.28
CA PHE A 78 6.29 -7.73 4.94
C PHE A 78 7.42 -6.79 4.54
N LEU A 79 8.30 -6.48 5.48
CA LEU A 79 9.43 -5.59 5.22
C LEU A 79 10.71 -6.38 5.06
N ASN A 80 10.81 -7.51 5.76
CA ASN A 80 12.00 -8.35 5.69
C ASN A 80 11.63 -9.77 5.24
N ILE A 81 10.67 -9.85 4.32
CA ILE A 81 10.23 -11.14 3.80
C ILE A 81 10.81 -11.40 2.41
N LEU A 82 10.89 -12.67 2.04
CA LEU A 82 11.43 -13.05 0.74
C LEU A 82 10.40 -12.84 -0.36
N HIS A 83 10.88 -12.59 -1.57
CA HIS A 83 9.99 -12.35 -2.71
C HIS A 83 9.12 -13.58 -2.97
N ASP A 84 9.74 -14.75 -2.99
CA ASP A 84 9.01 -15.99 -3.23
C ASP A 84 7.96 -16.22 -2.15
N GLU A 85 8.36 -16.14 -0.89
CA GLU A 85 7.45 -16.33 0.22
C GLU A 85 6.33 -15.30 0.20
N ALA A 86 6.64 -14.11 -0.30
CA ALA A 86 5.66 -13.04 -0.39
C ALA A 86 4.54 -13.38 -1.36
N VAL A 87 4.92 -13.89 -2.53
CA VAL A 87 3.95 -14.26 -3.55
C VAL A 87 3.21 -15.53 -3.16
N ARG A 88 3.95 -16.50 -2.63
CA ARG A 88 3.35 -17.76 -2.21
C ARG A 88 2.42 -17.56 -1.02
N LEU A 89 2.90 -16.84 -0.01
CA LEU A 89 2.10 -16.58 1.18
C LEU A 89 0.83 -15.81 0.83
N LEU A 90 0.94 -14.89 -0.12
CA LEU A 90 -0.20 -14.09 -0.56
C LEU A 90 -1.18 -14.93 -1.37
N LYS A 91 -0.65 -15.92 -2.07
CA LYS A 91 -1.49 -16.81 -2.89
C LYS A 91 -1.66 -18.16 -2.22
N SER A 92 -1.80 -18.15 -0.90
CA SER A 92 -1.97 -19.38 -0.13
C SER A 92 -3.07 -19.23 0.92
N SER A 93 -2.84 -18.31 1.87
CA SER A 93 -3.80 -18.07 2.94
C SER A 93 -5.15 -17.61 2.36
N ARG A 94 -6.23 -18.07 2.97
CA ARG A 94 -7.57 -17.72 2.52
C ARG A 94 -7.88 -16.26 2.87
N HIS A 95 -7.87 -15.94 4.16
CA HIS A 95 -8.15 -14.59 4.61
C HIS A 95 -6.92 -13.70 4.45
N LEU A 96 -6.89 -12.90 3.39
CA LEU A 96 -5.77 -12.00 3.13
C LEU A 96 -6.08 -10.59 3.63
N ILE A 97 -5.22 -10.08 4.50
CA ILE A 97 -5.40 -8.74 5.06
C ILE A 97 -4.15 -7.89 4.84
N LEU A 98 -3.96 -7.43 3.62
CA LEU A 98 -2.81 -6.61 3.28
C LEU A 98 -2.90 -5.23 3.94
N THR A 99 -1.76 -4.70 4.36
CA THR A 99 -1.72 -3.39 5.01
C THR A 99 -0.81 -2.44 4.24
N VAL A 100 -1.43 -1.59 3.42
CA VAL A 100 -0.68 -0.62 2.62
C VAL A 100 -0.87 0.79 3.16
N LYS A 101 0.03 1.70 2.77
CA LYS A 101 -0.05 3.09 3.21
C LYS A 101 -0.08 4.03 2.02
N ASP A 102 -0.30 5.31 2.29
CA ASP A 102 -0.35 6.32 1.24
C ASP A 102 1.02 6.53 0.61
N VAL A 103 1.23 5.95 -0.56
CA VAL A 103 2.51 6.07 -1.26
C VAL A 103 2.37 6.97 -2.49
N GLY A 104 1.52 7.98 -2.38
CA GLY A 104 1.31 8.90 -3.49
C GLY A 104 0.44 10.08 -3.11
N ARG A 105 0.98 10.98 -2.29
CA ARG A 105 0.24 12.15 -1.85
C ARG A 105 0.32 13.26 -2.90
N LEU A 106 -0.71 13.34 -3.74
CA LEU A 106 -0.76 14.36 -4.78
C LEU A 106 -2.20 14.80 -5.05
N PRO A 107 -2.50 16.10 -4.87
CA PRO A 107 -3.85 16.63 -5.08
C PRO A 107 -4.22 16.69 -6.57
N HIS A 108 -5.39 17.22 -6.86
CA HIS A 108 -5.86 17.33 -8.24
C HIS A 108 -5.09 18.42 -8.99
N ALA A 109 -5.22 18.42 -10.31
CA ALA A 109 -4.54 19.40 -11.15
C ALA A 109 -5.47 19.93 -12.23
N ARG A 110 -5.02 20.97 -12.92
CA ARG A 110 -5.81 21.58 -13.99
C ARG A 110 -4.92 22.31 -14.99
N THR A 111 -3.70 21.81 -15.16
CA THR A 111 -2.74 22.42 -16.08
C THR A 111 -1.93 21.34 -16.81
N THR A 112 -2.63 20.38 -17.39
CA THR A 112 -1.98 19.30 -18.11
C THR A 112 -1.97 19.58 -19.61
N VAL A 113 -1.82 20.84 -19.98
CA VAL A 113 -1.79 21.24 -21.38
C VAL A 113 -1.05 22.57 -21.56
N ASP A 114 0.10 22.50 -22.22
CA ASP A 114 0.91 23.70 -22.45
C ASP A 114 0.16 24.69 -23.35
N GLU A 115 0.73 25.88 -23.50
CA GLU A 115 0.11 26.91 -24.33
C GLU A 115 1.15 27.58 -25.22
N THR A 116 0.91 27.55 -26.52
CA THR A 116 1.83 28.14 -27.50
C THR A 116 1.11 29.16 -28.37
N LYS A 117 -0.05 28.78 -28.88
CA LYS A 117 -0.84 29.66 -29.74
C LYS A 117 -0.09 29.99 -31.02
N TRP A 118 0.74 29.05 -31.47
CA TRP A 118 1.52 29.24 -32.69
C TRP A 118 1.32 28.08 -33.65
N ILE A 119 1.50 26.86 -33.14
CA ILE A 119 1.35 25.66 -33.96
C ILE A 119 0.00 24.99 -33.70
N ALA A 120 -0.24 23.87 -34.37
CA ALA A 120 -1.49 23.14 -34.21
C ALA A 120 -1.27 21.63 -34.32
N SER A 121 -1.93 20.88 -33.46
CA SER A 121 -1.81 19.43 -33.44
C SER A 121 -3.16 18.76 -33.69
N SER A 122 -3.36 18.28 -34.92
CA SER A 122 -4.60 17.61 -35.28
C SER A 122 -4.36 16.15 -35.62
N SER A 123 -3.37 15.90 -36.47
CA SER A 123 -3.03 14.53 -36.87
C SER A 123 -1.67 14.49 -37.55
N GLY A 124 -1.46 15.39 -38.50
CA GLY A 124 -0.19 15.44 -39.20
C GLY A 124 -0.33 16.04 -40.60
N PRO A 125 0.80 16.45 -41.21
CA PRO A 125 0.78 17.05 -42.55
C PRO A 125 0.06 16.17 -43.57
N SER A 126 -0.14 16.71 -44.76
CA SER A 126 -0.83 15.98 -45.83
C SER A 126 0.03 14.84 -46.35
N SER A 127 0.01 13.72 -45.62
CA SER A 127 0.80 12.55 -46.01
C SER A 127 0.29 11.96 -47.33
N GLY A 128 -1.02 12.10 -47.56
CA GLY A 128 -1.61 11.58 -48.78
C GLY A 128 -3.11 11.71 -48.80
N GLY A 1 -12.16 -24.09 23.84
CA GLY A 1 -13.45 -23.61 23.26
C GLY A 1 -13.59 -22.10 23.34
N SER A 2 -14.53 -21.63 24.15
CA SER A 2 -14.78 -20.20 24.31
C SER A 2 -15.47 -19.92 25.64
N SER A 3 -14.76 -19.22 26.54
CA SER A 3 -15.31 -18.88 27.85
C SER A 3 -14.69 -17.60 28.37
N GLY A 4 -15.37 -16.95 29.31
CA GLY A 4 -14.87 -15.71 29.89
C GLY A 4 -15.95 -14.93 30.60
N SER A 5 -16.65 -15.59 31.52
CA SER A 5 -17.72 -14.95 32.28
C SER A 5 -17.26 -14.67 33.71
N SER A 6 -16.06 -14.13 33.85
CA SER A 6 -15.51 -13.81 35.17
C SER A 6 -14.72 -12.51 35.14
N GLY A 7 -13.82 -12.40 34.16
CA GLY A 7 -13.02 -11.20 34.04
C GLY A 7 -13.30 -10.44 32.75
N ASP A 8 -13.03 -9.14 32.76
CA ASP A 8 -13.25 -8.31 31.59
C ASP A 8 -11.95 -7.68 31.11
N ARG A 9 -11.14 -7.21 32.06
CA ARG A 9 -9.86 -6.58 31.74
C ARG A 9 -8.84 -7.62 31.31
N ARG A 10 -8.12 -7.33 30.23
CA ARG A 10 -7.10 -8.25 29.72
C ARG A 10 -6.08 -7.50 28.86
N SER A 11 -4.81 -7.74 29.13
CA SER A 11 -3.73 -7.10 28.38
C SER A 11 -3.74 -7.54 26.92
N THR A 12 -4.54 -6.88 26.10
CA THR A 12 -4.63 -7.21 24.68
C THR A 12 -5.06 -5.99 23.87
N LEU A 13 -4.64 -4.81 24.31
CA LEU A 13 -4.97 -3.58 23.63
C LEU A 13 -4.00 -2.46 24.01
N HIS A 14 -3.22 -2.01 23.02
CA HIS A 14 -2.24 -0.95 23.26
C HIS A 14 -2.02 -0.13 21.99
N LEU A 15 -1.12 0.84 22.07
CA LEU A 15 -0.80 1.69 20.93
C LEU A 15 0.70 1.84 20.76
N LEU A 16 1.24 1.28 19.68
CA LEU A 16 2.67 1.35 19.41
C LEU A 16 2.98 2.52 18.48
N GLN A 17 2.50 2.43 17.24
CA GLN A 17 2.72 3.47 16.25
C GLN A 17 1.43 3.79 15.49
N GLY A 18 0.91 4.99 15.70
CA GLY A 18 -0.31 5.40 15.03
C GLY A 18 -0.04 6.37 13.90
N GLY A 19 -0.76 6.20 12.79
CA GLY A 19 -0.60 7.08 11.65
C GLY A 19 -1.78 7.05 10.71
N ASP A 20 -1.52 6.74 9.44
CA ASP A 20 -2.59 6.69 8.44
C ASP A 20 -2.51 5.38 7.65
N GLU A 21 -2.40 4.26 8.36
CA GLU A 21 -2.32 2.96 7.73
C GLU A 21 -3.70 2.47 7.31
N LYS A 22 -3.76 1.76 6.19
CA LYS A 22 -5.02 1.23 5.68
C LYS A 22 -4.96 -0.28 5.51
N LYS A 23 -5.87 -0.98 6.18
CA LYS A 23 -5.92 -2.43 6.11
C LYS A 23 -6.93 -2.90 5.05
N VAL A 24 -6.60 -4.00 4.38
CA VAL A 24 -7.48 -4.55 3.35
C VAL A 24 -7.73 -6.04 3.58
N ASN A 25 -8.85 -6.35 4.21
CA ASN A 25 -9.22 -7.74 4.48
C ASN A 25 -10.00 -8.34 3.32
N LEU A 26 -9.51 -9.46 2.80
CA LEU A 26 -10.16 -10.13 1.69
C LEU A 26 -10.36 -11.61 1.99
N VAL A 27 -11.58 -12.10 1.78
CA VAL A 27 -11.90 -13.50 2.03
C VAL A 27 -11.92 -14.30 0.73
N LEU A 28 -11.02 -15.26 0.61
CA LEU A 28 -10.94 -16.10 -0.57
C LEU A 28 -11.70 -17.40 -0.39
N GLY A 29 -12.07 -18.03 -1.49
CA GLY A 29 -12.80 -19.28 -1.42
C GLY A 29 -11.90 -20.48 -1.16
N ASP A 30 -11.07 -20.81 -2.14
CA ASP A 30 -10.15 -21.93 -2.01
C ASP A 30 -9.03 -21.85 -3.05
N GLY A 31 -9.41 -21.59 -4.29
CA GLY A 31 -8.43 -21.48 -5.36
C GLY A 31 -8.36 -20.08 -5.95
N ARG A 32 -8.71 -19.09 -5.14
CA ARG A 32 -8.69 -17.70 -5.59
C ARG A 32 -7.27 -17.12 -5.50
N SER A 33 -7.15 -15.83 -5.81
CA SER A 33 -5.85 -15.17 -5.76
C SER A 33 -6.03 -13.66 -5.63
N LEU A 34 -4.93 -12.96 -5.33
CA LEU A 34 -4.97 -11.52 -5.17
C LEU A 34 -4.83 -10.83 -6.52
N GLY A 35 -3.95 -11.34 -7.37
CA GLY A 35 -3.76 -10.75 -8.68
C GLY A 35 -2.93 -9.49 -8.63
N LEU A 36 -1.92 -9.47 -7.76
CA LEU A 36 -1.06 -8.30 -7.61
C LEU A 36 0.40 -8.68 -7.91
N THR A 37 1.03 -7.90 -8.77
CA THR A 37 2.43 -8.16 -9.13
C THR A 37 3.36 -7.32 -8.27
N ILE A 38 3.65 -7.83 -7.07
CA ILE A 38 4.54 -7.13 -6.14
C ILE A 38 5.99 -7.21 -6.62
N ARG A 39 6.85 -6.42 -5.98
CA ARG A 39 8.26 -6.39 -6.33
C ARG A 39 9.13 -6.10 -5.10
N GLY A 40 10.43 -6.30 -5.24
CA GLY A 40 11.34 -6.06 -4.14
C GLY A 40 11.18 -7.08 -3.02
N GLY A 41 12.21 -7.19 -2.18
CA GLY A 41 12.15 -8.14 -1.07
C GLY A 41 13.43 -8.15 -0.27
N ALA A 42 13.52 -9.08 0.68
CA ALA A 42 14.70 -9.19 1.53
C ALA A 42 15.95 -9.46 0.69
N GLU A 43 15.76 -10.15 -0.43
CA GLU A 43 16.88 -10.47 -1.32
C GLU A 43 17.35 -9.23 -2.07
N TYR A 44 16.45 -8.28 -2.28
CA TYR A 44 16.77 -7.05 -2.99
C TYR A 44 16.93 -5.87 -2.03
N GLY A 45 16.99 -6.17 -0.73
CA GLY A 45 17.14 -5.12 0.27
C GLY A 45 16.10 -4.03 0.12
N LEU A 46 14.90 -4.40 -0.30
CA LEU A 46 13.82 -3.44 -0.49
C LEU A 46 12.50 -3.99 0.04
N GLY A 47 11.60 -3.09 0.44
CA GLY A 47 10.32 -3.51 0.97
C GLY A 47 9.49 -4.24 -0.06
N ILE A 48 8.17 -4.28 0.17
CA ILE A 48 7.26 -4.96 -0.75
C ILE A 48 6.26 -3.98 -1.35
N TYR A 49 6.43 -3.69 -2.63
CA TYR A 49 5.54 -2.76 -3.33
C TYR A 49 4.65 -3.50 -4.33
N ILE A 50 3.87 -2.75 -5.09
CA ILE A 50 2.98 -3.34 -6.09
C ILE A 50 3.19 -2.69 -7.46
N THR A 51 3.13 -3.51 -8.50
CA THR A 51 3.32 -3.02 -9.87
C THR A 51 2.57 -3.90 -10.87
N GLY A 52 1.34 -4.25 -10.53
CA GLY A 52 0.54 -5.07 -11.42
C GLY A 52 -0.88 -5.27 -10.91
N VAL A 53 -1.80 -5.53 -11.84
CA VAL A 53 -3.20 -5.73 -11.49
C VAL A 53 -3.89 -6.66 -12.49
N ASP A 54 -4.53 -7.70 -11.99
CA ASP A 54 -5.23 -8.65 -12.84
C ASP A 54 -6.70 -8.26 -13.02
N PRO A 55 -7.08 -7.83 -14.25
CA PRO A 55 -8.46 -7.43 -14.53
C PRO A 55 -9.48 -8.49 -14.11
N GLY A 56 -9.97 -8.37 -12.89
CA GLY A 56 -10.94 -9.33 -12.39
C GLY A 56 -10.46 -10.07 -11.15
N SER A 57 -9.84 -9.33 -10.24
CA SER A 57 -9.31 -9.93 -9.02
C SER A 57 -9.92 -9.24 -7.78
N GLU A 58 -9.63 -9.80 -6.62
CA GLU A 58 -10.14 -9.24 -5.37
C GLU A 58 -9.37 -7.99 -4.97
N ALA A 59 -8.10 -7.95 -5.32
CA ALA A 59 -7.25 -6.81 -5.02
C ALA A 59 -7.61 -5.60 -5.87
N GLU A 60 -8.07 -5.87 -7.09
CA GLU A 60 -8.45 -4.80 -8.01
C GLU A 60 -9.77 -4.16 -7.58
N GLY A 61 -10.64 -4.96 -6.96
CA GLY A 61 -11.93 -4.45 -6.52
C GLY A 61 -11.84 -3.76 -5.17
N SER A 62 -10.95 -4.26 -4.30
CA SER A 62 -10.77 -3.68 -2.98
C SER A 62 -10.34 -2.22 -3.08
N GLY A 63 -9.19 -2.00 -3.69
CA GLY A 63 -8.67 -0.64 -3.85
C GLY A 63 -7.16 -0.58 -3.80
N LEU A 64 -6.52 -1.37 -4.66
CA LEU A 64 -5.06 -1.40 -4.71
C LEU A 64 -4.55 -1.09 -6.11
N LYS A 65 -3.48 -0.31 -6.20
CA LYS A 65 -2.90 0.05 -7.48
C LYS A 65 -1.39 -0.15 -7.48
N VAL A 66 -0.75 0.19 -8.60
CA VAL A 66 0.70 0.05 -8.72
C VAL A 66 1.43 1.19 -8.01
N GLY A 67 2.21 0.84 -7.00
CA GLY A 67 2.96 1.84 -6.25
C GLY A 67 2.79 1.70 -4.76
N ASP A 68 1.66 1.12 -4.34
CA ASP A 68 1.39 0.94 -2.92
C ASP A 68 2.47 0.08 -2.26
N GLN A 69 2.74 0.35 -0.99
CA GLN A 69 3.75 -0.40 -0.24
C GLN A 69 3.13 -1.17 0.90
N ILE A 70 3.23 -2.50 0.85
CA ILE A 70 2.68 -3.35 1.89
C ILE A 70 3.55 -3.35 3.13
N LEU A 71 2.97 -3.00 4.27
CA LEU A 71 3.69 -2.96 5.53
C LEU A 71 3.65 -4.32 6.23
N GLU A 72 2.47 -4.93 6.23
CA GLU A 72 2.29 -6.23 6.88
C GLU A 72 0.97 -6.87 6.46
N VAL A 73 0.90 -8.18 6.52
CA VAL A 73 -0.30 -8.91 6.16
C VAL A 73 -0.58 -10.05 7.14
N ASN A 74 -1.81 -10.11 7.64
CA ASN A 74 -2.20 -11.15 8.59
C ASN A 74 -1.35 -11.07 9.85
N GLY A 75 -0.91 -9.88 10.21
CA GLY A 75 -0.10 -9.70 11.39
C GLY A 75 1.31 -10.22 11.21
N ARG A 76 1.79 -10.21 9.96
CA ARG A 76 3.13 -10.69 9.66
C ARG A 76 3.97 -9.59 9.02
N SER A 77 5.24 -9.49 9.44
CA SER A 77 6.14 -8.47 8.90
C SER A 77 6.48 -8.76 7.45
N PHE A 78 6.33 -7.74 6.61
CA PHE A 78 6.61 -7.88 5.18
C PHE A 78 7.77 -6.97 4.77
N LEU A 79 8.71 -6.77 5.68
CA LEU A 79 9.86 -5.91 5.41
C LEU A 79 11.08 -6.75 5.05
N ASN A 80 11.22 -7.90 5.70
CA ASN A 80 12.35 -8.80 5.45
C ASN A 80 11.88 -10.11 4.83
N ILE A 81 10.80 -10.05 4.06
CA ILE A 81 10.25 -11.23 3.42
C ILE A 81 10.77 -11.37 1.99
N LEU A 82 11.19 -12.59 1.64
CA LEU A 82 11.72 -12.85 0.31
C LEU A 82 10.67 -12.58 -0.76
N HIS A 83 11.12 -12.40 -1.99
CA HIS A 83 10.22 -12.13 -3.11
C HIS A 83 9.42 -13.37 -3.49
N ASP A 84 10.03 -14.54 -3.30
CA ASP A 84 9.38 -15.81 -3.62
C ASP A 84 8.35 -16.18 -2.54
N GLU A 85 8.75 -16.03 -1.28
CA GLU A 85 7.86 -16.34 -0.17
C GLU A 85 6.68 -15.38 -0.13
N ALA A 86 6.92 -14.12 -0.45
CA ALA A 86 5.88 -13.10 -0.44
C ALA A 86 4.80 -13.43 -1.47
N VAL A 87 5.23 -13.75 -2.69
CA VAL A 87 4.29 -14.08 -3.77
C VAL A 87 3.54 -15.37 -3.45
N ARG A 88 4.21 -16.28 -2.74
CA ARG A 88 3.60 -17.56 -2.39
C ARG A 88 2.70 -17.41 -1.16
N LEU A 89 3.12 -16.57 -0.22
CA LEU A 89 2.35 -16.34 0.99
C LEU A 89 1.02 -15.67 0.67
N LEU A 90 1.09 -14.54 -0.03
CA LEU A 90 -0.11 -13.79 -0.39
C LEU A 90 -1.05 -14.64 -1.24
N LYS A 91 -0.46 -15.51 -2.06
CA LYS A 91 -1.24 -16.38 -2.93
C LYS A 91 -1.31 -17.80 -2.35
N SER A 92 -1.81 -17.91 -1.13
CA SER A 92 -1.93 -19.20 -0.47
C SER A 92 -3.08 -19.19 0.55
N SER A 93 -2.93 -18.37 1.58
CA SER A 93 -3.96 -18.26 2.61
C SER A 93 -5.28 -17.78 2.02
N ARG A 94 -6.38 -18.21 2.62
CA ARG A 94 -7.71 -17.81 2.17
C ARG A 94 -8.05 -16.39 2.62
N HIS A 95 -7.51 -16.00 3.77
CA HIS A 95 -7.75 -14.67 4.31
C HIS A 95 -6.49 -13.83 4.25
N LEU A 96 -6.60 -12.65 3.62
CA LEU A 96 -5.46 -11.75 3.48
C LEU A 96 -5.82 -10.34 3.95
N ILE A 97 -5.05 -9.83 4.91
CA ILE A 97 -5.29 -8.49 5.44
C ILE A 97 -4.08 -7.59 5.22
N LEU A 98 -3.87 -7.19 3.96
CA LEU A 98 -2.75 -6.32 3.61
C LEU A 98 -2.86 -4.97 4.32
N THR A 99 -1.73 -4.39 4.65
CA THR A 99 -1.69 -3.09 5.32
C THR A 99 -0.87 -2.08 4.52
N VAL A 100 -1.49 -1.50 3.50
CA VAL A 100 -0.82 -0.52 2.66
C VAL A 100 -1.11 0.90 3.13
N LYS A 101 -0.19 1.81 2.83
CA LYS A 101 -0.35 3.21 3.22
C LYS A 101 -0.84 4.05 2.05
N ASP A 102 -1.22 5.29 2.33
CA ASP A 102 -1.70 6.21 1.31
C ASP A 102 -0.56 6.69 0.42
N VAL A 103 -0.34 6.00 -0.70
CA VAL A 103 0.71 6.38 -1.63
C VAL A 103 0.18 7.26 -2.75
N GLY A 104 -1.07 7.03 -3.13
CA GLY A 104 -1.67 7.81 -4.19
C GLY A 104 -1.95 9.24 -3.77
N ARG A 105 -0.88 10.00 -3.52
CA ARG A 105 -1.01 11.39 -3.10
C ARG A 105 -0.93 12.32 -4.31
N LEU A 106 0.12 12.16 -5.11
CA LEU A 106 0.31 13.00 -6.29
C LEU A 106 0.05 12.19 -7.57
N PRO A 107 -1.24 11.97 -7.90
CA PRO A 107 -1.63 11.22 -9.10
C PRO A 107 -1.33 11.98 -10.38
N HIS A 108 -1.39 13.31 -10.30
CA HIS A 108 -1.12 14.17 -11.46
C HIS A 108 0.28 13.93 -12.00
N ALA A 109 0.42 14.03 -13.32
CA ALA A 109 1.72 13.84 -13.96
C ALA A 109 1.83 14.66 -15.24
N ARG A 110 2.60 15.74 -15.18
CA ARG A 110 2.79 16.62 -16.32
C ARG A 110 3.66 15.95 -17.37
N THR A 111 4.86 15.55 -16.98
CA THR A 111 5.79 14.90 -17.88
C THR A 111 5.32 13.50 -18.25
N THR A 112 5.39 13.16 -19.53
CA THR A 112 4.97 11.84 -20.00
C THR A 112 6.16 10.93 -20.20
N VAL A 113 7.15 11.39 -20.96
CA VAL A 113 8.34 10.61 -21.23
C VAL A 113 9.60 11.40 -20.88
N ASP A 114 10.31 10.92 -19.85
CA ASP A 114 11.54 11.58 -19.41
C ASP A 114 12.75 10.68 -19.62
N GLU A 115 12.56 9.39 -19.37
CA GLU A 115 13.63 8.42 -19.53
C GLU A 115 14.81 8.75 -18.61
N THR A 116 14.51 9.02 -17.35
CA THR A 116 15.55 9.36 -16.38
C THR A 116 15.25 8.71 -15.03
N LYS A 117 14.79 7.46 -15.07
CA LYS A 117 14.46 6.73 -13.85
C LYS A 117 14.32 5.24 -14.14
N TRP A 118 13.39 4.90 -15.02
CA TRP A 118 13.15 3.51 -15.38
C TRP A 118 14.39 2.89 -16.02
N ILE A 119 15.06 3.67 -16.87
CA ILE A 119 16.27 3.19 -17.55
C ILE A 119 17.44 4.12 -17.28
N ALA A 120 18.54 3.56 -16.78
CA ALA A 120 19.73 4.33 -16.48
C ALA A 120 20.69 4.34 -17.66
N SER A 121 20.73 5.45 -18.38
CA SER A 121 21.61 5.59 -19.53
C SER A 121 22.59 6.74 -19.34
N SER A 122 23.88 6.43 -19.47
CA SER A 122 24.93 7.43 -19.31
C SER A 122 26.27 6.90 -19.77
N SER A 123 27.15 7.80 -20.21
CA SER A 123 28.47 7.42 -20.68
C SER A 123 29.56 8.25 -20.00
N GLY A 124 30.77 7.73 -19.99
CA GLY A 124 31.88 8.44 -19.37
C GLY A 124 32.57 7.61 -18.30
N PRO A 125 33.78 8.01 -17.88
CA PRO A 125 34.54 7.29 -16.85
C PRO A 125 33.92 7.42 -15.46
N SER A 126 33.52 8.64 -15.11
CA SER A 126 32.90 8.89 -13.82
C SER A 126 31.48 9.41 -13.99
N SER A 127 30.52 8.52 -13.86
CA SER A 127 29.10 8.88 -14.01
C SER A 127 28.36 8.69 -12.69
N GLY A 128 27.06 8.93 -12.72
CA GLY A 128 26.25 8.79 -11.52
C GLY A 128 26.08 7.33 -11.12
N GLY A 1 20.00 -6.97 5.53
CA GLY A 1 20.65 -5.81 6.21
C GLY A 1 21.90 -5.33 5.47
N SER A 2 22.28 -4.08 5.73
CA SER A 2 23.46 -3.51 5.10
C SER A 2 23.30 -3.48 3.57
N SER A 3 22.06 -3.30 3.12
CA SER A 3 21.78 -3.26 1.69
C SER A 3 21.69 -1.81 1.20
N GLY A 4 21.08 -0.95 2.00
CA GLY A 4 20.94 0.44 1.63
C GLY A 4 19.70 1.08 2.21
N SER A 5 19.87 2.22 2.87
CA SER A 5 18.75 2.92 3.48
C SER A 5 18.61 4.32 2.90
N SER A 6 17.89 4.43 1.79
CA SER A 6 17.67 5.71 1.13
C SER A 6 16.20 6.08 1.13
N GLY A 7 15.82 7.01 1.99
CA GLY A 7 14.43 7.44 2.08
C GLY A 7 14.29 8.94 2.30
N ASP A 8 14.17 9.33 3.56
CA ASP A 8 14.03 10.74 3.91
C ASP A 8 15.32 11.28 4.52
N ARG A 9 16.02 12.13 3.76
CA ARG A 9 17.27 12.72 4.23
C ARG A 9 17.04 14.13 4.76
N ARG A 10 15.84 14.37 5.30
CA ARG A 10 15.50 15.67 5.84
C ARG A 10 14.43 15.55 6.93
N SER A 11 14.42 16.50 7.85
CA SER A 11 13.46 16.49 8.94
C SER A 11 12.04 16.69 8.41
N THR A 12 11.06 16.32 9.22
CA THR A 12 9.66 16.45 8.82
C THR A 12 8.83 17.06 9.95
N LEU A 13 7.60 17.45 9.62
CA LEU A 13 6.71 18.05 10.61
C LEU A 13 5.33 17.40 10.56
N HIS A 14 5.19 16.28 11.28
CA HIS A 14 3.92 15.56 11.32
C HIS A 14 3.67 14.98 12.70
N LEU A 15 2.93 15.72 13.52
CA LEU A 15 2.62 15.27 14.88
C LEU A 15 1.14 15.45 15.18
N LEU A 16 0.38 14.37 15.03
CA LEU A 16 -1.06 14.41 15.30
C LEU A 16 -1.54 13.08 15.88
N GLN A 17 -1.15 11.99 15.25
CA GLN A 17 -1.54 10.66 15.71
C GLN A 17 -0.54 9.61 15.24
N GLY A 18 -0.31 9.57 13.93
CA GLY A 18 0.62 8.60 13.37
C GLY A 18 0.44 8.43 11.88
N GLY A 19 1.12 7.43 11.32
CA GLY A 19 1.02 7.18 9.89
C GLY A 19 -0.35 6.67 9.48
N ASP A 20 -0.69 6.83 8.21
CA ASP A 20 -1.98 6.38 7.69
C ASP A 20 -1.89 4.94 7.21
N GLU A 21 -2.31 4.00 8.08
CA GLU A 21 -2.29 2.59 7.74
C GLU A 21 -3.61 2.16 7.11
N LYS A 22 -3.55 1.75 5.84
CA LYS A 22 -4.75 1.31 5.14
C LYS A 22 -4.84 -0.21 5.12
N LYS A 23 -5.90 -0.74 5.73
CA LYS A 23 -6.10 -2.18 5.78
C LYS A 23 -6.98 -2.65 4.63
N VAL A 24 -6.71 -3.86 4.13
CA VAL A 24 -7.48 -4.43 3.03
C VAL A 24 -7.80 -5.89 3.28
N ASN A 25 -8.87 -6.14 4.04
CA ASN A 25 -9.28 -7.50 4.35
C ASN A 25 -9.96 -8.15 3.15
N LEU A 26 -9.49 -9.34 2.79
CA LEU A 26 -10.04 -10.07 1.66
C LEU A 26 -10.34 -11.52 2.04
N VAL A 27 -11.45 -12.04 1.54
CA VAL A 27 -11.85 -13.42 1.82
C VAL A 27 -11.92 -14.25 0.54
N LEU A 28 -11.02 -15.22 0.43
CA LEU A 28 -10.99 -16.09 -0.74
C LEU A 28 -11.74 -17.39 -0.49
N GLY A 29 -12.00 -18.14 -1.56
CA GLY A 29 -12.72 -19.39 -1.42
C GLY A 29 -11.80 -20.59 -1.58
N ASP A 30 -11.59 -21.02 -2.81
CA ASP A 30 -10.73 -22.17 -3.09
C ASP A 30 -9.41 -21.73 -3.72
N GLY A 31 -8.94 -20.54 -3.31
CA GLY A 31 -7.70 -20.02 -3.85
C GLY A 31 -7.91 -19.17 -5.09
N ARG A 32 -8.70 -18.12 -4.95
CA ARG A 32 -8.99 -17.23 -6.07
C ARG A 32 -7.81 -16.29 -6.34
N SER A 33 -6.79 -16.34 -5.49
CA SER A 33 -5.62 -15.48 -5.64
C SER A 33 -6.00 -14.01 -5.55
N LEU A 34 -5.00 -13.15 -5.39
CA LEU A 34 -5.23 -11.72 -5.29
C LEU A 34 -5.07 -11.04 -6.64
N GLY A 35 -4.02 -11.41 -7.36
CA GLY A 35 -3.79 -10.83 -8.67
C GLY A 35 -2.99 -9.54 -8.59
N LEU A 36 -1.99 -9.52 -7.73
CA LEU A 36 -1.15 -8.33 -7.57
C LEU A 36 0.30 -8.62 -7.93
N THR A 37 0.91 -7.74 -8.71
CA THR A 37 2.29 -7.91 -9.13
C THR A 37 3.24 -7.18 -8.20
N ILE A 38 3.51 -7.79 -7.04
CA ILE A 38 4.40 -7.19 -6.05
C ILE A 38 5.85 -7.25 -6.52
N ARG A 39 6.66 -6.33 -6.01
CA ARG A 39 8.08 -6.27 -6.38
C ARG A 39 8.93 -5.87 -5.18
N GLY A 40 10.19 -6.29 -5.19
CA GLY A 40 11.09 -5.97 -4.10
C GLY A 40 11.00 -6.97 -2.96
N GLY A 41 12.09 -7.12 -2.22
CA GLY A 41 12.12 -8.05 -1.11
C GLY A 41 13.48 -8.17 -0.47
N ALA A 42 13.64 -9.16 0.40
CA ALA A 42 14.92 -9.37 1.09
C ALA A 42 16.03 -9.68 0.08
N GLU A 43 15.67 -10.31 -1.03
CA GLU A 43 16.63 -10.65 -2.06
C GLU A 43 17.26 -9.41 -2.66
N TYR A 44 16.48 -8.33 -2.74
CA TYR A 44 16.97 -7.07 -3.30
C TYR A 44 17.11 -6.02 -2.21
N GLY A 45 17.20 -6.46 -0.96
CA GLY A 45 17.34 -5.53 0.15
C GLY A 45 16.29 -4.44 0.14
N LEU A 46 15.14 -4.71 -0.48
CA LEU A 46 14.06 -3.75 -0.56
C LEU A 46 12.79 -4.32 0.07
N GLY A 47 11.86 -3.42 0.41
CA GLY A 47 10.61 -3.83 1.02
C GLY A 47 9.70 -4.57 0.05
N ILE A 48 8.40 -4.39 0.22
CA ILE A 48 7.42 -5.04 -0.65
C ILE A 48 6.44 -4.02 -1.23
N TYR A 49 6.58 -3.73 -2.52
CA TYR A 49 5.71 -2.79 -3.19
C TYR A 49 4.86 -3.47 -4.26
N ILE A 50 3.97 -2.71 -4.89
CA ILE A 50 3.12 -3.25 -5.93
C ILE A 50 3.32 -2.51 -7.25
N THR A 51 3.34 -3.27 -8.34
CA THR A 51 3.53 -2.68 -9.67
C THR A 51 2.70 -3.42 -10.71
N GLY A 52 1.48 -3.80 -10.33
CA GLY A 52 0.61 -4.51 -11.24
C GLY A 52 -0.72 -4.88 -10.61
N VAL A 53 -1.80 -4.72 -11.37
CA VAL A 53 -3.13 -5.03 -10.88
C VAL A 53 -3.90 -5.89 -11.89
N ASP A 54 -4.21 -7.12 -11.50
CA ASP A 54 -4.93 -8.03 -12.38
C ASP A 54 -6.36 -7.54 -12.61
N PRO A 55 -6.83 -7.59 -13.87
CA PRO A 55 -8.19 -7.13 -14.21
C PRO A 55 -9.25 -8.13 -13.79
N GLY A 56 -10.15 -7.70 -12.90
CA GLY A 56 -11.21 -8.57 -12.42
C GLY A 56 -10.73 -9.56 -11.39
N SER A 57 -9.89 -9.09 -10.47
CA SER A 57 -9.35 -9.95 -9.42
C SER A 57 -9.87 -9.53 -8.04
N GLU A 58 -9.51 -10.30 -7.02
CA GLU A 58 -9.94 -10.00 -5.66
C GLU A 58 -9.29 -8.72 -5.15
N ALA A 59 -8.02 -8.53 -5.49
CA ALA A 59 -7.29 -7.35 -5.07
C ALA A 59 -7.72 -6.11 -5.86
N GLU A 60 -8.12 -6.33 -7.11
CA GLU A 60 -8.57 -5.24 -7.98
C GLU A 60 -9.91 -4.71 -7.51
N GLY A 61 -10.73 -5.57 -6.93
CA GLY A 61 -12.04 -5.16 -6.46
C GLY A 61 -11.95 -4.22 -5.29
N SER A 62 -11.01 -4.46 -4.39
CA SER A 62 -10.82 -3.61 -3.22
C SER A 62 -10.44 -2.20 -3.62
N GLY A 63 -9.55 -2.10 -4.61
CA GLY A 63 -9.11 -0.80 -5.08
C GLY A 63 -7.62 -0.60 -4.91
N LEU A 64 -6.85 -1.66 -5.12
CA LEU A 64 -5.40 -1.59 -4.99
C LEU A 64 -4.76 -1.16 -6.30
N LYS A 65 -3.91 -0.13 -6.22
CA LYS A 65 -3.22 0.39 -7.39
C LYS A 65 -1.71 0.18 -7.27
N VAL A 66 -0.99 0.51 -8.34
CA VAL A 66 0.46 0.35 -8.36
C VAL A 66 1.14 1.47 -7.59
N GLY A 67 2.13 1.12 -6.77
CA GLY A 67 2.84 2.10 -5.99
C GLY A 67 2.68 1.90 -4.50
N ASP A 68 1.59 1.26 -4.10
CA ASP A 68 1.32 0.98 -2.70
C ASP A 68 2.46 0.20 -2.06
N GLN A 69 2.63 0.38 -0.75
CA GLN A 69 3.70 -0.32 -0.02
C GLN A 69 3.11 -1.24 1.03
N ILE A 70 3.29 -2.55 0.83
CA ILE A 70 2.78 -3.55 1.77
C ILE A 70 3.59 -3.56 3.06
N LEU A 71 3.03 -2.97 4.11
CA LEU A 71 3.71 -2.91 5.40
C LEU A 71 3.68 -4.27 6.08
N GLU A 72 2.55 -4.95 5.99
CA GLU A 72 2.40 -6.27 6.60
C GLU A 72 1.17 -7.00 6.04
N VAL A 73 1.12 -8.31 6.26
CA VAL A 73 0.01 -9.12 5.78
C VAL A 73 -0.31 -10.25 6.74
N ASN A 74 -1.56 -10.30 7.20
CA ASN A 74 -1.99 -11.34 8.14
C ASN A 74 -1.18 -11.26 9.44
N GLY A 75 -0.77 -10.05 9.79
CA GLY A 75 0.01 -9.88 11.02
C GLY A 75 1.45 -10.30 10.85
N ARG A 76 1.98 -10.14 9.65
CA ARG A 76 3.37 -10.51 9.37
C ARG A 76 4.14 -9.34 8.77
N SER A 77 5.32 -9.07 9.30
CA SER A 77 6.15 -7.99 8.82
C SER A 77 6.66 -8.27 7.41
N PHE A 78 6.27 -7.41 6.46
CA PHE A 78 6.67 -7.56 5.07
C PHE A 78 7.79 -6.59 4.71
N LEU A 79 8.76 -6.46 5.62
CA LEU A 79 9.89 -5.56 5.40
C LEU A 79 11.13 -6.33 4.96
N ASN A 80 11.46 -7.38 5.69
CA ASN A 80 12.62 -8.20 5.37
C ASN A 80 12.19 -9.59 4.90
N ILE A 81 11.04 -9.66 4.24
CA ILE A 81 10.53 -10.93 3.73
C ILE A 81 11.07 -11.22 2.33
N LEU A 82 11.14 -12.50 2.00
CA LEU A 82 11.64 -12.92 0.69
C LEU A 82 10.60 -12.68 -0.39
N HIS A 83 11.08 -12.41 -1.61
CA HIS A 83 10.19 -12.16 -2.73
C HIS A 83 9.33 -13.37 -3.04
N ASP A 84 9.92 -14.55 -2.88
CA ASP A 84 9.21 -15.80 -3.14
C ASP A 84 8.20 -16.10 -2.03
N GLU A 85 8.55 -15.73 -0.80
CA GLU A 85 7.67 -15.96 0.34
C GLU A 85 6.45 -15.06 0.27
N ALA A 86 6.62 -13.87 -0.29
CA ALA A 86 5.53 -12.91 -0.41
C ALA A 86 4.45 -13.44 -1.36
N VAL A 87 4.88 -13.97 -2.50
CA VAL A 87 3.95 -14.51 -3.49
C VAL A 87 3.34 -15.81 -3.01
N ARG A 88 4.17 -16.65 -2.39
CA ARG A 88 3.71 -17.95 -1.88
C ARG A 88 2.81 -17.76 -0.67
N LEU A 89 3.06 -16.71 0.11
CA LEU A 89 2.28 -16.42 1.30
C LEU A 89 0.97 -15.72 0.92
N LEU A 90 1.02 -14.89 -0.12
CA LEU A 90 -0.15 -14.16 -0.58
C LEU A 90 -1.11 -15.08 -1.34
N LYS A 91 -0.54 -16.07 -2.03
CA LYS A 91 -1.34 -17.02 -2.80
C LYS A 91 -1.32 -18.39 -2.14
N SER A 92 -1.99 -18.50 -1.00
CA SER A 92 -2.05 -19.77 -0.28
C SER A 92 -3.04 -19.69 0.89
N SER A 93 -2.89 -18.66 1.71
CA SER A 93 -3.76 -18.45 2.86
C SER A 93 -5.14 -17.99 2.43
N ARG A 94 -6.17 -18.51 3.08
CA ARG A 94 -7.55 -18.15 2.76
C ARG A 94 -7.79 -16.67 3.01
N HIS A 95 -7.86 -16.29 4.28
CA HIS A 95 -8.09 -14.90 4.66
C HIS A 95 -6.80 -14.09 4.56
N LEU A 96 -6.85 -13.02 3.78
CA LEU A 96 -5.68 -12.15 3.60
C LEU A 96 -6.00 -10.72 3.99
N ILE A 97 -5.19 -10.15 4.88
CA ILE A 97 -5.39 -8.78 5.33
C ILE A 97 -4.10 -7.98 5.23
N LEU A 98 -3.96 -7.23 4.13
CA LEU A 98 -2.76 -6.42 3.92
C LEU A 98 -2.91 -5.05 4.59
N THR A 99 -1.79 -4.35 4.74
CA THR A 99 -1.79 -3.03 5.37
C THR A 99 -0.88 -2.07 4.62
N VAL A 100 -1.40 -1.49 3.55
CA VAL A 100 -0.62 -0.55 2.74
C VAL A 100 -0.87 0.89 3.19
N LYS A 101 0.02 1.79 2.77
CA LYS A 101 -0.10 3.20 3.13
C LYS A 101 -0.31 4.06 1.89
N ASP A 102 -0.93 5.22 2.07
CA ASP A 102 -1.19 6.13 0.97
C ASP A 102 0.12 6.65 0.37
N VAL A 103 0.49 6.11 -0.78
CA VAL A 103 1.71 6.50 -1.47
C VAL A 103 1.41 7.28 -2.74
N GLY A 104 0.79 6.61 -3.70
CA GLY A 104 0.45 7.24 -4.96
C GLY A 104 -0.92 7.89 -4.93
N ARG A 105 -1.04 8.97 -4.15
CA ARG A 105 -2.31 9.68 -4.03
C ARG A 105 -2.43 10.75 -5.12
N LEU A 106 -1.54 11.74 -5.05
CA LEU A 106 -1.54 12.83 -6.03
C LEU A 106 -0.81 12.42 -7.30
N PRO A 107 -1.07 13.13 -8.42
CA PRO A 107 -0.42 12.84 -9.71
C PRO A 107 1.09 12.75 -9.59
N HIS A 108 1.73 12.20 -10.62
CA HIS A 108 3.18 12.08 -10.63
C HIS A 108 3.82 13.17 -11.48
N ALA A 109 3.58 13.12 -12.79
CA ALA A 109 4.13 14.12 -13.71
C ALA A 109 5.65 14.21 -13.58
N ARG A 110 6.23 15.23 -14.19
CA ARG A 110 7.68 15.43 -14.15
C ARG A 110 8.02 16.70 -13.37
N THR A 111 9.24 16.74 -12.84
CA THR A 111 9.70 17.90 -12.08
C THR A 111 8.81 18.12 -10.85
N THR A 112 9.29 17.69 -9.69
CA THR A 112 8.55 17.84 -8.45
C THR A 112 8.30 19.31 -8.15
N VAL A 113 9.37 20.04 -7.84
CA VAL A 113 9.25 21.46 -7.53
C VAL A 113 10.43 22.25 -8.11
N ASP A 114 10.42 23.56 -7.90
CA ASP A 114 11.48 24.41 -8.40
C ASP A 114 12.07 25.27 -7.28
N GLU A 115 11.20 25.94 -6.53
CA GLU A 115 11.63 26.79 -5.43
C GLU A 115 12.56 27.89 -5.93
N THR A 116 12.32 28.35 -7.15
CA THR A 116 13.13 29.41 -7.74
C THR A 116 12.45 30.76 -7.64
N LYS A 117 11.75 30.98 -6.52
CA LYS A 117 11.04 32.23 -6.31
C LYS A 117 11.31 32.77 -4.90
N TRP A 118 12.22 33.73 -4.81
CA TRP A 118 12.57 34.33 -3.52
C TRP A 118 11.66 35.50 -3.20
N ILE A 119 11.06 35.47 -2.02
CA ILE A 119 10.16 36.54 -1.59
C ILE A 119 10.93 37.83 -1.30
N ALA A 120 10.21 38.86 -0.89
CA ALA A 120 10.83 40.15 -0.58
C ALA A 120 9.84 41.08 0.11
N SER A 121 8.62 41.14 -0.42
CA SER A 121 7.58 41.99 0.14
C SER A 121 6.20 41.40 -0.11
N SER A 122 5.93 41.04 -1.36
CA SER A 122 4.65 40.46 -1.74
C SER A 122 4.70 38.95 -1.69
N SER A 123 3.62 38.30 -2.14
CA SER A 123 3.55 36.85 -2.14
C SER A 123 2.33 36.37 -2.93
N GLY A 124 2.41 35.14 -3.45
CA GLY A 124 1.31 34.60 -4.22
C GLY A 124 0.36 33.77 -3.36
N PRO A 125 0.89 32.75 -2.66
CA PRO A 125 0.06 31.88 -1.79
C PRO A 125 -0.79 32.68 -0.81
N SER A 126 -2.10 32.66 -1.02
CA SER A 126 -3.02 33.38 -0.15
C SER A 126 -3.80 32.41 0.73
N SER A 127 -4.69 31.65 0.11
CA SER A 127 -5.51 30.69 0.84
C SER A 127 -6.26 29.76 -0.12
N GLY A 128 -6.59 28.57 0.35
CA GLY A 128 -7.30 27.62 -0.48
C GLY A 128 -8.67 28.12 -0.88
N GLY A 1 -21.41 25.11 19.71
CA GLY A 1 -20.18 24.47 20.24
C GLY A 1 -20.47 23.31 21.18
N SER A 2 -19.43 22.63 21.62
CA SER A 2 -19.58 21.50 22.52
C SER A 2 -20.41 20.40 21.88
N SER A 3 -20.31 20.28 20.56
CA SER A 3 -21.07 19.27 19.83
C SER A 3 -20.19 18.61 18.77
N GLY A 4 -19.92 17.32 18.95
CA GLY A 4 -19.10 16.59 18.01
C GLY A 4 -19.07 15.10 18.28
N SER A 5 -18.82 14.31 17.24
CA SER A 5 -18.78 12.86 17.37
C SER A 5 -17.54 12.29 16.69
N SER A 6 -16.46 12.13 17.47
CA SER A 6 -15.21 11.60 16.94
C SER A 6 -15.38 10.15 16.51
N GLY A 7 -14.40 9.64 15.76
CA GLY A 7 -14.46 8.26 15.31
C GLY A 7 -13.47 7.99 14.18
N ASP A 8 -13.89 8.27 12.96
CA ASP A 8 -13.05 8.05 11.79
C ASP A 8 -12.56 9.38 11.21
N ARG A 9 -11.24 9.54 11.13
CA ARG A 9 -10.66 10.76 10.60
C ARG A 9 -9.36 10.46 9.86
N ARG A 10 -9.32 9.32 9.17
CA ARG A 10 -8.15 8.92 8.41
C ARG A 10 -7.90 9.86 7.24
N SER A 11 -8.99 10.40 6.69
CA SER A 11 -8.89 11.33 5.56
C SER A 11 -10.21 12.05 5.34
N THR A 12 -10.37 13.18 6.04
CA THR A 12 -11.59 13.98 5.92
C THR A 12 -11.26 15.47 5.88
N LEU A 13 -10.64 15.96 6.94
CA LEU A 13 -10.27 17.37 7.03
C LEU A 13 -8.81 17.53 7.43
N HIS A 14 -8.19 18.62 6.97
CA HIS A 14 -6.79 18.88 7.28
C HIS A 14 -5.90 17.78 6.73
N LEU A 15 -5.17 18.08 5.67
CA LEU A 15 -4.27 17.12 5.05
C LEU A 15 -2.82 17.42 5.39
N LEU A 16 -2.59 17.86 6.62
CA LEU A 16 -1.24 18.18 7.09
C LEU A 16 -0.71 17.09 8.01
N GLN A 17 -1.13 15.85 7.77
CA GLN A 17 -0.70 14.73 8.57
C GLN A 17 0.42 13.95 7.88
N GLY A 18 0.14 13.48 6.67
CA GLY A 18 1.14 12.74 5.92
C GLY A 18 0.61 11.40 5.44
N GLY A 19 1.52 10.48 5.11
CA GLY A 19 1.12 9.17 4.65
C GLY A 19 0.59 8.29 5.76
N ASP A 20 -0.58 7.69 5.54
CA ASP A 20 -1.20 6.82 6.53
C ASP A 20 -1.26 5.38 6.02
N GLU A 21 -1.77 4.49 6.87
CA GLU A 21 -1.88 3.08 6.51
C GLU A 21 -3.26 2.77 5.95
N LYS A 22 -3.38 1.62 5.30
CA LYS A 22 -4.65 1.21 4.71
C LYS A 22 -4.83 -0.31 4.79
N LYS A 23 -5.77 -0.73 5.63
CA LYS A 23 -6.04 -2.16 5.82
C LYS A 23 -7.09 -2.64 4.82
N VAL A 24 -6.78 -3.74 4.14
CA VAL A 24 -7.70 -4.31 3.15
C VAL A 24 -7.74 -5.83 3.25
N ASN A 25 -8.72 -6.34 3.99
CA ASN A 25 -8.87 -7.78 4.16
C ASN A 25 -9.59 -8.41 2.97
N LEU A 26 -9.15 -9.60 2.57
CA LEU A 26 -9.76 -10.30 1.45
C LEU A 26 -10.09 -11.74 1.82
N VAL A 27 -11.37 -12.08 1.74
CA VAL A 27 -11.82 -13.43 2.08
C VAL A 27 -11.84 -14.31 0.83
N LEU A 28 -10.81 -15.14 0.69
CA LEU A 28 -10.70 -16.04 -0.45
C LEU A 28 -11.49 -17.32 -0.20
N GLY A 29 -12.19 -17.79 -1.22
CA GLY A 29 -12.96 -19.01 -1.10
C GLY A 29 -12.10 -20.26 -1.02
N ASP A 30 -11.46 -20.59 -2.13
CA ASP A 30 -10.59 -21.76 -2.18
C ASP A 30 -9.49 -21.59 -3.23
N GLY A 31 -9.90 -21.51 -4.49
CA GLY A 31 -8.94 -21.34 -5.56
C GLY A 31 -8.83 -19.90 -6.03
N ARG A 32 -9.00 -18.96 -5.10
CA ARG A 32 -8.93 -17.54 -5.42
C ARG A 32 -7.51 -17.02 -5.22
N SER A 33 -7.28 -15.78 -5.66
CA SER A 33 -5.96 -15.15 -5.54
C SER A 33 -6.07 -13.64 -5.50
N LEU A 34 -4.95 -12.97 -5.24
CA LEU A 34 -4.94 -11.52 -5.18
C LEU A 34 -4.70 -10.91 -6.56
N GLY A 35 -3.94 -11.61 -7.40
CA GLY A 35 -3.66 -11.13 -8.74
C GLY A 35 -2.91 -9.81 -8.73
N LEU A 36 -2.08 -9.60 -7.72
CA LEU A 36 -1.31 -8.36 -7.60
C LEU A 36 0.16 -8.61 -7.93
N THR A 37 0.83 -7.57 -8.41
CA THR A 37 2.25 -7.67 -8.76
C THR A 37 3.11 -6.92 -7.75
N ILE A 38 3.79 -7.67 -6.88
CA ILE A 38 4.65 -7.07 -5.88
C ILE A 38 6.07 -6.86 -6.41
N ARG A 39 6.90 -6.20 -5.62
CA ARG A 39 8.28 -5.94 -6.01
C ARG A 39 9.20 -5.94 -4.80
N GLY A 40 10.50 -5.86 -5.05
CA GLY A 40 11.47 -5.85 -3.97
C GLY A 40 11.38 -7.10 -3.10
N GLY A 41 12.39 -7.32 -2.27
CA GLY A 41 12.40 -8.48 -1.40
C GLY A 41 13.43 -8.36 -0.30
N ALA A 42 13.64 -9.45 0.44
CA ALA A 42 14.60 -9.48 1.53
C ALA A 42 16.02 -9.69 1.01
N GLU A 43 16.19 -10.70 0.18
CA GLU A 43 17.50 -11.01 -0.39
C GLU A 43 18.06 -9.79 -1.14
N TYR A 44 17.17 -9.02 -1.76
CA TYR A 44 17.58 -7.84 -2.51
C TYR A 44 17.73 -6.64 -1.59
N GLY A 45 17.02 -6.65 -0.47
CA GLY A 45 17.09 -5.56 0.47
C GLY A 45 16.09 -4.46 0.15
N LEU A 46 14.98 -4.84 -0.48
CA LEU A 46 13.94 -3.88 -0.85
C LEU A 46 12.61 -4.28 -0.23
N GLY A 47 11.74 -3.30 -0.01
CA GLY A 47 10.44 -3.56 0.58
C GLY A 47 9.54 -4.34 -0.36
N ILE A 48 8.24 -4.38 -0.04
CA ILE A 48 7.28 -5.08 -0.87
C ILE A 48 6.25 -4.12 -1.46
N TYR A 49 6.64 -3.47 -2.55
CA TYR A 49 5.75 -2.52 -3.22
C TYR A 49 4.82 -3.24 -4.19
N ILE A 50 4.04 -2.46 -4.93
CA ILE A 50 3.10 -3.03 -5.90
C ILE A 50 3.10 -2.23 -7.19
N THR A 51 3.26 -2.92 -8.32
CA THR A 51 3.29 -2.27 -9.62
C THR A 51 2.47 -3.04 -10.64
N GLY A 52 1.42 -3.72 -10.18
CA GLY A 52 0.58 -4.49 -11.08
C GLY A 52 -0.74 -4.89 -10.46
N VAL A 53 -1.80 -4.84 -11.25
CA VAL A 53 -3.13 -5.21 -10.77
C VAL A 53 -3.93 -5.91 -11.87
N ASP A 54 -4.28 -7.17 -11.62
CA ASP A 54 -5.04 -7.96 -12.58
C ASP A 54 -6.39 -7.30 -12.87
N PRO A 55 -6.88 -7.42 -14.11
CA PRO A 55 -8.16 -6.83 -14.51
C PRO A 55 -9.36 -7.67 -14.07
N GLY A 56 -9.09 -8.77 -13.37
CA GLY A 56 -10.16 -9.63 -12.90
C GLY A 56 -9.80 -10.35 -11.62
N SER A 57 -9.15 -9.64 -10.70
CA SER A 57 -8.76 -10.22 -9.42
C SER A 57 -9.63 -9.70 -8.29
N GLU A 58 -9.34 -10.13 -7.07
CA GLU A 58 -10.09 -9.71 -5.90
C GLU A 58 -9.59 -8.36 -5.38
N ALA A 59 -8.30 -8.10 -5.58
CA ALA A 59 -7.68 -6.85 -5.13
C ALA A 59 -8.24 -5.66 -5.92
N GLU A 60 -8.52 -5.89 -7.21
CA GLU A 60 -9.04 -4.84 -8.07
C GLU A 60 -10.42 -4.39 -7.58
N GLY A 61 -11.24 -5.34 -7.17
CA GLY A 61 -12.58 -5.03 -6.69
C GLY A 61 -12.57 -4.43 -5.30
N SER A 62 -11.57 -4.80 -4.50
CA SER A 62 -11.45 -4.32 -3.13
C SER A 62 -11.10 -2.82 -3.12
N GLY A 63 -9.96 -2.49 -3.72
CA GLY A 63 -9.54 -1.10 -3.77
C GLY A 63 -8.03 -0.95 -3.64
N LEU A 64 -7.29 -1.72 -4.43
CA LEU A 64 -5.83 -1.67 -4.40
C LEU A 64 -5.27 -1.27 -5.75
N LYS A 65 -4.26 -0.42 -5.74
CA LYS A 65 -3.63 0.05 -6.98
C LYS A 65 -2.10 -0.03 -6.88
N VAL A 66 -1.42 0.40 -7.92
CA VAL A 66 0.03 0.39 -7.95
C VAL A 66 0.62 1.53 -7.13
N GLY A 67 1.86 1.38 -6.71
CA GLY A 67 2.52 2.41 -5.91
C GLY A 67 2.43 2.14 -4.43
N ASP A 68 1.38 1.44 -4.01
CA ASP A 68 1.18 1.12 -2.60
C ASP A 68 2.26 0.17 -2.11
N GLN A 69 2.71 0.38 -0.88
CA GLN A 69 3.75 -0.45 -0.27
C GLN A 69 3.18 -1.30 0.86
N ILE A 70 3.21 -2.61 0.67
CA ILE A 70 2.71 -3.54 1.68
C ILE A 70 3.58 -3.53 2.93
N LEU A 71 3.01 -3.06 4.03
CA LEU A 71 3.74 -3.00 5.30
C LEU A 71 3.72 -4.34 6.01
N GLU A 72 2.54 -4.98 6.03
CA GLU A 72 2.39 -6.28 6.69
C GLU A 72 1.14 -6.99 6.18
N VAL A 73 1.11 -8.30 6.34
CA VAL A 73 -0.03 -9.10 5.91
C VAL A 73 -0.27 -10.28 6.86
N ASN A 74 -1.51 -10.42 7.31
CA ASN A 74 -1.88 -11.50 8.22
C ASN A 74 -1.09 -11.40 9.51
N GLY A 75 -0.74 -10.18 9.90
CA GLY A 75 0.02 -9.98 11.13
C GLY A 75 1.47 -10.38 10.98
N ARG A 76 1.99 -10.29 9.77
CA ARG A 76 3.38 -10.64 9.50
C ARG A 76 4.13 -9.47 8.88
N SER A 77 5.38 -9.28 9.31
CA SER A 77 6.21 -8.19 8.79
C SER A 77 6.66 -8.48 7.36
N PHE A 78 6.20 -7.65 6.43
CA PHE A 78 6.55 -7.81 5.02
C PHE A 78 7.66 -6.85 4.62
N LEU A 79 8.62 -6.65 5.53
CA LEU A 79 9.74 -5.76 5.27
C LEU A 79 11.02 -6.55 5.02
N ASN A 80 11.15 -7.69 5.70
CA ASN A 80 12.33 -8.53 5.54
C ASN A 80 11.94 -9.90 5.00
N ILE A 81 10.93 -9.93 4.13
CA ILE A 81 10.45 -11.18 3.55
C ILE A 81 10.92 -11.31 2.10
N LEU A 82 11.26 -12.53 1.70
CA LEU A 82 11.73 -12.80 0.34
C LEU A 82 10.66 -12.42 -0.67
N HIS A 83 11.07 -12.29 -1.94
CA HIS A 83 10.16 -11.93 -3.00
C HIS A 83 9.21 -13.08 -3.32
N ASP A 84 9.77 -14.27 -3.50
CA ASP A 84 8.97 -15.45 -3.81
C ASP A 84 8.05 -15.80 -2.64
N GLU A 85 8.54 -15.63 -1.42
CA GLU A 85 7.76 -15.92 -0.23
C GLU A 85 6.53 -15.02 -0.15
N ALA A 86 6.72 -13.75 -0.45
CA ALA A 86 5.62 -12.78 -0.42
C ALA A 86 4.51 -13.17 -1.39
N VAL A 87 4.90 -13.77 -2.51
CA VAL A 87 3.95 -14.21 -3.52
C VAL A 87 3.30 -15.54 -3.13
N ARG A 88 4.11 -16.45 -2.61
CA ARG A 88 3.63 -17.76 -2.20
C ARG A 88 2.77 -17.66 -0.94
N LEU A 89 3.19 -16.80 -0.01
CA LEU A 89 2.46 -16.61 1.24
C LEU A 89 1.14 -15.88 0.99
N LEU A 90 1.14 -15.00 -0.01
CA LEU A 90 -0.05 -14.23 -0.35
C LEU A 90 -1.03 -15.07 -1.16
N LYS A 91 -0.50 -15.94 -2.01
CA LYS A 91 -1.33 -16.81 -2.83
C LYS A 91 -1.34 -18.23 -2.30
N SER A 92 -2.03 -18.42 -1.18
CA SER A 92 -2.12 -19.74 -0.56
C SER A 92 -3.02 -19.70 0.68
N SER A 93 -2.89 -18.63 1.46
CA SER A 93 -3.69 -18.47 2.66
C SER A 93 -5.12 -18.08 2.33
N ARG A 94 -6.04 -18.38 3.23
CA ARG A 94 -7.45 -18.06 3.03
C ARG A 94 -7.69 -16.56 3.13
N HIS A 95 -7.50 -16.01 4.33
CA HIS A 95 -7.69 -14.59 4.56
C HIS A 95 -6.40 -13.82 4.35
N LEU A 96 -6.51 -12.62 3.77
CA LEU A 96 -5.34 -11.80 3.50
C LEU A 96 -5.62 -10.33 3.86
N ILE A 97 -4.98 -9.86 4.91
CA ILE A 97 -5.16 -8.48 5.36
C ILE A 97 -3.89 -7.66 5.13
N LEU A 98 -3.83 -7.00 3.99
CA LEU A 98 -2.68 -6.17 3.63
C LEU A 98 -2.80 -4.78 4.24
N THR A 99 -1.66 -4.17 4.55
CA THR A 99 -1.65 -2.83 5.14
C THR A 99 -0.73 -1.90 4.34
N VAL A 100 -1.24 -1.39 3.23
CA VAL A 100 -0.49 -0.49 2.37
C VAL A 100 -0.70 0.97 2.78
N LYS A 101 0.30 1.80 2.50
CA LYS A 101 0.23 3.22 2.84
C LYS A 101 0.02 4.06 1.59
N ASP A 102 -0.49 5.27 1.77
CA ASP A 102 -0.74 6.18 0.65
C ASP A 102 0.58 6.56 -0.04
N VAL A 103 0.69 6.19 -1.30
CA VAL A 103 1.89 6.48 -2.08
C VAL A 103 1.54 7.22 -3.37
N GLY A 104 1.80 8.52 -3.40
CA GLY A 104 1.50 9.31 -4.58
C GLY A 104 0.01 9.54 -4.76
N ARG A 105 -0.63 10.05 -3.72
CA ARG A 105 -2.06 10.32 -3.77
C ARG A 105 -2.33 11.78 -4.11
N LEU A 106 -1.57 12.68 -3.49
CA LEU A 106 -1.73 14.12 -3.73
C LEU A 106 -0.42 14.72 -4.25
N PRO A 107 -0.50 15.56 -5.30
CA PRO A 107 0.67 16.21 -5.89
C PRO A 107 1.12 17.42 -5.08
N HIS A 108 2.43 17.57 -4.94
CA HIS A 108 3.00 18.70 -4.20
C HIS A 108 3.05 19.95 -5.07
N ALA A 109 2.91 19.78 -6.38
CA ALA A 109 2.94 20.91 -7.31
C ALA A 109 4.32 21.53 -7.37
N ARG A 110 4.51 22.44 -8.33
CA ARG A 110 5.80 23.11 -8.49
C ARG A 110 5.78 24.50 -7.85
N THR A 111 6.89 25.22 -8.00
CA THR A 111 6.99 26.56 -7.43
C THR A 111 6.98 26.51 -5.90
N THR A 112 8.00 27.12 -5.29
CA THR A 112 8.10 27.14 -3.83
C THR A 112 8.29 28.56 -3.33
N VAL A 113 7.44 28.97 -2.37
CA VAL A 113 7.52 30.31 -1.81
C VAL A 113 7.76 30.25 -0.31
N ASP A 114 7.09 29.33 0.37
CA ASP A 114 7.23 29.17 1.81
C ASP A 114 7.25 27.70 2.19
N GLU A 115 8.45 27.11 2.18
CA GLU A 115 8.61 25.70 2.53
C GLU A 115 9.86 25.49 3.38
N THR A 116 10.97 26.05 2.93
CA THR A 116 12.24 25.92 3.64
C THR A 116 12.86 27.29 3.91
N LYS A 117 12.00 28.27 4.16
CA LYS A 117 12.46 29.63 4.44
C LYS A 117 11.76 30.21 5.65
N TRP A 118 12.24 29.85 6.83
CA TRP A 118 11.64 30.33 8.09
C TRP A 118 12.71 30.96 8.98
N ILE A 119 13.76 30.21 9.25
CA ILE A 119 14.86 30.69 10.09
C ILE A 119 16.20 30.55 9.40
N ALA A 120 16.77 31.67 9.00
CA ALA A 120 18.07 31.67 8.31
C ALA A 120 18.00 30.87 7.02
N SER A 121 19.14 30.75 6.35
CA SER A 121 19.21 30.00 5.09
C SER A 121 19.86 28.63 5.30
N SER A 122 19.78 27.79 4.29
CA SER A 122 20.36 26.45 4.36
C SER A 122 20.78 25.96 2.98
N SER A 123 21.29 24.73 2.92
CA SER A 123 21.73 24.15 1.66
C SER A 123 21.84 22.63 1.77
N GLY A 124 20.95 22.03 2.57
CA GLY A 124 20.97 20.60 2.74
C GLY A 124 22.15 20.12 3.57
N PRO A 125 22.15 18.85 3.99
CA PRO A 125 23.25 18.29 4.79
C PRO A 125 24.61 18.52 4.15
N SER A 126 25.66 18.36 4.93
CA SER A 126 27.03 18.55 4.45
C SER A 126 27.46 17.36 3.58
N SER A 127 27.46 17.56 2.27
CA SER A 127 27.86 16.51 1.33
C SER A 127 29.32 16.67 0.93
N GLY A 128 30.02 15.55 0.83
CA GLY A 128 31.42 15.59 0.44
C GLY A 128 32.30 14.78 1.39
N GLY A 1 20.64 31.13 35.23
CA GLY A 1 19.73 31.43 36.37
C GLY A 1 18.34 30.85 36.18
N SER A 2 17.50 31.57 35.45
CA SER A 2 16.13 31.12 35.19
C SER A 2 15.66 31.57 33.82
N SER A 3 14.82 30.75 33.19
CA SER A 3 14.29 31.07 31.88
C SER A 3 12.92 31.74 31.98
N GLY A 4 12.13 31.31 32.97
CA GLY A 4 10.81 31.87 33.17
C GLY A 4 9.78 31.27 32.23
N SER A 5 10.00 31.44 30.93
CA SER A 5 9.09 30.91 29.93
C SER A 5 9.06 29.38 29.97
N SER A 6 10.19 28.78 30.31
CA SER A 6 10.29 27.33 30.40
C SER A 6 10.10 26.85 31.83
N GLY A 7 9.17 25.91 32.02
CA GLY A 7 8.91 25.39 33.34
C GLY A 7 9.66 24.09 33.60
N ASP A 8 9.37 23.06 32.81
CA ASP A 8 10.01 21.77 32.96
C ASP A 8 9.82 20.91 31.71
N ARG A 9 10.92 20.42 31.16
CA ARG A 9 10.87 19.59 29.97
C ARG A 9 10.75 18.11 30.34
N ARG A 10 9.54 17.66 30.61
CA ARG A 10 9.29 16.27 30.97
C ARG A 10 9.22 15.39 29.74
N SER A 11 10.27 14.61 29.50
CA SER A 11 10.32 13.71 28.36
C SER A 11 10.73 12.31 28.78
N THR A 12 10.20 11.31 28.09
CA THR A 12 10.51 9.92 28.39
C THR A 12 10.74 9.11 27.12
N LEU A 13 9.68 8.97 26.32
CA LEU A 13 9.77 8.22 25.07
C LEU A 13 9.39 9.10 23.89
N HIS A 14 10.13 8.98 22.80
CA HIS A 14 9.87 9.77 21.60
C HIS A 14 8.96 9.01 20.63
N LEU A 15 8.35 9.74 19.70
CA LEU A 15 7.46 9.13 18.73
C LEU A 15 7.92 9.45 17.31
N LEU A 16 8.20 8.39 16.54
CA LEU A 16 8.65 8.55 15.16
C LEU A 16 7.49 8.91 14.25
N GLN A 17 7.78 9.10 12.97
CA GLN A 17 6.75 9.44 11.99
C GLN A 17 5.80 8.28 11.78
N GLY A 18 4.55 8.60 11.45
CA GLY A 18 3.56 7.57 11.22
C GLY A 18 2.30 8.11 10.56
N GLY A 19 1.18 7.42 10.76
CA GLY A 19 -0.07 7.86 10.18
C GLY A 19 -1.08 6.73 10.08
N ASP A 20 -2.21 7.01 9.44
CA ASP A 20 -3.27 6.01 9.28
C ASP A 20 -2.89 4.98 8.21
N GLU A 21 -2.98 3.70 8.57
CA GLU A 21 -2.65 2.63 7.65
C GLU A 21 -3.90 2.11 6.95
N LYS A 22 -3.75 1.74 5.69
CA LYS A 22 -4.86 1.21 4.90
C LYS A 22 -4.88 -0.31 4.92
N LYS A 23 -5.87 -0.88 5.60
CA LYS A 23 -5.99 -2.33 5.68
C LYS A 23 -7.03 -2.85 4.70
N VAL A 24 -6.70 -3.92 4.00
CA VAL A 24 -7.60 -4.52 3.03
C VAL A 24 -7.83 -5.99 3.31
N ASN A 25 -8.95 -6.31 3.95
CA ASN A 25 -9.29 -7.68 4.29
C ASN A 25 -9.96 -8.39 3.11
N LEU A 26 -9.28 -9.40 2.57
CA LEU A 26 -9.81 -10.16 1.44
C LEU A 26 -10.10 -11.60 1.85
N VAL A 27 -11.38 -11.94 1.93
CA VAL A 27 -11.79 -13.30 2.30
C VAL A 27 -11.95 -14.18 1.07
N LEU A 28 -10.97 -15.05 0.84
CA LEU A 28 -11.00 -15.94 -0.31
C LEU A 28 -11.83 -17.19 0.00
N GLY A 29 -11.83 -18.14 -0.93
CA GLY A 29 -12.58 -19.36 -0.74
C GLY A 29 -11.72 -20.60 -0.90
N ASP A 30 -11.51 -21.02 -2.14
CA ASP A 30 -10.69 -22.19 -2.43
C ASP A 30 -9.45 -21.81 -3.22
N GLY A 31 -8.96 -20.60 -2.98
CA GLY A 31 -7.77 -20.14 -3.68
C GLY A 31 -8.10 -19.23 -4.84
N ARG A 32 -8.83 -18.14 -4.57
CA ARG A 32 -9.21 -17.19 -5.60
C ARG A 32 -8.03 -16.29 -5.99
N SER A 33 -6.92 -16.41 -5.26
CA SER A 33 -5.74 -15.60 -5.54
C SER A 33 -6.06 -14.12 -5.44
N LEU A 34 -5.02 -13.29 -5.35
CA LEU A 34 -5.18 -11.85 -5.25
C LEU A 34 -5.12 -11.19 -6.62
N GLY A 35 -4.01 -11.40 -7.32
CA GLY A 35 -3.85 -10.83 -8.64
C GLY A 35 -3.02 -9.55 -8.62
N LEU A 36 -2.09 -9.47 -7.68
CA LEU A 36 -1.23 -8.29 -7.55
C LEU A 36 0.18 -8.61 -8.03
N THR A 37 0.91 -7.57 -8.43
CA THR A 37 2.28 -7.72 -8.91
C THR A 37 3.25 -6.98 -8.02
N ILE A 38 3.68 -7.63 -6.94
CA ILE A 38 4.62 -7.03 -6.01
C ILE A 38 6.05 -7.19 -6.49
N ARG A 39 6.88 -6.18 -6.22
CA ARG A 39 8.27 -6.21 -6.63
C ARG A 39 9.18 -5.71 -5.50
N GLY A 40 10.37 -6.29 -5.41
CA GLY A 40 11.31 -5.88 -4.39
C GLY A 40 11.09 -6.61 -3.08
N GLY A 41 12.17 -6.90 -2.36
CA GLY A 41 12.06 -7.60 -1.09
C GLY A 41 13.41 -7.89 -0.48
N ALA A 42 13.46 -8.93 0.35
CA ALA A 42 14.71 -9.31 1.01
C ALA A 42 15.79 -9.67 0.00
N GLU A 43 15.36 -10.20 -1.15
CA GLU A 43 16.29 -10.60 -2.20
C GLU A 43 16.99 -9.38 -2.79
N TYR A 44 16.29 -8.24 -2.80
CA TYR A 44 16.84 -7.01 -3.33
C TYR A 44 17.10 -5.98 -2.22
N GLY A 45 17.12 -6.46 -0.97
CA GLY A 45 17.36 -5.58 0.15
C GLY A 45 16.44 -4.36 0.15
N LEU A 46 15.28 -4.51 -0.48
CA LEU A 46 14.31 -3.42 -0.55
C LEU A 46 12.95 -3.86 -0.01
N GLY A 47 12.15 -2.89 0.40
CA GLY A 47 10.84 -3.20 0.93
C GLY A 47 9.91 -3.79 -0.11
N ILE A 48 8.73 -4.23 0.32
CA ILE A 48 7.76 -4.82 -0.59
C ILE A 48 6.83 -3.75 -1.17
N TYR A 49 6.81 -3.66 -2.49
CA TYR A 49 5.96 -2.68 -3.18
C TYR A 49 5.08 -3.37 -4.22
N ILE A 50 4.32 -2.56 -4.96
CA ILE A 50 3.44 -3.09 -6.00
C ILE A 50 3.63 -2.34 -7.31
N THR A 51 3.42 -3.04 -8.42
CA THR A 51 3.58 -2.44 -9.75
C THR A 51 2.79 -3.20 -10.79
N GLY A 52 1.62 -3.71 -10.40
CA GLY A 52 0.78 -4.46 -11.32
C GLY A 52 -0.53 -4.89 -10.71
N VAL A 53 -1.56 -5.02 -11.54
CA VAL A 53 -2.88 -5.44 -11.07
C VAL A 53 -3.55 -6.36 -12.08
N ASP A 54 -4.15 -7.44 -11.58
CA ASP A 54 -4.83 -8.40 -12.43
C ASP A 54 -6.08 -7.78 -13.05
N PRO A 55 -6.44 -8.22 -14.28
CA PRO A 55 -7.62 -7.71 -14.98
C PRO A 55 -8.93 -8.21 -14.35
N GLY A 56 -9.16 -7.84 -13.09
CA GLY A 56 -10.36 -8.26 -12.41
C GLY A 56 -10.10 -9.35 -11.39
N SER A 57 -9.98 -8.95 -10.12
CA SER A 57 -9.73 -9.90 -9.04
C SER A 57 -10.13 -9.31 -7.69
N GLU A 58 -9.77 -10.01 -6.62
CA GLU A 58 -10.10 -9.56 -5.28
C GLU A 58 -9.39 -8.24 -4.96
N ALA A 59 -8.21 -8.05 -5.54
CA ALA A 59 -7.44 -6.83 -5.33
C ALA A 59 -8.00 -5.67 -6.15
N GLU A 60 -8.23 -5.91 -7.43
CA GLU A 60 -8.76 -4.88 -8.32
C GLU A 60 -10.13 -4.41 -7.84
N GLY A 61 -10.92 -5.34 -7.32
CA GLY A 61 -12.25 -5.00 -6.83
C GLY A 61 -12.21 -4.25 -5.51
N SER A 62 -11.19 -4.53 -4.71
CA SER A 62 -11.03 -3.88 -3.41
C SER A 62 -10.72 -2.40 -3.58
N GLY A 63 -9.52 -2.11 -4.10
CA GLY A 63 -9.11 -0.73 -4.30
C GLY A 63 -7.62 -0.53 -4.08
N LEU A 64 -6.81 -1.24 -4.86
CA LEU A 64 -5.36 -1.14 -4.74
C LEU A 64 -4.78 -0.40 -5.94
N LYS A 65 -3.48 -0.10 -5.87
CA LYS A 65 -2.80 0.61 -6.94
C LYS A 65 -1.50 -0.10 -7.31
N VAL A 66 -0.81 0.43 -8.32
CA VAL A 66 0.45 -0.14 -8.78
C VAL A 66 1.64 0.61 -8.19
N GLY A 67 1.46 1.15 -6.99
CA GLY A 67 2.53 1.89 -6.34
C GLY A 67 2.37 1.92 -4.83
N ASP A 68 1.75 0.88 -4.29
CA ASP A 68 1.54 0.78 -2.85
C ASP A 68 2.63 -0.07 -2.19
N GLN A 69 2.76 0.07 -0.88
CA GLN A 69 3.77 -0.69 -0.13
C GLN A 69 3.12 -1.53 0.96
N ILE A 70 3.35 -2.83 0.91
CA ILE A 70 2.79 -3.74 1.90
C ILE A 70 3.61 -3.74 3.18
N LEU A 71 2.98 -3.30 4.28
CA LEU A 71 3.66 -3.24 5.56
C LEU A 71 3.58 -4.59 6.28
N GLU A 72 2.44 -5.26 6.15
CA GLU A 72 2.24 -6.55 6.78
C GLU A 72 1.07 -7.29 6.14
N VAL A 73 1.01 -8.60 6.36
CA VAL A 73 -0.06 -9.42 5.81
C VAL A 73 -0.46 -10.53 6.78
N ASN A 74 -1.72 -10.51 7.21
CA ASN A 74 -2.22 -11.51 8.14
C ASN A 74 -1.45 -11.48 9.45
N GLY A 75 -0.97 -10.29 9.82
CA GLY A 75 -0.22 -10.15 11.06
C GLY A 75 1.22 -10.57 10.90
N ARG A 76 1.76 -10.44 9.69
CA ARG A 76 3.14 -10.81 9.42
C ARG A 76 3.94 -9.61 8.93
N SER A 77 5.19 -9.51 9.37
CA SER A 77 6.05 -8.41 8.98
C SER A 77 6.59 -8.61 7.56
N PHE A 78 6.14 -7.78 6.64
CA PHE A 78 6.57 -7.87 5.25
C PHE A 78 7.59 -6.78 4.91
N LEU A 79 8.39 -6.41 5.90
CA LEU A 79 9.40 -5.38 5.71
C LEU A 79 10.66 -5.96 5.09
N ASN A 80 10.95 -7.22 5.40
CA ASN A 80 12.12 -7.89 4.85
C ASN A 80 11.80 -9.33 4.47
N ILE A 81 10.65 -9.52 3.85
CA ILE A 81 10.23 -10.86 3.43
C ILE A 81 10.74 -11.18 2.03
N LEU A 82 11.12 -12.43 1.81
CA LEU A 82 11.63 -12.87 0.52
C LEU A 82 10.57 -12.70 -0.57
N HIS A 83 11.02 -12.53 -1.80
CA HIS A 83 10.11 -12.35 -2.93
C HIS A 83 9.21 -13.58 -3.09
N ASP A 84 9.83 -14.76 -3.16
CA ASP A 84 9.08 -16.00 -3.31
C ASP A 84 8.11 -16.20 -2.15
N GLU A 85 8.61 -16.06 -0.93
CA GLU A 85 7.79 -16.22 0.26
C GLU A 85 6.66 -15.19 0.28
N ALA A 86 6.91 -14.02 -0.29
CA ALA A 86 5.92 -12.96 -0.33
C ALA A 86 4.73 -13.37 -1.20
N VAL A 87 5.02 -13.79 -2.43
CA VAL A 87 3.99 -14.21 -3.36
C VAL A 87 3.30 -15.49 -2.90
N ARG A 88 4.10 -16.46 -2.48
CA ARG A 88 3.57 -17.74 -2.01
C ARG A 88 2.63 -17.53 -0.82
N LEU A 89 3.08 -16.76 0.16
CA LEU A 89 2.28 -16.49 1.35
C LEU A 89 0.98 -15.78 0.97
N LEU A 90 1.04 -14.95 -0.06
CA LEU A 90 -0.13 -14.21 -0.52
C LEU A 90 -1.06 -15.11 -1.32
N LYS A 91 -0.47 -16.04 -2.07
CA LYS A 91 -1.25 -16.96 -2.90
C LYS A 91 -1.24 -18.36 -2.28
N SER A 92 -1.95 -18.52 -1.16
CA SER A 92 -2.02 -19.80 -0.48
C SER A 92 -3.06 -19.75 0.65
N SER A 93 -2.97 -18.72 1.48
CA SER A 93 -3.89 -18.56 2.60
C SER A 93 -5.23 -17.99 2.13
N ARG A 94 -6.30 -18.37 2.81
CA ARG A 94 -7.63 -17.89 2.45
C ARG A 94 -7.80 -16.42 2.82
N HIS A 95 -7.69 -16.12 4.11
CA HIS A 95 -7.83 -14.76 4.59
C HIS A 95 -6.57 -13.94 4.30
N LEU A 96 -6.76 -12.75 3.73
CA LEU A 96 -5.63 -11.88 3.40
C LEU A 96 -5.91 -10.45 3.84
N ILE A 97 -5.22 -10.00 4.89
CA ILE A 97 -5.40 -8.65 5.40
C ILE A 97 -4.12 -7.84 5.25
N LEU A 98 -3.90 -7.29 4.07
CA LEU A 98 -2.71 -6.49 3.80
C LEU A 98 -2.85 -5.09 4.39
N THR A 99 -1.73 -4.52 4.82
CA THR A 99 -1.73 -3.19 5.42
C THR A 99 -0.82 -2.25 4.63
N VAL A 100 -1.40 -1.55 3.65
CA VAL A 100 -0.65 -0.62 2.82
C VAL A 100 -0.82 0.81 3.32
N LYS A 101 0.13 1.68 2.96
CA LYS A 101 0.08 3.08 3.37
C LYS A 101 0.09 3.99 2.15
N ASP A 102 -0.26 5.26 2.37
CA ASP A 102 -0.30 6.24 1.28
C ASP A 102 1.10 6.46 0.70
N VAL A 103 1.38 5.77 -0.41
CA VAL A 103 2.68 5.88 -1.06
C VAL A 103 2.61 6.85 -2.23
N GLY A 104 1.75 7.86 -2.12
CA GLY A 104 1.60 8.84 -3.18
C GLY A 104 0.19 8.91 -3.72
N ARG A 105 -0.43 7.75 -3.91
CA ARG A 105 -1.80 7.68 -4.43
C ARG A 105 -1.85 8.11 -5.90
N LEU A 106 -1.52 9.37 -6.15
CA LEU A 106 -1.53 9.91 -7.51
C LEU A 106 -2.95 9.94 -8.07
N PRO A 107 -3.75 10.95 -7.71
CA PRO A 107 -5.12 11.10 -8.18
C PRO A 107 -5.19 11.52 -9.65
N HIS A 108 -4.34 12.47 -10.02
CA HIS A 108 -4.30 12.96 -11.40
C HIS A 108 -3.05 13.80 -11.64
N ALA A 109 -2.90 14.86 -10.86
CA ALA A 109 -1.75 15.75 -10.99
C ALA A 109 -0.83 15.63 -9.79
N ARG A 110 0.33 16.27 -9.87
CA ARG A 110 1.31 16.23 -8.79
C ARG A 110 0.76 16.93 -7.54
N THR A 111 -0.03 17.97 -7.75
CA THR A 111 -0.62 18.72 -6.64
C THR A 111 -1.78 17.94 -6.02
N THR A 112 -2.16 18.34 -4.81
CA THR A 112 -3.27 17.69 -4.11
C THR A 112 -4.54 18.51 -4.22
N VAL A 113 -4.70 19.21 -5.34
CA VAL A 113 -5.87 20.04 -5.57
C VAL A 113 -6.16 20.18 -7.06
N ASP A 114 -7.29 19.63 -7.50
CA ASP A 114 -7.68 19.71 -8.90
C ASP A 114 -8.67 20.84 -9.13
N GLU A 115 -9.49 21.13 -8.12
CA GLU A 115 -10.48 22.19 -8.22
C GLU A 115 -9.81 23.56 -8.22
N THR A 116 -10.10 24.36 -9.24
CA THR A 116 -9.52 25.70 -9.36
C THR A 116 -10.56 26.69 -9.86
N LYS A 117 -11.65 26.84 -9.10
CA LYS A 117 -12.72 27.76 -9.47
C LYS A 117 -13.33 27.38 -10.82
N TRP A 118 -14.15 26.34 -10.82
CA TRP A 118 -14.79 25.87 -12.05
C TRP A 118 -16.29 26.14 -12.00
N ILE A 119 -16.87 26.09 -10.80
CA ILE A 119 -18.30 26.33 -10.63
C ILE A 119 -18.68 27.71 -11.11
N ALA A 120 -19.80 27.80 -11.81
CA ALA A 120 -20.28 29.09 -12.32
C ALA A 120 -21.81 29.12 -12.35
N SER A 121 -22.39 30.12 -11.69
CA SER A 121 -23.84 30.27 -11.64
C SER A 121 -24.49 29.05 -11.00
N SER A 122 -24.62 29.06 -9.68
CA SER A 122 -25.23 27.96 -8.95
C SER A 122 -26.64 28.30 -8.52
N SER A 123 -27.62 27.70 -9.19
CA SER A 123 -29.03 27.95 -8.88
C SER A 123 -29.48 27.09 -7.70
N GLY A 124 -30.76 27.19 -7.36
CA GLY A 124 -31.30 26.41 -6.26
C GLY A 124 -32.82 26.32 -6.30
N PRO A 125 -33.52 27.43 -6.08
CA PRO A 125 -34.98 27.45 -6.09
C PRO A 125 -35.56 27.24 -7.49
N SER A 126 -36.26 26.11 -7.67
CA SER A 126 -36.85 25.78 -8.95
C SER A 126 -38.37 25.77 -8.86
N SER A 127 -39.00 26.87 -9.25
CA SER A 127 -40.45 26.98 -9.22
C SER A 127 -41.06 26.66 -10.57
N GLY A 128 -41.57 25.46 -10.72
CA GLY A 128 -42.17 25.05 -11.98
C GLY A 128 -42.68 23.62 -11.94
N GLY A 1 -6.47 41.71 20.59
CA GLY A 1 -6.13 40.27 20.41
C GLY A 1 -4.87 40.07 19.58
N SER A 2 -4.02 39.16 20.02
CA SER A 2 -2.77 38.88 19.32
C SER A 2 -3.01 37.91 18.17
N SER A 3 -2.55 38.30 16.98
CA SER A 3 -2.71 37.47 15.79
C SER A 3 -1.37 36.93 15.30
N GLY A 4 -1.34 35.65 14.99
CA GLY A 4 -0.11 35.04 14.51
C GLY A 4 -0.36 33.74 13.76
N SER A 5 -1.51 33.65 13.10
CA SER A 5 -1.87 32.46 12.33
C SER A 5 -2.62 32.83 11.07
N SER A 6 -2.30 33.99 10.51
CA SER A 6 -2.96 34.46 9.29
C SER A 6 -2.44 33.70 8.07
N GLY A 7 -3.27 33.65 7.02
CA GLY A 7 -2.88 32.95 5.81
C GLY A 7 -3.34 31.51 5.81
N ASP A 8 -4.51 31.26 5.23
CA ASP A 8 -5.06 29.91 5.16
C ASP A 8 -4.83 29.30 3.79
N ARG A 9 -4.18 28.14 3.75
CA ARG A 9 -3.90 27.45 2.49
C ARG A 9 -4.38 26.00 2.56
N ARG A 10 -4.06 25.32 3.66
CA ARG A 10 -4.45 23.93 3.85
C ARG A 10 -5.12 23.72 5.20
N SER A 11 -6.22 22.97 5.20
CA SER A 11 -6.96 22.70 6.43
C SER A 11 -6.22 21.68 7.29
N THR A 12 -6.30 20.42 6.89
CA THR A 12 -5.65 19.34 7.63
C THR A 12 -4.53 18.72 6.80
N LEU A 13 -3.37 18.55 7.42
CA LEU A 13 -2.22 17.96 6.74
C LEU A 13 -1.61 16.83 7.56
N HIS A 14 -1.53 17.03 8.88
CA HIS A 14 -0.97 16.02 9.76
C HIS A 14 -1.97 15.64 10.86
N LEU A 15 -1.63 14.61 11.62
CA LEU A 15 -2.50 14.14 12.70
C LEU A 15 -1.68 13.54 13.84
N LEU A 16 -1.92 14.03 15.05
CA LEU A 16 -1.20 13.53 16.22
C LEU A 16 -1.80 12.21 16.72
N GLN A 17 -0.98 11.43 17.42
CA GLN A 17 -1.42 10.14 17.94
C GLN A 17 -1.79 9.19 16.81
N GLY A 18 -0.99 8.15 16.63
CA GLY A 18 -1.24 7.18 15.58
C GLY A 18 -1.04 7.76 14.19
N GLY A 19 -0.73 6.90 13.24
CA GLY A 19 -0.52 7.36 11.87
C GLY A 19 -1.71 7.07 10.98
N ASP A 20 -1.43 6.62 9.75
CA ASP A 20 -2.49 6.31 8.79
C ASP A 20 -2.24 4.96 8.12
N GLU A 21 -2.77 3.91 8.73
CA GLU A 21 -2.60 2.55 8.20
C GLU A 21 -3.89 2.06 7.55
N LYS A 22 -3.79 1.61 6.31
CA LYS A 22 -4.95 1.10 5.58
C LYS A 22 -4.90 -0.42 5.46
N LYS A 23 -5.86 -1.09 6.10
CA LYS A 23 -5.93 -2.54 6.04
C LYS A 23 -6.96 -3.01 5.02
N VAL A 24 -6.50 -3.81 4.06
CA VAL A 24 -7.38 -4.32 3.02
C VAL A 24 -7.57 -5.83 3.14
N ASN A 25 -8.59 -6.23 3.89
CA ASN A 25 -8.88 -7.65 4.09
C ASN A 25 -9.57 -8.24 2.86
N LEU A 26 -8.93 -9.25 2.28
CA LEU A 26 -9.48 -9.92 1.10
C LEU A 26 -9.79 -11.38 1.39
N VAL A 27 -11.07 -11.73 1.29
CA VAL A 27 -11.50 -13.11 1.53
C VAL A 27 -11.47 -13.92 0.25
N LEU A 28 -10.36 -14.62 0.02
CA LEU A 28 -10.19 -15.44 -1.17
C LEU A 28 -11.29 -16.51 -1.25
N GLY A 29 -11.89 -16.63 -2.43
CA GLY A 29 -12.95 -17.62 -2.61
C GLY A 29 -12.41 -19.00 -2.91
N ASP A 30 -12.24 -19.80 -1.86
CA ASP A 30 -11.74 -21.16 -2.01
C ASP A 30 -10.34 -21.18 -2.63
N GLY A 31 -9.33 -20.84 -1.83
CA GLY A 31 -7.97 -20.82 -2.31
C GLY A 31 -7.80 -19.96 -3.55
N ARG A 32 -8.51 -18.84 -3.60
CA ARG A 32 -8.43 -17.93 -4.74
C ARG A 32 -7.07 -17.23 -4.77
N SER A 33 -6.91 -16.31 -5.72
CA SER A 33 -5.65 -15.57 -5.86
C SER A 33 -5.89 -14.07 -5.76
N LEU A 34 -4.82 -13.31 -5.54
CA LEU A 34 -4.92 -11.87 -5.43
C LEU A 34 -4.72 -11.20 -6.78
N GLY A 35 -3.75 -11.69 -7.54
CA GLY A 35 -3.48 -11.13 -8.85
C GLY A 35 -2.76 -9.80 -8.77
N LEU A 36 -1.76 -9.72 -7.90
CA LEU A 36 -0.99 -8.49 -7.72
C LEU A 36 0.47 -8.72 -8.07
N THR A 37 1.04 -7.80 -8.85
CA THR A 37 2.44 -7.91 -9.26
C THR A 37 3.33 -7.11 -8.32
N ILE A 38 3.63 -7.69 -7.16
CA ILE A 38 4.48 -7.05 -6.16
C ILE A 38 5.95 -7.13 -6.55
N ARG A 39 6.76 -6.24 -6.00
CA ARG A 39 8.19 -6.22 -6.30
C ARG A 39 9.00 -5.96 -5.03
N GLY A 40 10.31 -6.19 -5.11
CA GLY A 40 11.17 -5.98 -3.97
C GLY A 40 11.17 -7.17 -3.02
N GLY A 41 12.22 -7.27 -2.21
CA GLY A 41 12.33 -8.37 -1.26
C GLY A 41 13.58 -8.28 -0.42
N ALA A 42 13.78 -9.28 0.44
CA ALA A 42 14.94 -9.32 1.31
C ALA A 42 16.21 -9.60 0.51
N GLU A 43 16.08 -10.38 -0.55
CA GLU A 43 17.21 -10.72 -1.40
C GLU A 43 17.74 -9.49 -2.13
N TYR A 44 16.82 -8.71 -2.70
CA TYR A 44 17.20 -7.50 -3.43
C TYR A 44 17.33 -6.30 -2.49
N GLY A 45 17.19 -6.55 -1.18
CA GLY A 45 17.30 -5.47 -0.21
C GLY A 45 16.31 -4.36 -0.47
N LEU A 46 15.06 -4.73 -0.74
CA LEU A 46 14.00 -3.74 -1.00
C LEU A 46 12.70 -4.16 -0.33
N GLY A 47 11.84 -3.17 -0.06
CA GLY A 47 10.57 -3.46 0.57
C GLY A 47 9.61 -4.18 -0.36
N ILE A 48 8.33 -4.17 0.00
CA ILE A 48 7.30 -4.82 -0.80
C ILE A 48 6.33 -3.80 -1.40
N TYR A 49 6.46 -3.56 -2.69
CA TYR A 49 5.60 -2.61 -3.38
C TYR A 49 4.68 -3.31 -4.36
N ILE A 50 3.83 -2.54 -5.04
CA ILE A 50 2.91 -3.10 -6.02
C ILE A 50 3.02 -2.38 -7.35
N THR A 51 3.11 -3.17 -8.43
CA THR A 51 3.22 -2.60 -9.77
C THR A 51 2.44 -3.44 -10.78
N GLY A 52 1.24 -3.89 -10.38
CA GLY A 52 0.42 -4.69 -11.27
C GLY A 52 -0.97 -4.92 -10.70
N VAL A 53 -1.94 -5.06 -11.59
CA VAL A 53 -3.33 -5.28 -11.18
C VAL A 53 -4.09 -6.07 -12.26
N ASP A 54 -4.19 -7.37 -12.08
CA ASP A 54 -4.90 -8.23 -13.02
C ASP A 54 -6.37 -7.85 -13.09
N PRO A 55 -6.82 -7.28 -14.22
CA PRO A 55 -8.23 -6.88 -14.40
C PRO A 55 -9.19 -8.03 -14.13
N GLY A 56 -9.91 -7.94 -13.00
CA GLY A 56 -10.86 -8.98 -12.64
C GLY A 56 -10.36 -9.86 -11.52
N SER A 57 -9.54 -9.29 -10.64
CA SER A 57 -8.99 -10.03 -9.51
C SER A 57 -9.64 -9.59 -8.20
N GLU A 58 -9.44 -10.38 -7.15
CA GLU A 58 -10.01 -10.08 -5.85
C GLU A 58 -9.49 -8.74 -5.33
N ALA A 59 -8.25 -8.42 -5.68
CA ALA A 59 -7.64 -7.17 -5.25
C ALA A 59 -8.16 -5.98 -6.07
N GLU A 60 -8.42 -6.23 -7.35
CA GLU A 60 -8.92 -5.19 -8.24
C GLU A 60 -10.29 -4.68 -7.76
N GLY A 61 -11.08 -5.58 -7.20
CA GLY A 61 -12.40 -5.21 -6.71
C GLY A 61 -12.33 -4.40 -5.44
N SER A 62 -11.38 -4.73 -4.56
CA SER A 62 -11.22 -4.03 -3.30
C SER A 62 -10.85 -2.58 -3.53
N GLY A 63 -9.93 -2.33 -4.46
CA GLY A 63 -9.51 -0.98 -4.76
C GLY A 63 -8.03 -0.76 -4.51
N LEU A 64 -7.23 -1.77 -4.78
CA LEU A 64 -5.78 -1.69 -4.58
C LEU A 64 -5.10 -1.17 -5.84
N LYS A 65 -4.29 -0.13 -5.69
CA LYS A 65 -3.57 0.45 -6.82
C LYS A 65 -2.07 0.17 -6.70
N VAL A 66 -1.32 0.57 -7.73
CA VAL A 66 0.12 0.36 -7.74
C VAL A 66 0.84 1.50 -7.03
N GLY A 67 2.16 1.34 -6.86
CA GLY A 67 2.95 2.36 -6.19
C GLY A 67 2.72 2.38 -4.69
N ASP A 68 2.11 1.33 -4.16
CA ASP A 68 1.84 1.25 -2.73
C ASP A 68 2.96 0.50 -2.00
N GLN A 69 2.89 0.49 -0.68
CA GLN A 69 3.89 -0.20 0.12
C GLN A 69 3.24 -1.15 1.13
N ILE A 70 3.43 -2.45 0.91
CA ILE A 70 2.86 -3.45 1.79
C ILE A 70 3.63 -3.53 3.10
N LEU A 71 3.02 -3.02 4.17
CA LEU A 71 3.64 -3.03 5.49
C LEU A 71 3.63 -4.43 6.09
N GLU A 72 2.43 -4.93 6.37
CA GLU A 72 2.28 -6.27 6.95
C GLU A 72 1.03 -6.95 6.42
N VAL A 73 1.05 -8.28 6.42
CA VAL A 73 -0.08 -9.06 5.93
C VAL A 73 -0.46 -10.16 6.92
N ASN A 74 -1.73 -10.20 7.29
CA ASN A 74 -2.22 -11.20 8.24
C ASN A 74 -1.49 -11.09 9.58
N GLY A 75 -1.09 -9.87 9.93
CA GLY A 75 -0.40 -9.65 11.18
C GLY A 75 1.02 -10.18 11.16
N ARG A 76 1.63 -10.16 9.97
CA ARG A 76 3.00 -10.64 9.81
C ARG A 76 3.86 -9.59 9.12
N SER A 77 5.11 -9.45 9.56
CA SER A 77 6.03 -8.49 8.97
C SER A 77 6.31 -8.82 7.51
N PHE A 78 6.14 -7.82 6.64
CA PHE A 78 6.37 -8.00 5.22
C PHE A 78 7.42 -7.03 4.71
N LEU A 79 8.36 -6.66 5.58
CA LEU A 79 9.43 -5.74 5.21
C LEU A 79 10.68 -6.49 4.77
N ASN A 80 11.17 -7.37 5.65
CA ASN A 80 12.36 -8.15 5.36
C ASN A 80 12.00 -9.55 4.87
N ILE A 81 10.94 -9.63 4.07
CA ILE A 81 10.48 -10.91 3.53
C ILE A 81 11.04 -11.15 2.13
N LEU A 82 11.22 -12.42 1.78
CA LEU A 82 11.75 -12.77 0.46
C LEU A 82 10.70 -12.52 -0.62
N HIS A 83 11.17 -12.31 -1.85
CA HIS A 83 10.28 -12.07 -2.97
C HIS A 83 9.44 -13.30 -3.29
N ASP A 84 10.05 -14.48 -3.14
CA ASP A 84 9.35 -15.73 -3.40
C ASP A 84 8.35 -16.04 -2.29
N GLU A 85 8.71 -15.69 -1.07
CA GLU A 85 7.84 -15.93 0.08
C GLU A 85 6.63 -15.01 0.05
N ALA A 86 6.82 -13.79 -0.45
CA ALA A 86 5.75 -12.82 -0.52
C ALA A 86 4.64 -13.30 -1.45
N VAL A 87 5.01 -14.06 -2.47
CA VAL A 87 4.05 -14.60 -3.42
C VAL A 87 3.43 -15.90 -2.93
N ARG A 88 4.28 -16.76 -2.39
CA ARG A 88 3.83 -18.06 -1.87
C ARG A 88 2.97 -17.87 -0.63
N LEU A 89 3.27 -16.83 0.14
CA LEU A 89 2.52 -16.54 1.37
C LEU A 89 1.21 -15.83 1.04
N LEU A 90 1.21 -15.04 -0.03
CA LEU A 90 0.02 -14.31 -0.44
C LEU A 90 -0.92 -15.22 -1.23
N LYS A 91 -0.36 -16.14 -1.99
CA LYS A 91 -1.14 -17.06 -2.81
C LYS A 91 -1.21 -18.43 -2.14
N SER A 92 -1.91 -18.50 -1.02
CA SER A 92 -2.07 -19.76 -0.29
C SER A 92 -3.15 -19.64 0.79
N SER A 93 -2.93 -18.74 1.73
CA SER A 93 -3.89 -18.52 2.82
C SER A 93 -5.15 -17.86 2.30
N ARG A 94 -6.30 -18.40 2.68
CA ARG A 94 -7.59 -17.85 2.25
C ARG A 94 -7.71 -16.38 2.63
N HIS A 95 -7.92 -16.13 3.91
CA HIS A 95 -8.06 -14.75 4.40
C HIS A 95 -6.73 -14.02 4.34
N LEU A 96 -6.73 -12.88 3.66
CA LEU A 96 -5.52 -12.08 3.52
C LEU A 96 -5.77 -10.64 3.94
N ILE A 97 -5.12 -10.21 5.01
CA ILE A 97 -5.28 -8.85 5.52
C ILE A 97 -4.01 -8.03 5.30
N LEU A 98 -3.94 -7.35 4.16
CA LEU A 98 -2.77 -6.53 3.83
C LEU A 98 -2.88 -5.15 4.48
N THR A 99 -1.73 -4.52 4.69
CA THR A 99 -1.70 -3.19 5.31
C THR A 99 -0.79 -2.25 4.51
N VAL A 100 -1.38 -1.48 3.60
CA VAL A 100 -0.63 -0.55 2.79
C VAL A 100 -0.83 0.89 3.27
N LYS A 101 0.22 1.69 3.18
CA LYS A 101 0.15 3.09 3.61
C LYS A 101 0.15 4.02 2.40
N ASP A 102 -0.23 5.27 2.62
CA ASP A 102 -0.29 6.26 1.55
C ASP A 102 1.12 6.53 1.00
N VAL A 103 1.33 6.19 -0.27
CA VAL A 103 2.62 6.41 -0.91
C VAL A 103 2.58 7.60 -1.85
N GLY A 104 1.43 7.83 -2.47
CA GLY A 104 1.28 8.94 -3.39
C GLY A 104 0.44 10.07 -2.81
N ARG A 105 1.07 11.22 -2.61
CA ARG A 105 0.38 12.38 -2.06
C ARG A 105 0.71 13.65 -2.84
N LEU A 106 1.99 13.98 -2.91
CA LEU A 106 2.45 15.16 -3.64
C LEU A 106 2.74 14.82 -5.09
N PRO A 107 2.47 15.77 -6.02
CA PRO A 107 2.70 15.57 -7.45
C PRO A 107 4.19 15.63 -7.80
N HIS A 108 4.78 14.45 -8.03
CA HIS A 108 6.19 14.38 -8.38
C HIS A 108 6.57 12.96 -8.81
N ALA A 109 7.80 12.79 -9.28
CA ALA A 109 8.28 11.49 -9.74
C ALA A 109 9.76 11.32 -9.45
N ARG A 110 10.23 11.96 -8.39
CA ARG A 110 11.64 11.88 -8.00
C ARG A 110 11.79 11.26 -6.61
N THR A 111 11.49 9.97 -6.51
CA THR A 111 11.59 9.26 -5.24
C THR A 111 12.31 7.93 -5.43
N THR A 112 13.39 7.73 -4.68
CA THR A 112 14.16 6.50 -4.76
C THR A 112 13.97 5.67 -3.49
N VAL A 113 14.43 6.19 -2.36
CA VAL A 113 14.31 5.50 -1.09
C VAL A 113 14.00 6.47 0.04
N ASP A 114 14.75 7.56 0.10
CA ASP A 114 14.55 8.57 1.13
C ASP A 114 14.04 9.88 0.53
N GLU A 115 13.90 10.89 1.38
CA GLU A 115 13.41 12.20 0.93
C GLU A 115 14.18 13.32 1.61
N THR A 116 15.47 13.10 1.87
CA THR A 116 16.30 14.09 2.52
C THR A 116 17.35 14.64 1.56
N LYS A 117 17.88 13.76 0.70
CA LYS A 117 18.89 14.16 -0.27
C LYS A 117 18.29 15.04 -1.36
N TRP A 118 18.97 16.13 -1.66
CA TRP A 118 18.50 17.06 -2.69
C TRP A 118 19.67 17.54 -3.56
N ILE A 119 19.68 17.10 -4.81
CA ILE A 119 20.74 17.48 -5.74
C ILE A 119 20.74 18.99 -5.97
N ALA A 120 21.93 19.56 -6.17
CA ALA A 120 22.07 20.99 -6.41
C ALA A 120 22.36 21.28 -7.87
N SER A 121 23.25 20.49 -8.47
CA SER A 121 23.61 20.66 -9.87
C SER A 121 23.99 19.33 -10.51
N SER A 122 22.99 18.63 -11.04
CA SER A 122 23.22 17.35 -11.69
C SER A 122 22.89 17.42 -13.17
N SER A 123 21.73 17.96 -13.49
CA SER A 123 21.29 18.09 -14.88
C SER A 123 20.78 19.49 -15.18
N GLY A 124 21.46 20.20 -16.07
CA GLY A 124 21.06 21.55 -16.42
C GLY A 124 20.65 21.68 -17.88
N PRO A 125 19.95 22.76 -18.24
CA PRO A 125 19.51 22.98 -19.61
C PRO A 125 20.66 23.33 -20.55
N SER A 126 21.59 22.40 -20.70
CA SER A 126 22.75 22.61 -21.56
C SER A 126 22.47 22.12 -22.98
N SER A 127 21.65 21.09 -23.09
CA SER A 127 21.29 20.52 -24.39
C SER A 127 20.16 21.31 -25.04
N GLY A 128 19.28 21.87 -24.21
CA GLY A 128 18.16 22.64 -24.72
C GLY A 128 17.03 22.74 -23.72
N GLY A 1 43.79 24.58 -3.86
CA GLY A 1 44.36 24.16 -2.54
C GLY A 1 43.35 23.41 -1.69
N SER A 2 42.50 22.61 -2.34
CA SER A 2 41.49 21.84 -1.63
C SER A 2 41.15 20.56 -2.40
N SER A 3 40.43 19.66 -1.74
CA SER A 3 40.04 18.39 -2.36
C SER A 3 38.53 18.30 -2.52
N GLY A 4 37.80 18.79 -1.52
CA GLY A 4 36.35 18.76 -1.58
C GLY A 4 35.75 20.10 -1.96
N SER A 5 34.43 20.20 -1.88
CA SER A 5 33.74 21.44 -2.22
C SER A 5 32.47 21.60 -1.39
N SER A 6 32.57 22.34 -0.29
CA SER A 6 31.42 22.57 0.59
C SER A 6 30.56 23.72 0.07
N GLY A 7 29.27 23.48 -0.03
CA GLY A 7 28.36 24.50 -0.51
C GLY A 7 26.89 24.08 -0.40
N ASP A 8 26.37 24.05 0.82
CA ASP A 8 24.99 23.67 1.06
C ASP A 8 24.77 22.20 0.70
N ARG A 9 24.69 21.92 -0.59
CA ARG A 9 24.47 20.56 -1.07
C ARG A 9 23.14 20.01 -0.58
N ARG A 10 22.59 19.04 -1.30
CA ARG A 10 21.32 18.44 -0.94
C ARG A 10 21.43 17.68 0.39
N SER A 11 20.28 17.35 0.97
CA SER A 11 20.25 16.62 2.23
C SER A 11 20.55 15.14 2.01
N THR A 12 19.73 14.49 1.20
CA THR A 12 19.91 13.07 0.90
C THR A 12 19.82 12.24 2.18
N LEU A 13 18.93 12.64 3.08
CA LEU A 13 18.73 11.93 4.34
C LEU A 13 17.44 12.39 5.03
N HIS A 14 16.40 11.58 4.92
CA HIS A 14 15.11 11.90 5.53
C HIS A 14 14.73 10.86 6.58
N LEU A 15 13.93 11.27 7.55
CA LEU A 15 13.49 10.37 8.61
C LEU A 15 12.35 9.48 8.13
N LEU A 16 12.14 8.37 8.82
CA LEU A 16 11.07 7.43 8.47
C LEU A 16 10.09 7.27 9.62
N GLN A 17 8.80 7.38 9.31
CA GLN A 17 7.75 7.24 10.32
C GLN A 17 6.52 6.59 9.73
N GLY A 18 5.74 5.91 10.58
CA GLY A 18 4.54 5.26 10.13
C GLY A 18 3.34 6.19 10.05
N GLY A 19 3.10 6.74 8.86
CA GLY A 19 1.98 7.66 8.69
C GLY A 19 0.64 6.95 8.74
N ASP A 20 -0.22 7.25 7.77
CA ASP A 20 -1.54 6.64 7.70
C ASP A 20 -1.45 5.21 7.16
N GLU A 21 -2.04 4.27 7.89
CA GLU A 21 -2.02 2.87 7.48
C GLU A 21 -3.41 2.44 7.01
N LYS A 22 -3.47 1.82 5.83
CA LYS A 22 -4.73 1.35 5.26
C LYS A 22 -4.75 -0.17 5.21
N LYS A 23 -5.76 -0.76 5.85
CA LYS A 23 -5.91 -2.21 5.88
C LYS A 23 -6.79 -2.68 4.73
N VAL A 24 -6.51 -3.88 4.22
CA VAL A 24 -7.28 -4.44 3.12
C VAL A 24 -7.52 -5.94 3.33
N ASN A 25 -8.60 -6.26 4.02
CA ASN A 25 -8.95 -7.66 4.29
C ASN A 25 -9.62 -8.29 3.08
N LEU A 26 -9.34 -9.57 2.86
CA LEU A 26 -9.93 -10.29 1.73
C LEU A 26 -10.16 -11.76 2.09
N VAL A 27 -11.35 -12.25 1.78
CA VAL A 27 -11.70 -13.64 2.07
C VAL A 27 -11.77 -14.47 0.80
N LEU A 28 -10.66 -15.10 0.44
CA LEU A 28 -10.60 -15.93 -0.75
C LEU A 28 -11.55 -17.12 -0.64
N GLY A 29 -11.97 -17.64 -1.79
CA GLY A 29 -12.86 -18.78 -1.80
C GLY A 29 -12.14 -20.10 -1.96
N ASP A 30 -12.06 -20.57 -3.20
CA ASP A 30 -11.37 -21.84 -3.49
C ASP A 30 -10.38 -21.67 -4.63
N GLY A 31 -9.09 -21.71 -4.29
CA GLY A 31 -8.05 -21.57 -5.30
C GLY A 31 -8.03 -20.19 -5.91
N ARG A 32 -8.49 -19.19 -5.16
CA ARG A 32 -8.51 -17.81 -5.64
C ARG A 32 -7.13 -17.18 -5.54
N SER A 33 -7.01 -15.93 -6.00
CA SER A 33 -5.76 -15.21 -5.96
C SER A 33 -5.98 -13.71 -5.83
N LEU A 34 -4.92 -12.97 -5.53
CA LEU A 34 -5.01 -11.53 -5.38
C LEU A 34 -4.84 -10.83 -6.72
N GLY A 35 -3.99 -11.40 -7.57
CA GLY A 35 -3.75 -10.82 -8.88
C GLY A 35 -2.92 -9.56 -8.81
N LEU A 36 -2.00 -9.51 -7.86
CA LEU A 36 -1.13 -8.35 -7.68
C LEU A 36 0.29 -8.65 -8.16
N THR A 37 0.98 -7.62 -8.64
CA THR A 37 2.34 -7.79 -9.13
C THR A 37 3.33 -7.04 -8.24
N ILE A 38 3.75 -7.69 -7.15
CA ILE A 38 4.69 -7.09 -6.21
C ILE A 38 6.13 -7.28 -6.68
N ARG A 39 7.04 -6.50 -6.10
CA ARG A 39 8.46 -6.60 -6.46
C ARG A 39 9.34 -6.44 -5.22
N GLY A 40 10.65 -6.53 -5.43
CA GLY A 40 11.58 -6.40 -4.31
C GLY A 40 11.52 -7.58 -3.37
N GLY A 41 12.42 -7.59 -2.39
CA GLY A 41 12.46 -8.68 -1.43
C GLY A 41 13.52 -8.48 -0.37
N ALA A 42 13.61 -9.43 0.56
CA ALA A 42 14.60 -9.35 1.63
C ALA A 42 16.00 -9.60 1.10
N GLU A 43 16.11 -10.40 0.06
CA GLU A 43 17.40 -10.72 -0.54
C GLU A 43 17.98 -9.50 -1.26
N TYR A 44 17.10 -8.69 -1.84
CA TYR A 44 17.53 -7.50 -2.56
C TYR A 44 17.42 -6.24 -1.68
N GLY A 45 17.24 -6.46 -0.38
CA GLY A 45 17.13 -5.34 0.55
C GLY A 45 16.05 -4.35 0.13
N LEU A 46 15.00 -4.85 -0.51
CA LEU A 46 13.90 -4.00 -0.95
C LEU A 46 12.57 -4.50 -0.39
N GLY A 47 11.76 -3.57 0.11
CA GLY A 47 10.48 -3.92 0.66
C GLY A 47 9.55 -4.56 -0.36
N ILE A 48 8.28 -4.67 -0.01
CA ILE A 48 7.30 -5.26 -0.91
C ILE A 48 6.34 -4.21 -1.46
N TYR A 49 6.59 -3.79 -2.70
CA TYR A 49 5.75 -2.79 -3.35
C TYR A 49 4.77 -3.44 -4.33
N ILE A 50 4.02 -2.60 -5.04
CA ILE A 50 3.05 -3.11 -6.01
C ILE A 50 3.15 -2.34 -7.33
N THR A 51 3.12 -3.08 -8.43
CA THR A 51 3.21 -2.48 -9.76
C THR A 51 2.40 -3.28 -10.78
N GLY A 52 1.26 -3.81 -10.34
CA GLY A 52 0.42 -4.58 -11.23
C GLY A 52 -0.88 -5.02 -10.57
N VAL A 53 -1.97 -4.92 -11.31
CA VAL A 53 -3.28 -5.30 -10.79
C VAL A 53 -4.11 -6.03 -11.85
N ASP A 54 -4.47 -7.27 -11.56
CA ASP A 54 -5.26 -8.07 -12.50
C ASP A 54 -6.73 -7.69 -12.43
N PRO A 55 -7.40 -7.57 -13.60
CA PRO A 55 -8.81 -7.21 -13.67
C PRO A 55 -9.73 -8.36 -13.28
N GLY A 56 -10.43 -8.21 -12.16
CA GLY A 56 -11.34 -9.26 -11.71
C GLY A 56 -10.89 -9.87 -10.39
N SER A 57 -9.58 -9.84 -10.13
CA SER A 57 -9.04 -10.41 -8.90
C SER A 57 -9.65 -9.73 -7.67
N GLU A 58 -9.37 -10.28 -6.50
CA GLU A 58 -9.89 -9.74 -5.26
C GLU A 58 -9.24 -8.39 -4.94
N ALA A 59 -7.93 -8.32 -5.11
CA ALA A 59 -7.18 -7.09 -4.85
C ALA A 59 -7.69 -5.94 -5.72
N GLU A 60 -8.15 -6.28 -6.92
CA GLU A 60 -8.65 -5.29 -7.86
C GLU A 60 -10.03 -4.80 -7.43
N GLY A 61 -10.81 -5.70 -6.81
CA GLY A 61 -12.14 -5.33 -6.37
C GLY A 61 -12.13 -4.61 -5.03
N SER A 62 -11.12 -4.91 -4.21
CA SER A 62 -11.00 -4.28 -2.90
C SER A 62 -10.77 -2.78 -3.03
N GLY A 63 -9.73 -2.41 -3.77
CA GLY A 63 -9.42 -1.00 -3.97
C GLY A 63 -7.95 -0.71 -3.81
N LEU A 64 -7.13 -1.39 -4.61
CA LEU A 64 -5.68 -1.20 -4.57
C LEU A 64 -5.20 -0.44 -5.80
N LYS A 65 -3.93 -0.06 -5.79
CA LYS A 65 -3.34 0.68 -6.90
C LYS A 65 -1.91 0.20 -7.17
N VAL A 66 -1.27 0.81 -8.17
CA VAL A 66 0.09 0.45 -8.54
C VAL A 66 1.10 1.43 -7.92
N GLY A 67 1.75 1.00 -6.85
CA GLY A 67 2.72 1.84 -6.18
C GLY A 67 2.66 1.74 -4.67
N ASP A 68 1.52 1.27 -4.15
CA ASP A 68 1.34 1.12 -2.72
C ASP A 68 2.43 0.24 -2.11
N GLN A 69 2.75 0.48 -0.84
CA GLN A 69 3.77 -0.27 -0.15
C GLN A 69 3.17 -1.14 0.96
N ILE A 70 3.10 -2.44 0.72
CA ILE A 70 2.54 -3.36 1.70
C ILE A 70 3.39 -3.40 2.98
N LEU A 71 2.83 -2.85 4.05
CA LEU A 71 3.53 -2.82 5.33
C LEU A 71 3.55 -4.19 5.98
N GLU A 72 2.38 -4.83 6.05
CA GLU A 72 2.26 -6.16 6.65
C GLU A 72 1.02 -6.87 6.13
N VAL A 73 1.00 -8.19 6.30
CA VAL A 73 -0.13 -9.00 5.85
C VAL A 73 -0.44 -10.11 6.85
N ASN A 74 -1.69 -10.17 7.29
CA ASN A 74 -2.12 -11.19 8.25
C ASN A 74 -1.35 -11.06 9.55
N GLY A 75 -0.97 -9.83 9.88
CA GLY A 75 -0.22 -9.59 11.11
C GLY A 75 1.23 -10.04 11.01
N ARG A 76 1.76 -10.01 9.80
CA ARG A 76 3.14 -10.40 9.56
C ARG A 76 3.92 -9.30 8.86
N SER A 77 5.15 -9.07 9.31
CA SER A 77 6.00 -8.04 8.72
C SER A 77 6.34 -8.38 7.28
N PHE A 78 6.02 -7.46 6.37
CA PHE A 78 6.29 -7.66 4.95
C PHE A 78 7.38 -6.72 4.47
N LEU A 79 8.30 -6.37 5.36
CA LEU A 79 9.41 -5.47 5.03
C LEU A 79 10.68 -6.26 4.75
N ASN A 80 10.94 -7.27 5.58
CA ASN A 80 12.13 -8.09 5.41
C ASN A 80 11.76 -9.50 4.97
N ILE A 81 10.69 -9.61 4.19
CA ILE A 81 10.23 -10.91 3.69
C ILE A 81 10.81 -11.20 2.31
N LEU A 82 11.09 -12.47 2.05
CA LEU A 82 11.64 -12.89 0.77
C LEU A 82 10.66 -12.63 -0.36
N HIS A 83 11.18 -12.45 -1.58
CA HIS A 83 10.34 -12.20 -2.74
C HIS A 83 9.43 -13.37 -3.02
N ASP A 84 10.02 -14.56 -3.17
CA ASP A 84 9.25 -15.77 -3.45
C ASP A 84 8.32 -16.10 -2.28
N GLU A 85 8.77 -15.82 -1.07
CA GLU A 85 7.97 -16.08 0.12
C GLU A 85 6.72 -15.21 0.15
N ALA A 86 6.84 -13.98 -0.35
CA ALA A 86 5.73 -13.05 -0.39
C ALA A 86 4.64 -13.53 -1.34
N VAL A 87 5.06 -14.00 -2.51
CA VAL A 87 4.12 -14.49 -3.52
C VAL A 87 3.45 -15.77 -3.05
N ARG A 88 4.18 -16.62 -2.34
CA ARG A 88 3.65 -17.87 -1.83
C ARG A 88 2.74 -17.63 -0.63
N LEU A 89 3.09 -16.64 0.18
CA LEU A 89 2.31 -16.31 1.36
C LEU A 89 1.03 -15.56 0.98
N LEU A 90 1.17 -14.64 0.04
CA LEU A 90 0.03 -13.84 -0.41
C LEU A 90 -0.90 -14.67 -1.29
N LYS A 91 -0.30 -15.61 -2.03
CA LYS A 91 -1.08 -16.48 -2.92
C LYS A 91 -1.15 -17.89 -2.37
N SER A 92 -1.95 -18.08 -1.33
CA SER A 92 -2.10 -19.39 -0.71
C SER A 92 -3.14 -19.34 0.41
N SER A 93 -2.94 -18.44 1.36
CA SER A 93 -3.86 -18.29 2.48
C SER A 93 -5.24 -17.82 2.01
N ARG A 94 -6.27 -18.19 2.76
CA ARG A 94 -7.63 -17.81 2.41
C ARG A 94 -7.93 -16.38 2.85
N HIS A 95 -7.33 -15.97 3.96
CA HIS A 95 -7.53 -14.63 4.49
C HIS A 95 -6.28 -13.78 4.29
N LEU A 96 -6.46 -12.64 3.62
CA LEU A 96 -5.35 -11.73 3.36
C LEU A 96 -5.71 -10.29 3.75
N ILE A 97 -4.96 -9.75 4.72
CA ILE A 97 -5.21 -8.40 5.18
C ILE A 97 -3.99 -7.51 4.93
N LEU A 98 -3.76 -7.17 3.66
CA LEU A 98 -2.63 -6.33 3.29
C LEU A 98 -2.79 -4.92 3.85
N THR A 99 -1.73 -4.41 4.47
CA THR A 99 -1.75 -3.08 5.05
C THR A 99 -0.80 -2.14 4.30
N VAL A 100 -1.33 -1.44 3.32
CA VAL A 100 -0.53 -0.51 2.52
C VAL A 100 -0.58 0.90 3.10
N LYS A 101 0.35 1.74 2.68
CA LYS A 101 0.41 3.12 3.15
C LYS A 101 0.12 4.11 2.02
N ASP A 102 -0.38 5.28 2.39
CA ASP A 102 -0.70 6.30 1.40
C ASP A 102 0.55 6.76 0.65
N VAL A 103 0.66 6.37 -0.61
CA VAL A 103 1.80 6.75 -1.44
C VAL A 103 1.46 7.90 -2.37
N GLY A 104 0.22 7.93 -2.84
CA GLY A 104 -0.20 8.99 -3.74
C GLY A 104 -1.04 10.04 -3.03
N ARG A 105 -0.51 11.26 -2.94
CA ARG A 105 -1.21 12.36 -2.30
C ARG A 105 -1.65 13.40 -3.31
N LEU A 106 -2.33 14.44 -2.83
CA LEU A 106 -2.81 15.51 -3.71
C LEU A 106 -2.53 16.88 -3.08
N PRO A 107 -1.74 17.72 -3.78
CA PRO A 107 -1.41 19.07 -3.27
C PRO A 107 -2.61 20.01 -3.28
N HIS A 108 -3.63 19.66 -4.07
CA HIS A 108 -4.84 20.47 -4.16
C HIS A 108 -4.53 21.84 -4.75
N ALA A 109 -5.52 22.73 -4.74
CA ALA A 109 -5.36 24.07 -5.28
C ALA A 109 -4.73 24.99 -4.24
N ARG A 110 -3.59 25.57 -4.59
CA ARG A 110 -2.88 26.48 -3.71
C ARG A 110 -1.86 27.31 -4.47
N THR A 111 -1.10 26.64 -5.34
CA THR A 111 -0.08 27.31 -6.13
C THR A 111 -0.42 27.25 -7.62
N THR A 112 0.38 27.94 -8.43
CA THR A 112 0.17 27.96 -9.87
C THR A 112 0.92 26.82 -10.55
N VAL A 113 0.55 26.53 -11.79
CA VAL A 113 1.19 25.47 -12.55
C VAL A 113 2.26 26.03 -13.48
N ASP A 114 3.35 25.29 -13.63
CA ASP A 114 4.45 25.72 -14.50
C ASP A 114 4.13 25.44 -15.97
N GLU A 115 5.02 25.87 -16.85
CA GLU A 115 4.83 25.67 -18.28
C GLU A 115 5.36 24.31 -18.72
N THR A 116 4.60 23.26 -18.46
CA THR A 116 5.00 21.91 -18.83
C THR A 116 4.25 21.44 -20.07
N LYS A 117 4.09 22.34 -21.03
CA LYS A 117 3.40 22.02 -22.28
C LYS A 117 4.40 21.71 -23.39
N TRP A 118 4.10 20.67 -24.15
CA TRP A 118 4.97 20.26 -25.25
C TRP A 118 6.37 19.91 -24.75
N ILE A 119 6.59 18.64 -24.45
CA ILE A 119 7.88 18.18 -23.95
C ILE A 119 8.50 17.17 -24.91
N ALA A 120 7.67 16.29 -25.46
CA ALA A 120 8.14 15.27 -26.38
C ALA A 120 7.18 15.11 -27.56
N SER A 121 7.67 14.51 -28.64
CA SER A 121 6.86 14.30 -29.83
C SER A 121 6.70 12.82 -30.13
N SER A 122 5.95 12.51 -31.18
CA SER A 122 5.71 11.12 -31.57
C SER A 122 5.96 10.92 -33.06
N SER A 123 6.26 9.69 -33.45
CA SER A 123 6.51 9.36 -34.84
C SER A 123 5.22 9.34 -35.65
N GLY A 124 4.13 8.96 -34.99
CA GLY A 124 2.84 8.90 -35.67
C GLY A 124 2.71 7.69 -36.57
N PRO A 125 2.47 6.49 -35.98
CA PRO A 125 2.32 5.26 -36.76
C PRO A 125 1.03 5.23 -37.57
N SER A 126 0.82 4.15 -38.31
CA SER A 126 -0.37 4.00 -39.13
C SER A 126 -1.58 3.63 -38.27
N SER A 127 -2.42 4.62 -38.00
CA SER A 127 -3.63 4.40 -37.20
C SER A 127 -4.79 3.95 -38.07
N GLY A 128 -5.14 4.77 -39.05
CA GLY A 128 -6.24 4.43 -39.94
C GLY A 128 -6.74 5.63 -40.72
N GLY A 1 -9.59 39.35 11.92
CA GLY A 1 -10.34 40.34 11.09
C GLY A 1 -11.80 40.42 11.46
N SER A 2 -12.55 39.36 11.16
CA SER A 2 -13.98 39.31 11.46
C SER A 2 -14.72 40.43 10.75
N SER A 3 -15.20 40.14 9.54
CA SER A 3 -15.95 41.12 8.76
C SER A 3 -17.42 40.75 8.66
N GLY A 4 -17.69 39.45 8.58
CA GLY A 4 -19.07 38.99 8.49
C GLY A 4 -19.83 39.18 9.78
N SER A 5 -19.72 38.20 10.67
CA SER A 5 -20.42 38.25 11.96
C SER A 5 -19.55 37.66 13.07
N SER A 6 -19.89 37.97 14.32
CA SER A 6 -19.14 37.47 15.47
C SER A 6 -19.70 36.13 15.92
N GLY A 7 -18.86 35.36 16.61
CA GLY A 7 -19.28 34.05 17.10
C GLY A 7 -18.55 33.64 18.36
N ASP A 8 -18.19 32.36 18.44
CA ASP A 8 -17.47 31.84 19.59
C ASP A 8 -16.59 30.65 19.19
N ARG A 9 -17.22 29.62 18.63
CA ARG A 9 -16.49 28.43 18.21
C ARG A 9 -17.12 27.82 16.96
N ARG A 10 -16.33 27.74 15.89
CA ARG A 10 -16.81 27.17 14.63
C ARG A 10 -15.66 26.92 13.67
N SER A 11 -14.51 26.55 14.22
CA SER A 11 -13.32 26.28 13.42
C SER A 11 -12.94 24.81 13.49
N THR A 12 -13.86 23.94 13.08
CA THR A 12 -13.62 22.51 13.09
C THR A 12 -13.43 21.96 11.68
N LEU A 13 -12.86 22.81 10.81
CA LEU A 13 -12.63 22.41 9.43
C LEU A 13 -11.13 22.22 9.17
N HIS A 14 -10.64 21.01 9.39
CA HIS A 14 -9.23 20.70 9.19
C HIS A 14 -9.04 19.21 8.91
N LEU A 15 -7.82 18.84 8.52
CA LEU A 15 -7.50 17.46 8.22
C LEU A 15 -6.32 16.98 9.05
N LEU A 16 -6.60 16.11 10.02
CA LEU A 16 -5.56 15.57 10.88
C LEU A 16 -5.24 14.12 10.53
N GLN A 17 -4.44 13.93 9.49
CA GLN A 17 -4.07 12.59 9.04
C GLN A 17 -2.66 12.58 8.48
N GLY A 18 -2.20 11.40 8.07
CA GLY A 18 -0.87 11.27 7.51
C GLY A 18 -0.24 9.92 7.77
N GLY A 19 -0.21 9.53 9.05
CA GLY A 19 0.36 8.25 9.42
C GLY A 19 -0.69 7.17 9.58
N ASP A 20 -1.79 7.31 8.85
CA ASP A 20 -2.87 6.33 8.92
C ASP A 20 -2.64 5.18 7.94
N GLU A 21 -2.53 3.97 8.49
CA GLU A 21 -2.30 2.78 7.67
C GLU A 21 -3.61 2.26 7.10
N LYS A 22 -3.58 1.88 5.83
CA LYS A 22 -4.77 1.36 5.15
C LYS A 22 -4.77 -0.17 5.18
N LYS A 23 -5.91 -0.74 5.55
CA LYS A 23 -6.05 -2.20 5.61
C LYS A 23 -7.03 -2.69 4.55
N VAL A 24 -6.68 -3.79 3.90
CA VAL A 24 -7.52 -4.36 2.86
C VAL A 24 -7.77 -5.85 3.12
N ASN A 25 -8.86 -6.15 3.83
CA ASN A 25 -9.21 -7.52 4.14
C ASN A 25 -9.91 -8.19 2.96
N LEU A 26 -9.39 -9.35 2.57
CA LEU A 26 -9.96 -10.09 1.45
C LEU A 26 -10.19 -11.55 1.82
N VAL A 27 -11.40 -12.05 1.55
CA VAL A 27 -11.75 -13.43 1.86
C VAL A 27 -11.74 -14.30 0.60
N LEU A 28 -10.71 -15.14 0.48
CA LEU A 28 -10.58 -16.02 -0.67
C LEU A 28 -11.26 -17.36 -0.40
N GLY A 29 -12.14 -17.78 -1.32
CA GLY A 29 -12.83 -19.03 -1.16
C GLY A 29 -11.91 -20.23 -1.32
N ASP A 30 -11.75 -20.70 -2.55
CA ASP A 30 -10.89 -21.84 -2.82
C ASP A 30 -9.55 -21.39 -3.38
N GLY A 31 -9.01 -20.31 -2.83
CA GLY A 31 -7.73 -19.78 -3.30
C GLY A 31 -7.86 -18.98 -4.58
N ARG A 32 -8.67 -17.92 -4.53
CA ARG A 32 -8.88 -17.07 -5.70
C ARG A 32 -7.69 -16.14 -5.93
N SER A 33 -6.73 -16.17 -5.02
CA SER A 33 -5.54 -15.32 -5.13
C SER A 33 -5.92 -13.85 -5.18
N LEU A 34 -4.93 -12.97 -5.07
CA LEU A 34 -5.16 -11.53 -5.11
C LEU A 34 -5.09 -11.02 -6.54
N GLY A 35 -3.92 -11.15 -7.16
CA GLY A 35 -3.75 -10.69 -8.53
C GLY A 35 -2.93 -9.41 -8.61
N LEU A 36 -1.89 -9.33 -7.80
CA LEU A 36 -1.02 -8.16 -7.78
C LEU A 36 0.43 -8.55 -8.02
N THR A 37 1.18 -7.66 -8.67
CA THR A 37 2.58 -7.90 -8.97
C THR A 37 3.49 -7.12 -8.02
N ILE A 38 3.86 -7.75 -6.91
CA ILE A 38 4.72 -7.10 -5.92
C ILE A 38 6.19 -7.26 -6.29
N ARG A 39 6.96 -6.19 -6.14
CA ARG A 39 8.38 -6.22 -6.46
C ARG A 39 9.21 -5.85 -5.24
N GLY A 40 10.49 -6.24 -5.26
CA GLY A 40 11.36 -5.94 -4.15
C GLY A 40 11.24 -6.95 -3.02
N GLY A 41 12.33 -7.19 -2.31
CA GLY A 41 12.33 -8.13 -1.20
C GLY A 41 13.54 -8.00 -0.30
N ALA A 42 13.65 -8.88 0.68
CA ALA A 42 14.77 -8.86 1.61
C ALA A 42 16.07 -9.20 0.90
N GLU A 43 15.98 -10.01 -0.14
CA GLU A 43 17.16 -10.42 -0.91
C GLU A 43 17.68 -9.26 -1.76
N TYR A 44 16.77 -8.41 -2.22
CA TYR A 44 17.13 -7.26 -3.03
C TYR A 44 17.29 -6.00 -2.18
N GLY A 45 17.41 -6.18 -0.87
CA GLY A 45 17.57 -5.04 0.03
C GLY A 45 16.50 -3.99 -0.18
N LEU A 46 15.35 -4.41 -0.67
CA LEU A 46 14.23 -3.49 -0.91
C LEU A 46 12.94 -4.02 -0.30
N GLY A 47 12.09 -3.11 0.16
CA GLY A 47 10.83 -3.51 0.76
C GLY A 47 9.87 -4.09 -0.26
N ILE A 48 8.67 -4.47 0.21
CA ILE A 48 7.66 -5.03 -0.67
C ILE A 48 6.75 -3.95 -1.22
N TYR A 49 6.75 -3.79 -2.55
CA TYR A 49 5.91 -2.79 -3.20
C TYR A 49 4.86 -3.46 -4.09
N ILE A 50 4.08 -2.63 -4.78
CA ILE A 50 3.04 -3.14 -5.66
C ILE A 50 3.11 -2.48 -7.03
N THR A 51 2.88 -3.26 -8.08
CA THR A 51 2.92 -2.73 -9.44
C THR A 51 2.24 -3.70 -10.41
N GLY A 52 1.10 -4.23 -10.01
CA GLY A 52 0.38 -5.16 -10.85
C GLY A 52 -1.06 -5.35 -10.40
N VAL A 53 -1.96 -5.57 -11.37
CA VAL A 53 -3.37 -5.76 -11.07
C VAL A 53 -4.02 -6.68 -12.09
N ASP A 54 -4.47 -7.85 -11.62
CA ASP A 54 -5.11 -8.82 -12.49
C ASP A 54 -6.46 -8.31 -12.98
N PRO A 55 -6.71 -8.35 -14.30
CA PRO A 55 -7.98 -7.88 -14.88
C PRO A 55 -9.19 -8.55 -14.22
N GLY A 56 -9.88 -7.80 -13.36
CA GLY A 56 -11.04 -8.32 -12.68
C GLY A 56 -10.69 -9.34 -11.62
N SER A 57 -10.09 -8.87 -10.52
CA SER A 57 -9.70 -9.74 -9.43
C SER A 57 -10.20 -9.19 -8.10
N GLU A 58 -9.90 -9.92 -7.02
CA GLU A 58 -10.32 -9.50 -5.68
C GLU A 58 -9.66 -8.18 -5.29
N ALA A 59 -8.35 -8.12 -5.43
CA ALA A 59 -7.60 -6.91 -5.09
C ALA A 59 -8.06 -5.73 -5.94
N GLU A 60 -8.50 -6.01 -7.16
CA GLU A 60 -8.96 -4.97 -8.06
C GLU A 60 -10.29 -4.39 -7.60
N GLY A 61 -11.13 -5.26 -7.03
CA GLY A 61 -12.43 -4.81 -6.55
C GLY A 61 -12.34 -4.12 -5.21
N SER A 62 -11.49 -4.63 -4.32
CA SER A 62 -11.32 -4.05 -3.00
C SER A 62 -10.82 -2.62 -3.09
N GLY A 63 -9.57 -2.45 -3.53
CA GLY A 63 -9.00 -1.12 -3.66
C GLY A 63 -7.49 -1.14 -3.58
N LEU A 64 -6.86 -1.83 -4.52
CA LEU A 64 -5.40 -1.92 -4.56
C LEU A 64 -4.86 -1.43 -5.89
N LYS A 65 -3.99 -0.43 -5.85
CA LYS A 65 -3.40 0.13 -7.06
C LYS A 65 -1.90 -0.17 -7.12
N VAL A 66 -1.24 0.38 -8.14
CA VAL A 66 0.19 0.18 -8.30
C VAL A 66 0.98 1.32 -7.69
N GLY A 67 2.06 0.98 -6.98
CA GLY A 67 2.89 1.98 -6.35
C GLY A 67 2.83 1.91 -4.84
N ASP A 68 1.72 1.42 -4.31
CA ASP A 68 1.54 1.31 -2.87
C ASP A 68 2.60 0.39 -2.27
N GLN A 69 2.86 0.57 -0.97
CA GLN A 69 3.85 -0.25 -0.27
C GLN A 69 3.21 -1.07 0.84
N ILE A 70 3.37 -2.38 0.77
CA ILE A 70 2.79 -3.27 1.77
C ILE A 70 3.63 -3.26 3.05
N LEU A 71 2.96 -3.15 4.19
CA LEU A 71 3.63 -3.12 5.48
C LEU A 71 3.60 -4.51 6.13
N GLU A 72 2.42 -5.12 6.17
CA GLU A 72 2.25 -6.43 6.76
C GLU A 72 0.97 -7.09 6.27
N VAL A 73 0.90 -8.41 6.38
CA VAL A 73 -0.26 -9.17 5.96
C VAL A 73 -0.57 -10.31 6.92
N ASN A 74 -1.80 -10.36 7.40
CA ASN A 74 -2.22 -11.41 8.34
C ASN A 74 -1.38 -11.37 9.60
N GLY A 75 -0.93 -10.17 9.99
CA GLY A 75 -0.12 -10.03 11.17
C GLY A 75 1.30 -10.53 10.97
N ARG A 76 1.77 -10.50 9.74
CA ARG A 76 3.12 -10.96 9.42
C ARG A 76 3.99 -9.80 8.93
N SER A 77 5.27 -9.86 9.25
CA SER A 77 6.21 -8.81 8.84
C SER A 77 6.54 -8.94 7.35
N PHE A 78 6.19 -7.90 6.59
CA PHE A 78 6.46 -7.90 5.15
C PHE A 78 7.57 -6.90 4.81
N LEU A 79 8.48 -6.70 5.75
CA LEU A 79 9.60 -5.78 5.54
C LEU A 79 10.82 -6.52 5.03
N ASN A 80 11.20 -7.58 5.72
CA ASN A 80 12.36 -8.38 5.34
C ASN A 80 11.93 -9.73 4.76
N ILE A 81 10.77 -9.75 4.11
CA ILE A 81 10.25 -10.97 3.53
C ILE A 81 10.83 -11.20 2.13
N LEU A 82 10.99 -12.46 1.76
CA LEU A 82 11.54 -12.81 0.45
C LEU A 82 10.51 -12.58 -0.65
N HIS A 83 10.99 -12.36 -1.87
CA HIS A 83 10.12 -12.13 -3.01
C HIS A 83 9.24 -13.36 -3.27
N ASP A 84 9.84 -14.54 -3.20
CA ASP A 84 9.11 -15.79 -3.43
C ASP A 84 8.15 -16.07 -2.30
N GLU A 85 8.59 -15.80 -1.07
CA GLU A 85 7.76 -16.03 0.11
C GLU A 85 6.51 -15.15 0.08
N ALA A 86 6.70 -13.87 -0.23
CA ALA A 86 5.60 -12.93 -0.30
C ALA A 86 4.57 -13.35 -1.33
N VAL A 87 5.04 -13.96 -2.41
CA VAL A 87 4.16 -14.43 -3.48
C VAL A 87 3.44 -15.71 -3.08
N ARG A 88 4.20 -16.66 -2.54
CA ARG A 88 3.64 -17.94 -2.12
C ARG A 88 2.70 -17.75 -0.94
N LEU A 89 3.12 -16.95 0.03
CA LEU A 89 2.30 -16.70 1.21
C LEU A 89 1.03 -15.94 0.84
N LEU A 90 1.13 -15.08 -0.17
CA LEU A 90 -0.01 -14.30 -0.63
C LEU A 90 -0.91 -15.13 -1.55
N LYS A 91 -0.36 -16.18 -2.13
CA LYS A 91 -1.12 -17.05 -3.02
C LYS A 91 -1.27 -18.44 -2.43
N SER A 92 -1.84 -18.52 -1.24
CA SER A 92 -2.05 -19.80 -0.57
C SER A 92 -3.14 -19.69 0.49
N SER A 93 -2.96 -18.79 1.45
CA SER A 93 -3.93 -18.59 2.51
C SER A 93 -5.29 -18.20 1.95
N ARG A 94 -6.29 -18.13 2.81
CA ARG A 94 -7.64 -17.78 2.40
C ARG A 94 -7.96 -16.32 2.76
N HIS A 95 -7.43 -15.86 3.89
CA HIS A 95 -7.65 -14.50 4.33
C HIS A 95 -6.37 -13.67 4.18
N LEU A 96 -6.42 -12.64 3.34
CA LEU A 96 -5.26 -11.78 3.11
C LEU A 96 -5.61 -10.32 3.40
N ILE A 97 -5.16 -9.84 4.55
CA ILE A 97 -5.41 -8.46 4.95
C ILE A 97 -4.14 -7.62 4.86
N LEU A 98 -3.79 -7.24 3.64
CA LEU A 98 -2.59 -6.43 3.41
C LEU A 98 -2.75 -5.03 4.01
N THR A 99 -1.66 -4.49 4.53
CA THR A 99 -1.69 -3.16 5.14
C THR A 99 -0.72 -2.22 4.42
N VAL A 100 -1.24 -1.51 3.42
CA VAL A 100 -0.42 -0.58 2.65
C VAL A 100 -0.72 0.86 3.05
N LYS A 101 0.22 1.76 2.74
CA LYS A 101 0.06 3.18 3.06
C LYS A 101 -0.21 3.99 1.80
N ASP A 102 -1.08 4.98 1.91
CA ASP A 102 -1.43 5.84 0.79
C ASP A 102 -0.20 6.58 0.28
N VAL A 103 0.42 6.04 -0.77
CA VAL A 103 1.60 6.64 -1.36
C VAL A 103 1.24 7.82 -2.26
N GLY A 104 1.63 9.02 -1.84
CA GLY A 104 1.33 10.21 -2.61
C GLY A 104 -0.06 10.74 -2.35
N ARG A 105 -0.69 10.27 -1.28
CA ARG A 105 -2.04 10.71 -0.92
C ARG A 105 -3.01 10.46 -2.07
N LEU A 106 -3.83 9.42 -1.93
CA LEU A 106 -4.81 9.07 -2.96
C LEU A 106 -6.07 9.91 -2.81
N PRO A 107 -6.72 10.25 -3.93
CA PRO A 107 -7.95 11.06 -3.92
C PRO A 107 -9.15 10.27 -3.39
N HIS A 108 -9.66 10.70 -2.24
CA HIS A 108 -10.81 10.04 -1.63
C HIS A 108 -12.11 10.43 -2.34
N ALA A 109 -13.02 9.48 -2.45
CA ALA A 109 -14.30 9.72 -3.11
C ALA A 109 -15.13 10.74 -2.34
N ARG A 110 -16.14 11.29 -3.00
CA ARG A 110 -17.01 12.29 -2.39
C ARG A 110 -16.21 13.51 -1.95
N THR A 111 -16.04 14.45 -2.88
CA THR A 111 -15.29 15.67 -2.59
C THR A 111 -15.84 16.85 -3.39
N THR A 112 -16.02 16.64 -4.69
CA THR A 112 -16.54 17.67 -5.57
C THR A 112 -18.06 17.58 -5.67
N VAL A 113 -18.75 17.81 -4.56
CA VAL A 113 -20.20 17.77 -4.53
C VAL A 113 -20.81 18.87 -5.38
N ASP A 114 -22.05 18.66 -5.81
CA ASP A 114 -22.75 19.65 -6.63
C ASP A 114 -23.02 20.93 -5.84
N GLU A 115 -23.61 21.91 -6.51
CA GLU A 115 -23.93 23.18 -5.86
C GLU A 115 -25.43 23.30 -5.61
N THR A 116 -25.95 22.40 -4.79
CA THR A 116 -27.38 22.40 -4.46
C THR A 116 -27.58 22.65 -2.97
N LYS A 117 -26.69 23.42 -2.38
CA LYS A 117 -26.77 23.74 -0.96
C LYS A 117 -26.56 25.24 -0.71
N TRP A 118 -27.55 25.89 -0.15
CA TRP A 118 -27.47 27.32 0.14
C TRP A 118 -28.53 27.74 1.15
N ILE A 119 -28.07 28.09 2.35
CA ILE A 119 -28.98 28.51 3.41
C ILE A 119 -28.49 29.80 4.08
N ALA A 120 -29.33 30.82 4.07
CA ALA A 120 -28.98 32.10 4.68
C ALA A 120 -29.65 32.27 6.04
N SER A 121 -29.38 33.39 6.69
CA SER A 121 -29.95 33.67 8.00
C SER A 121 -30.09 35.17 8.22
N SER A 122 -31.32 35.64 8.39
CA SER A 122 -31.59 37.05 8.61
C SER A 122 -31.26 37.44 10.05
N SER A 123 -31.74 36.65 11.00
CA SER A 123 -31.51 36.91 12.41
C SER A 123 -31.96 35.74 13.28
N GLY A 124 -33.17 35.24 12.99
CA GLY A 124 -33.70 34.13 13.74
C GLY A 124 -35.12 34.38 14.24
N PRO A 125 -36.14 33.93 13.48
CA PRO A 125 -37.54 34.11 13.86
C PRO A 125 -37.93 33.31 15.09
N SER A 126 -38.59 33.97 16.04
CA SER A 126 -39.01 33.31 17.28
C SER A 126 -37.81 32.79 18.05
N SER A 127 -37.35 33.56 19.04
CA SER A 127 -36.21 33.18 19.85
C SER A 127 -36.59 33.15 21.33
N GLY A 128 -37.84 32.82 21.61
CA GLY A 128 -38.30 32.76 22.98
C GLY A 128 -39.70 32.18 23.11
N GLY A 1 -11.62 -3.19 33.43
CA GLY A 1 -11.91 -4.61 33.78
C GLY A 1 -11.04 -5.58 33.01
N SER A 2 -9.81 -5.17 32.73
CA SER A 2 -8.87 -6.01 31.99
C SER A 2 -7.59 -6.23 32.79
N SER A 3 -6.82 -5.16 32.99
CA SER A 3 -5.58 -5.25 33.74
C SER A 3 -5.71 -4.55 35.08
N GLY A 4 -6.49 -3.48 35.12
CA GLY A 4 -6.69 -2.74 36.36
C GLY A 4 -5.49 -1.88 36.71
N SER A 5 -5.37 -1.53 37.98
CA SER A 5 -4.27 -0.70 38.45
C SER A 5 -3.14 -1.55 39.01
N SER A 6 -1.91 -1.07 38.85
CA SER A 6 -0.74 -1.80 39.35
C SER A 6 0.36 -0.83 39.77
N GLY A 7 0.70 0.10 38.89
CA GLY A 7 1.73 1.07 39.20
C GLY A 7 1.45 2.42 38.56
N ASP A 8 2.34 3.39 38.82
CA ASP A 8 2.18 4.73 38.28
C ASP A 8 3.54 5.36 38.00
N ARG A 9 3.60 6.17 36.95
CA ARG A 9 4.85 6.84 36.57
C ARG A 9 5.92 5.82 36.22
N ARG A 10 6.31 5.80 34.94
CA ARG A 10 7.33 4.87 34.47
C ARG A 10 8.24 5.53 33.44
N SER A 11 9.15 4.75 32.87
CA SER A 11 10.08 5.26 31.87
C SER A 11 9.97 4.45 30.57
N THR A 12 8.75 4.07 30.22
CA THR A 12 8.51 3.31 29.01
C THR A 12 8.49 4.22 27.79
N LEU A 13 8.80 3.65 26.62
CA LEU A 13 8.83 4.41 25.39
C LEU A 13 8.20 3.61 24.24
N HIS A 14 8.69 2.38 24.06
CA HIS A 14 8.18 1.51 23.00
C HIS A 14 8.39 2.15 21.62
N LEU A 15 7.92 1.46 20.59
CA LEU A 15 8.05 1.95 19.23
C LEU A 15 6.82 2.72 18.80
N LEU A 16 6.92 3.42 17.67
CA LEU A 16 5.80 4.20 17.15
C LEU A 16 5.73 4.11 15.63
N GLN A 17 4.78 4.83 15.04
CA GLN A 17 4.60 4.83 13.59
C GLN A 17 4.59 6.25 13.04
N GLY A 18 3.66 7.06 13.53
CA GLY A 18 3.54 8.43 13.08
C GLY A 18 2.66 8.57 11.85
N GLY A 19 3.05 7.90 10.77
CA GLY A 19 2.28 7.97 9.55
C GLY A 19 0.97 7.19 9.64
N ASP A 20 0.19 7.23 8.56
CA ASP A 20 -1.08 6.53 8.51
C ASP A 20 -0.89 5.07 8.07
N GLU A 21 -1.89 4.24 8.34
CA GLU A 21 -1.83 2.84 7.98
C GLU A 21 -3.18 2.35 7.45
N LYS A 22 -3.19 1.85 6.23
CA LYS A 22 -4.41 1.35 5.61
C LYS A 22 -4.46 -0.17 5.66
N LYS A 23 -5.67 -0.71 5.73
CA LYS A 23 -5.87 -2.16 5.79
C LYS A 23 -6.91 -2.61 4.77
N VAL A 24 -6.68 -3.76 4.16
CA VAL A 24 -7.60 -4.30 3.17
C VAL A 24 -7.75 -5.82 3.31
N ASN A 25 -8.87 -6.26 3.86
CA ASN A 25 -9.12 -7.68 4.05
C ASN A 25 -9.78 -8.29 2.82
N LEU A 26 -9.34 -9.48 2.44
CA LEU A 26 -9.90 -10.17 1.28
C LEU A 26 -10.24 -11.62 1.63
N VAL A 27 -11.46 -12.03 1.28
CA VAL A 27 -11.90 -13.39 1.55
C VAL A 27 -11.87 -14.25 0.29
N LEU A 28 -10.91 -15.17 0.24
CA LEU A 28 -10.77 -16.05 -0.91
C LEU A 28 -11.66 -17.28 -0.78
N GLY A 29 -11.73 -18.09 -1.84
CA GLY A 29 -12.54 -19.28 -1.82
C GLY A 29 -11.72 -20.54 -1.61
N ASP A 30 -10.71 -20.45 -0.75
CA ASP A 30 -9.84 -21.59 -0.47
C ASP A 30 -9.16 -22.08 -1.73
N GLY A 31 -9.01 -21.18 -2.71
CA GLY A 31 -8.36 -21.55 -3.96
C GLY A 31 -8.35 -20.41 -4.96
N ARG A 32 -8.18 -19.19 -4.45
CA ARG A 32 -8.13 -18.01 -5.31
C ARG A 32 -6.80 -17.30 -5.19
N SER A 33 -6.66 -16.18 -5.90
CA SER A 33 -5.43 -15.41 -5.89
C SER A 33 -5.72 -13.91 -5.86
N LEU A 34 -4.76 -13.13 -5.39
CA LEU A 34 -4.92 -11.67 -5.31
C LEU A 34 -4.62 -11.03 -6.66
N GLY A 35 -3.63 -11.59 -7.37
CA GLY A 35 -3.26 -11.05 -8.66
C GLY A 35 -2.62 -9.69 -8.56
N LEU A 36 -1.63 -9.56 -7.68
CA LEU A 36 -0.93 -8.30 -7.48
C LEU A 36 0.55 -8.44 -7.83
N THR A 37 1.02 -7.58 -8.74
CA THR A 37 2.41 -7.60 -9.15
C THR A 37 3.29 -6.85 -8.17
N ILE A 38 3.84 -7.57 -7.19
CA ILE A 38 4.70 -6.97 -6.19
C ILE A 38 6.17 -7.05 -6.59
N ARG A 39 6.96 -6.11 -6.11
CA ARG A 39 8.39 -6.07 -6.43
C ARG A 39 9.20 -5.63 -5.21
N GLY A 40 10.37 -6.25 -5.03
CA GLY A 40 11.21 -5.92 -3.91
C GLY A 40 11.04 -6.88 -2.75
N GLY A 41 12.12 -7.12 -2.01
CA GLY A 41 12.07 -8.02 -0.88
C GLY A 41 13.40 -8.13 -0.15
N ALA A 42 13.50 -9.10 0.75
CA ALA A 42 14.73 -9.31 1.51
C ALA A 42 15.86 -9.74 0.60
N GLU A 43 15.55 -10.60 -0.37
CA GLU A 43 16.55 -11.09 -1.31
C GLU A 43 17.14 -9.95 -2.14
N TYR A 44 16.27 -9.02 -2.53
CA TYR A 44 16.70 -7.87 -3.33
C TYR A 44 17.03 -6.67 -2.44
N GLY A 45 16.98 -6.86 -1.13
CA GLY A 45 17.27 -5.78 -0.21
C GLY A 45 16.39 -4.57 -0.43
N LEU A 46 15.10 -4.82 -0.62
CA LEU A 46 14.14 -3.73 -0.84
C LEU A 46 12.78 -4.07 -0.21
N GLY A 47 12.00 -3.03 0.07
CA GLY A 47 10.69 -3.24 0.67
C GLY A 47 9.71 -3.86 -0.30
N ILE A 48 8.48 -4.06 0.16
CA ILE A 48 7.43 -4.65 -0.67
C ILE A 48 6.56 -3.57 -1.30
N TYR A 49 6.55 -3.53 -2.64
CA TYR A 49 5.75 -2.55 -3.36
C TYR A 49 4.84 -3.23 -4.37
N ILE A 50 4.14 -2.43 -5.17
CA ILE A 50 3.23 -2.96 -6.18
C ILE A 50 3.41 -2.23 -7.51
N THR A 51 3.36 -2.98 -8.60
CA THR A 51 3.50 -2.41 -9.94
C THR A 51 2.62 -3.14 -10.95
N GLY A 52 1.49 -3.65 -10.46
CA GLY A 52 0.58 -4.36 -11.34
C GLY A 52 -0.66 -4.85 -10.62
N VAL A 53 -1.77 -4.97 -11.34
CA VAL A 53 -3.02 -5.43 -10.76
C VAL A 53 -3.84 -6.22 -11.77
N ASP A 54 -4.13 -7.47 -11.43
CA ASP A 54 -4.90 -8.34 -12.31
C ASP A 54 -6.28 -7.75 -12.58
N PRO A 55 -6.54 -7.30 -13.82
CA PRO A 55 -7.83 -6.71 -14.19
C PRO A 55 -9.00 -7.65 -13.91
N GLY A 56 -9.68 -7.43 -12.79
CA GLY A 56 -10.79 -8.27 -12.43
C GLY A 56 -10.46 -9.26 -11.32
N SER A 57 -9.54 -8.87 -10.45
CA SER A 57 -9.13 -9.71 -9.34
C SER A 57 -9.80 -9.28 -8.04
N GLU A 58 -9.52 -10.01 -6.96
CA GLU A 58 -10.10 -9.70 -5.66
C GLU A 58 -9.49 -8.43 -5.08
N ALA A 59 -8.22 -8.19 -5.40
CA ALA A 59 -7.52 -7.00 -4.91
C ALA A 59 -7.97 -5.75 -5.67
N GLU A 60 -8.11 -5.88 -6.99
CA GLU A 60 -8.52 -4.76 -7.83
C GLU A 60 -9.96 -4.36 -7.52
N GLY A 61 -10.79 -5.35 -7.20
CA GLY A 61 -12.18 -5.07 -6.88
C GLY A 61 -12.34 -4.34 -5.57
N SER A 62 -11.43 -4.59 -4.64
CA SER A 62 -11.47 -3.94 -3.33
C SER A 62 -11.21 -2.45 -3.45
N GLY A 63 -10.05 -2.10 -4.02
CA GLY A 63 -9.71 -0.70 -4.18
C GLY A 63 -8.21 -0.46 -4.06
N LEU A 64 -7.43 -1.26 -4.78
CA LEU A 64 -5.97 -1.13 -4.75
C LEU A 64 -5.47 -0.48 -6.02
N LYS A 65 -4.18 -0.12 -6.03
CA LYS A 65 -3.57 0.51 -7.19
C LYS A 65 -2.06 0.28 -7.20
N VAL A 66 -1.40 0.79 -8.24
CA VAL A 66 0.05 0.64 -8.37
C VAL A 66 0.79 1.70 -7.57
N GLY A 67 1.93 1.33 -7.00
CA GLY A 67 2.71 2.26 -6.22
C GLY A 67 2.58 2.03 -4.73
N ASP A 68 1.49 1.40 -4.32
CA ASP A 68 1.24 1.12 -2.91
C ASP A 68 2.38 0.30 -2.31
N GLN A 69 2.54 0.39 -0.99
CA GLN A 69 3.59 -0.35 -0.29
C GLN A 69 3.00 -1.26 0.77
N ILE A 70 3.18 -2.57 0.60
CA ILE A 70 2.68 -3.54 1.55
C ILE A 70 3.49 -3.55 2.83
N LEU A 71 2.83 -3.28 3.95
CA LEU A 71 3.49 -3.24 5.25
C LEU A 71 3.48 -4.62 5.90
N GLU A 72 2.29 -5.10 6.24
CA GLU A 72 2.15 -6.41 6.87
C GLU A 72 0.93 -7.15 6.33
N VAL A 73 0.98 -8.47 6.39
CA VAL A 73 -0.12 -9.30 5.89
C VAL A 73 -0.46 -10.41 6.88
N ASN A 74 -1.72 -10.48 7.28
CA ASN A 74 -2.18 -11.49 8.23
C ASN A 74 -1.44 -11.36 9.55
N GLY A 75 -1.06 -10.14 9.89
CA GLY A 75 -0.34 -9.91 11.14
C GLY A 75 1.12 -10.28 11.05
N ARG A 76 1.68 -10.19 9.84
CA ARG A 76 3.08 -10.52 9.62
C ARG A 76 3.83 -9.33 9.01
N SER A 77 4.94 -8.97 9.62
CA SER A 77 5.75 -7.85 9.14
C SER A 77 6.38 -8.18 7.78
N PHE A 78 5.91 -7.51 6.74
CA PHE A 78 6.42 -7.73 5.39
C PHE A 78 7.50 -6.71 5.05
N LEU A 79 8.63 -6.80 5.73
CA LEU A 79 9.75 -5.88 5.50
C LEU A 79 11.00 -6.64 5.07
N ASN A 80 11.26 -7.77 5.72
CA ASN A 80 12.41 -8.58 5.40
C ASN A 80 12.00 -9.95 4.87
N ILE A 81 10.93 -9.96 4.08
CA ILE A 81 10.43 -11.20 3.50
C ILE A 81 10.95 -11.40 2.09
N LEU A 82 11.23 -12.66 1.74
CA LEU A 82 11.74 -12.99 0.41
C LEU A 82 10.72 -12.65 -0.67
N HIS A 83 11.20 -12.49 -1.90
CA HIS A 83 10.31 -12.18 -3.03
C HIS A 83 9.34 -13.32 -3.30
N ASP A 84 9.87 -14.54 -3.32
CA ASP A 84 9.05 -15.72 -3.57
C ASP A 84 8.10 -15.98 -2.41
N GLU A 85 8.60 -15.78 -1.19
CA GLU A 85 7.80 -15.99 0.01
C GLU A 85 6.56 -15.09 0.01
N ALA A 86 6.74 -13.87 -0.46
CA ALA A 86 5.63 -12.91 -0.51
C ALA A 86 4.55 -13.38 -1.48
N VAL A 87 4.96 -14.02 -2.57
CA VAL A 87 4.03 -14.52 -3.57
C VAL A 87 3.37 -15.80 -3.11
N ARG A 88 4.16 -16.69 -2.52
CA ARG A 88 3.65 -17.97 -2.03
C ARG A 88 2.74 -17.76 -0.83
N LEU A 89 3.17 -16.90 0.09
CA LEU A 89 2.39 -16.62 1.30
C LEU A 89 1.08 -15.94 0.95
N LEU A 90 1.12 -15.05 -0.06
CA LEU A 90 -0.06 -14.33 -0.49
C LEU A 90 -1.00 -15.23 -1.27
N LYS A 91 -0.42 -16.18 -2.01
CA LYS A 91 -1.21 -17.12 -2.81
C LYS A 91 -1.17 -18.51 -2.19
N SER A 92 -1.78 -18.65 -1.02
CA SER A 92 -1.80 -19.94 -0.34
C SER A 92 -2.92 -19.97 0.70
N SER A 93 -3.01 -18.91 1.50
CA SER A 93 -4.04 -18.82 2.54
C SER A 93 -5.34 -18.28 1.96
N ARG A 94 -6.32 -18.06 2.84
CA ARG A 94 -7.62 -17.54 2.41
C ARG A 94 -7.76 -16.07 2.80
N HIS A 95 -7.99 -15.82 4.08
CA HIS A 95 -8.14 -14.45 4.57
C HIS A 95 -6.81 -13.70 4.54
N LEU A 96 -6.70 -12.75 3.62
CA LEU A 96 -5.49 -11.96 3.48
C LEU A 96 -5.75 -10.49 3.81
N ILE A 97 -5.25 -10.05 4.95
CA ILE A 97 -5.42 -8.67 5.38
C ILE A 97 -4.20 -7.84 5.08
N LEU A 98 -4.10 -7.35 3.84
CA LEU A 98 -2.96 -6.55 3.42
C LEU A 98 -3.02 -5.16 4.04
N THR A 99 -1.86 -4.65 4.44
CA THR A 99 -1.77 -3.33 5.05
C THR A 99 -0.87 -2.41 4.24
N VAL A 100 -1.47 -1.60 3.38
CA VAL A 100 -0.71 -0.68 2.54
C VAL A 100 -0.81 0.75 3.07
N LYS A 101 -0.01 1.64 2.50
CA LYS A 101 0.00 3.04 2.91
C LYS A 101 0.05 3.96 1.70
N ASP A 102 -0.19 5.26 1.94
CA ASP A 102 -0.17 6.24 0.87
C ASP A 102 1.23 6.39 0.28
N VAL A 103 1.50 5.65 -0.80
CA VAL A 103 2.80 5.70 -1.44
C VAL A 103 2.66 6.18 -2.89
N GLY A 104 1.62 5.72 -3.57
CA GLY A 104 1.40 6.13 -4.95
C GLY A 104 0.40 7.26 -5.08
N ARG A 105 -0.35 7.52 -4.02
CA ARG A 105 -1.33 8.60 -4.02
C ARG A 105 -0.71 9.93 -4.39
N LEU A 106 -0.99 10.40 -5.61
CA LEU A 106 -0.46 11.67 -6.08
C LEU A 106 -1.22 12.16 -7.31
N PRO A 107 -1.67 13.43 -7.31
CA PRO A 107 -2.42 14.00 -8.42
C PRO A 107 -1.54 14.30 -9.63
N HIS A 108 -2.08 15.02 -10.60
CA HIS A 108 -1.35 15.37 -11.81
C HIS A 108 -1.51 16.85 -12.14
N ALA A 109 -0.80 17.30 -13.16
CA ALA A 109 -0.87 18.70 -13.58
C ALA A 109 -1.56 18.83 -14.94
N ARG A 110 -1.84 20.07 -15.33
CA ARG A 110 -2.50 20.34 -16.60
C ARG A 110 -1.57 21.07 -17.56
N THR A 111 -0.83 20.32 -18.37
CA THR A 111 0.09 20.91 -19.32
C THR A 111 0.03 20.18 -20.67
N THR A 112 0.45 20.86 -21.72
CA THR A 112 0.43 20.28 -23.06
C THR A 112 1.83 20.30 -23.68
N VAL A 113 2.37 21.50 -23.87
CA VAL A 113 3.70 21.66 -24.46
C VAL A 113 4.78 21.29 -23.45
N ASP A 114 5.87 20.72 -23.96
CA ASP A 114 6.99 20.32 -23.10
C ASP A 114 8.31 20.41 -23.85
N GLU A 115 8.33 19.87 -25.06
CA GLU A 115 9.53 19.87 -25.89
C GLU A 115 9.45 20.96 -26.95
N THR A 116 9.31 22.21 -26.52
CA THR A 116 9.22 23.34 -27.44
C THR A 116 10.61 23.87 -27.79
N LYS A 117 11.54 23.75 -26.84
CA LYS A 117 12.91 24.22 -27.06
C LYS A 117 13.54 23.52 -28.26
N TRP A 118 13.80 24.29 -29.32
CA TRP A 118 14.40 23.74 -30.52
C TRP A 118 14.93 24.86 -31.41
N ILE A 119 14.14 25.91 -31.57
CA ILE A 119 14.54 27.05 -32.40
C ILE A 119 14.64 28.32 -31.57
N ALA A 120 15.84 28.61 -31.09
CA ALA A 120 16.07 29.80 -30.27
C ALA A 120 16.22 31.04 -31.15
N SER A 121 15.10 31.69 -31.44
CA SER A 121 15.10 32.89 -32.27
C SER A 121 15.79 34.04 -31.55
N SER A 122 15.23 34.43 -30.41
CA SER A 122 15.79 35.52 -29.61
C SER A 122 16.52 34.99 -28.38
N SER A 123 17.57 35.69 -27.98
CA SER A 123 18.34 35.29 -26.80
C SER A 123 18.99 36.50 -26.14
N GLY A 124 18.47 36.88 -24.97
CA GLY A 124 19.01 38.01 -24.26
C GLY A 124 18.19 38.37 -23.03
N PRO A 125 17.02 39.00 -23.22
CA PRO A 125 16.15 39.38 -22.10
C PRO A 125 15.50 38.18 -21.42
N SER A 126 15.63 37.00 -22.03
CA SER A 126 15.07 35.79 -21.46
C SER A 126 15.58 35.53 -20.06
N SER A 127 16.81 35.96 -19.80
CA SER A 127 17.43 35.78 -18.49
C SER A 127 17.18 36.99 -17.61
N GLY A 128 17.61 38.16 -18.08
CA GLY A 128 17.43 39.38 -17.32
C GLY A 128 18.28 39.42 -16.06
#